data_3FHA
#
_entry.id   3FHA
#
_cell.length_a   79.892
_cell.length_b   78.972
_cell.length_c   117.267
_cell.angle_alpha   84.23
_cell.angle_beta   80.77
_cell.angle_gamma   64.01
#
_symmetry.space_group_name_H-M   'P 1'
#
loop_
_entity.id
_entity.type
_entity.pdbx_description
1 polymer Endo-beta-N-acetylglucosaminidase
2 non-polymer 'CALCIUM ION'
3 non-polymer 'PHOSPHATE ION'
4 non-polymer GLYCEROL
5 non-polymer 'MAGNESIUM ION'
6 water water
#
_entity_poly.entity_id   1
_entity_poly.type   'polypeptide(L)'
_entity_poly.pdbx_seq_one_letter_code
;STYNGPLSSHWFPEELAQWEPDSDPDAPFNRSHVPLEPGRVANRVNANADKDAHLVSLSALNRHTSGVPSQGAPVFYENT
FSYWHYTDLMVYWAGSAGEGIIVPPSADVIDASHRNGVPILGNVFFPPTVYGGQLEWLEQMLEQEEDGSFPLADKLLEVA
DYYGFDGWFINQETEGADEGTAEAMQAFLVYLQEQKPEGMHIMWYDSMIDTGAIAWQNHLTDRNKMYLQNGSTRVADSMF
LNFWWRDQRQSNELAQALGRSPYDLYAGVDVEARGTSTPVQWEGLFPEGEKAHTSLGLYRPDWAFQSSETMEAFYEKELQ
FWVGSTGNPAETDGQSNWPGMAHWFPAKSTATSVPFVTHFNTGSGAQFSAEGKTVSEQEWNNRSLQDVLPTWRWIQHGGD
LEATFSWEEAFEGGSSLQWHGSLAEGEHAQIELYQTELPISEGTSLTWTFKSEHDNDLNVGFRLDGEEDFRYVEGEQRES
INGWTQWTLPLDAFAGQTITGLAFAAEGNETGLAEFYTGQLAVGADSEKPAAPNVNVRQYDPDPSGIQLVWEKQSNVHHY
RVYKETKHGKELIGTSAGDRIYIEGLVEESKQNDVRLHIEALSETFVPSDARMIDIKSGSF
;
_entity_poly.pdbx_strand_id   A,B,C,D
#
loop_
_chem_comp.id
_chem_comp.type
_chem_comp.name
_chem_comp.formula
CA non-polymer 'CALCIUM ION' 'Ca 2'
GOL non-polymer GLYCEROL 'C3 H8 O3'
MG non-polymer 'MAGNESIUM ION' 'Mg 2'
PO4 non-polymer 'PHOSPHATE ION' 'O4 P -3'
#
# COMPACT_ATOMS: atom_id res chain seq x y z
N THR A 2 8.23 -54.03 -7.86
CA THR A 2 9.37 -54.82 -8.41
C THR A 2 10.67 -54.62 -7.63
N TYR A 3 10.72 -53.57 -6.81
CA TYR A 3 11.91 -53.25 -6.02
C TYR A 3 12.09 -54.25 -4.88
N ASN A 4 13.25 -54.89 -4.87
CA ASN A 4 13.57 -55.91 -3.87
C ASN A 4 14.78 -55.55 -3.01
N GLY A 5 15.09 -54.27 -2.95
CA GLY A 5 16.25 -53.81 -2.19
C GLY A 5 15.91 -53.31 -0.80
N PRO A 6 16.88 -52.66 -0.14
CA PRO A 6 16.75 -52.14 1.22
C PRO A 6 15.69 -51.07 1.32
N LEU A 7 14.97 -51.09 2.44
CA LEU A 7 13.90 -50.15 2.67
C LEU A 7 14.15 -49.38 3.96
N SER A 8 13.66 -48.15 3.99
CA SER A 8 13.69 -47.34 5.19
C SER A 8 12.87 -48.05 6.28
N SER A 9 13.36 -48.05 7.49
CA SER A 9 12.78 -48.79 8.63
C SER A 9 11.44 -48.24 9.15
N HIS A 10 10.65 -49.07 9.77
CA HIS A 10 9.50 -48.69 10.50
C HIS A 10 9.12 -49.83 11.42
N TRP A 11 8.59 -49.53 12.58
CA TRP A 11 8.34 -50.56 13.57
C TRP A 11 7.03 -50.38 14.35
N PHE A 12 6.47 -51.49 14.78
CA PHE A 12 5.53 -51.50 15.88
C PHE A 12 6.37 -51.75 17.14
N PRO A 13 5.87 -51.38 18.33
CA PRO A 13 6.70 -51.47 19.53
C PRO A 13 7.42 -52.81 19.75
N GLU A 14 6.76 -53.94 19.50
CA GLU A 14 7.40 -55.25 19.75
C GLU A 14 8.42 -55.67 18.69
N GLU A 15 8.31 -55.10 17.49
CA GLU A 15 9.35 -55.25 16.46
C GLU A 15 10.57 -54.45 16.85
N LEU A 16 10.38 -53.21 17.28
CA LEU A 16 11.48 -52.36 17.72
C LEU A 16 12.24 -53.01 18.88
N ALA A 17 11.50 -53.54 19.85
CA ALA A 17 12.06 -54.17 21.04
C ALA A 17 13.16 -55.19 20.75
N GLN A 18 12.98 -55.96 19.68
CA GLN A 18 14.00 -56.94 19.28
C GLN A 18 14.84 -56.54 18.05
N TRP A 19 14.82 -55.27 17.69
CA TRP A 19 15.62 -54.79 16.59
C TRP A 19 17.09 -54.67 16.99
N GLU A 20 17.96 -55.23 16.16
CA GLU A 20 19.39 -55.06 16.30
C GLU A 20 20.05 -54.72 14.94
N PRO A 21 20.73 -53.59 14.94
CA PRO A 21 21.41 -53.06 13.76
C PRO A 21 22.26 -54.08 13.01
N ASP A 22 23.07 -54.83 13.75
CA ASP A 22 23.99 -55.82 13.17
C ASP A 22 23.30 -57.00 12.48
N SER A 23 22.04 -57.26 12.83
CA SER A 23 21.27 -58.36 12.24
C SER A 23 20.38 -57.88 11.09
N ASP A 24 20.01 -56.62 11.13
CA ASP A 24 19.14 -56.01 10.11
C ASP A 24 19.93 -55.75 8.82
N PRO A 25 19.58 -56.47 7.74
CA PRO A 25 20.29 -56.33 6.46
C PRO A 25 20.11 -54.94 5.84
N ASP A 26 19.03 -54.26 6.21
CA ASP A 26 18.72 -52.94 5.69
C ASP A 26 19.33 -51.79 6.49
N ALA A 27 19.64 -52.04 7.76
CA ALA A 27 20.16 -51.02 8.69
C ALA A 27 21.34 -50.19 8.17
N PRO A 28 22.37 -50.85 7.57
CA PRO A 28 23.52 -50.07 7.07
C PRO A 28 23.17 -49.13 5.92
N PHE A 29 22.14 -49.47 5.14
CA PHE A 29 21.65 -48.60 4.07
C PHE A 29 20.88 -47.38 4.59
N ASN A 30 20.39 -47.49 5.84
CA ASN A 30 19.56 -46.44 6.42
C ASN A 30 20.34 -45.44 7.29
N ARG A 31 21.65 -45.63 7.36
CA ARG A 31 22.50 -44.71 8.11
C ARG A 31 22.80 -43.47 7.30
N SER A 32 22.57 -42.31 7.90
CA SER A 32 23.02 -41.06 7.32
C SER A 32 24.52 -40.87 7.55
N HIS A 33 25.22 -40.46 6.50
CA HIS A 33 26.65 -40.21 6.59
C HIS A 33 26.97 -38.73 6.39
N VAL A 34 25.94 -37.90 6.55
CA VAL A 34 26.07 -36.44 6.45
C VAL A 34 25.71 -35.80 7.79
N PRO A 35 26.73 -35.40 8.57
CA PRO A 35 26.52 -34.81 9.90
C PRO A 35 25.77 -33.49 9.82
N LEU A 36 25.05 -33.17 10.90
CA LEU A 36 24.33 -31.90 11.00
C LEU A 36 25.32 -30.75 10.93
N GLU A 37 25.11 -29.85 9.96
CA GLU A 37 25.95 -28.67 9.82
C GLU A 37 25.66 -27.67 10.92
N PRO A 38 26.69 -27.34 11.72
CA PRO A 38 26.55 -26.34 12.78
C PRO A 38 26.68 -24.91 12.27
N GLY A 39 26.14 -23.96 13.04
CA GLY A 39 26.36 -22.53 12.79
C GLY A 39 25.89 -21.85 11.52
N ARG A 40 24.59 -21.91 11.28
CA ARG A 40 24.00 -21.26 10.11
C ARG A 40 24.07 -19.76 10.25
N VAL A 41 24.11 -19.04 9.13
CA VAL A 41 24.11 -17.58 9.16
C VAL A 41 22.79 -17.07 8.59
N ALA A 42 22.24 -16.03 9.21
CA ALA A 42 20.94 -15.50 8.83
C ALA A 42 21.07 -14.26 7.96
N ASN A 43 20.07 -14.04 7.10
CA ASN A 43 20.05 -12.87 6.25
C ASN A 43 19.30 -11.74 6.93
N ARG A 44 19.16 -10.62 6.23
CA ARG A 44 18.48 -9.47 6.78
C ARG A 44 17.66 -8.73 5.72
N VAL A 45 17.32 -9.42 4.62
CA VAL A 45 16.61 -8.79 3.50
C VAL A 45 15.20 -8.30 3.82
N ASN A 46 14.51 -9.00 4.72
CA ASN A 46 13.15 -8.64 5.10
C ASN A 46 13.12 -7.85 6.40
N ALA A 47 12.63 -6.62 6.32
CA ALA A 47 12.60 -5.69 7.47
C ALA A 47 11.70 -6.16 8.60
N ASN A 48 10.61 -6.85 8.25
CA ASN A 48 9.64 -7.34 9.22
C ASN A 48 10.10 -8.56 10.01
N ALA A 49 10.95 -9.38 9.41
CA ALA A 49 11.40 -10.65 10.00
C ALA A 49 12.04 -10.48 11.37
N ASP A 50 11.67 -11.36 12.31
CA ASP A 50 12.20 -11.32 13.68
C ASP A 50 13.07 -12.54 13.98
N LYS A 51 13.93 -12.42 14.99
CA LYS A 51 14.89 -13.47 15.33
C LYS A 51 14.48 -14.34 16.55
N ASP A 52 13.30 -14.06 17.11
CA ASP A 52 12.83 -14.76 18.31
C ASP A 52 12.14 -16.09 17.99
N ALA A 53 11.13 -16.04 17.13
CA ALA A 53 10.30 -17.20 16.81
C ALA A 53 11.05 -18.23 15.95
N HIS A 54 10.79 -19.50 16.22
CA HIS A 54 11.33 -20.58 15.42
C HIS A 54 10.22 -21.20 14.57
N LEU A 55 10.62 -21.96 13.57
CA LEU A 55 9.67 -22.66 12.71
C LEU A 55 9.95 -24.16 12.68
N VAL A 56 8.93 -24.94 13.02
CA VAL A 56 8.94 -26.40 12.86
C VAL A 56 8.07 -26.79 11.66
N SER A 57 8.60 -27.67 10.82
CA SER A 57 7.83 -28.23 9.70
C SER A 57 7.53 -29.71 9.91
N LEU A 58 6.24 -30.06 9.82
CA LEU A 58 5.80 -31.46 9.87
C LEU A 58 5.48 -31.87 8.45
N SER A 59 6.46 -32.46 7.78
CA SER A 59 6.36 -32.76 6.36
C SER A 59 6.39 -34.26 6.05
N ALA A 60 5.45 -34.69 5.23
CA ALA A 60 5.45 -36.04 4.68
C ALA A 60 6.44 -36.09 3.53
N LEU A 61 7.73 -36.11 3.88
CA LEU A 61 8.80 -36.06 2.89
C LEU A 61 8.79 -37.32 2.01
N ASN A 62 8.26 -38.40 2.56
CA ASN A 62 7.83 -39.55 1.78
C ASN A 62 6.34 -39.76 1.99
N ARG A 63 5.60 -39.93 0.90
CA ARG A 63 4.14 -40.05 0.95
C ARG A 63 3.65 -41.22 1.81
N HIS A 64 4.34 -42.36 1.70
CA HIS A 64 4.01 -43.55 2.46
C HIS A 64 5.10 -43.91 3.48
N THR A 65 4.69 -44.53 4.57
CA THR A 65 5.62 -45.02 5.59
C THR A 65 6.43 -46.21 5.06
N SER A 66 5.73 -47.18 4.49
CA SER A 66 6.36 -48.41 3.98
C SER A 66 6.77 -48.27 2.52
N GLY A 67 7.64 -49.17 2.08
CA GLY A 67 8.04 -49.25 0.66
C GLY A 67 8.95 -48.14 0.18
N VAL A 68 9.58 -47.44 1.11
CA VAL A 68 10.49 -46.34 0.79
C VAL A 68 11.93 -46.84 0.63
N PRO A 69 12.45 -46.88 -0.62
CA PRO A 69 13.83 -47.34 -0.83
C PRO A 69 14.82 -46.55 0.02
N SER A 70 15.82 -47.23 0.57
CA SER A 70 16.75 -46.62 1.51
C SER A 70 17.48 -45.37 1.01
N GLN A 71 17.92 -45.40 -0.26
CA GLN A 71 18.86 -44.41 -0.80
C GLN A 71 18.42 -43.76 -2.13
N GLY A 72 17.13 -43.54 -2.32
CA GLY A 72 16.62 -42.97 -3.56
C GLY A 72 15.99 -44.00 -4.50
N ALA A 73 15.43 -43.51 -5.60
CA ALA A 73 14.67 -44.35 -6.52
C ALA A 73 14.67 -43.74 -7.93
N PRO A 74 14.39 -44.56 -8.96
CA PRO A 74 14.30 -44.06 -10.33
C PRO A 74 12.98 -43.33 -10.61
N VAL A 75 12.69 -42.30 -9.82
CA VAL A 75 11.46 -41.54 -9.93
C VAL A 75 11.77 -40.05 -9.83
N PHE A 76 11.41 -39.30 -10.88
CA PHE A 76 11.64 -37.87 -10.94
C PHE A 76 10.75 -37.10 -9.96
N TYR A 77 9.44 -37.39 -9.99
CA TYR A 77 8.50 -36.69 -9.13
C TYR A 77 8.53 -37.25 -7.70
N GLU A 78 9.37 -36.63 -6.88
CA GLU A 78 9.53 -37.00 -5.48
C GLU A 78 9.60 -35.69 -4.67
N ASN A 79 9.26 -35.76 -3.39
CA ASN A 79 9.18 -34.56 -2.54
C ASN A 79 10.57 -33.98 -2.21
N THR A 80 11.06 -33.14 -3.12
CA THR A 80 12.39 -32.55 -3.01
C THR A 80 12.35 -31.15 -2.37
N PHE A 81 11.71 -31.08 -1.21
CA PHE A 81 11.63 -29.87 -0.42
C PHE A 81 12.94 -29.06 -0.43
N SER A 82 12.84 -27.76 -0.70
CA SER A 82 14.04 -26.94 -0.85
C SER A 82 14.04 -25.66 -0.02
N TYR A 83 13.07 -25.51 0.87
CA TYR A 83 13.02 -24.34 1.73
C TYR A 83 13.52 -24.60 3.16
N TRP A 84 14.55 -25.44 3.24
CA TRP A 84 15.27 -25.69 4.50
C TRP A 84 15.71 -24.39 5.18
N HIS A 85 15.94 -23.36 4.37
CA HIS A 85 16.41 -22.07 4.87
C HIS A 85 15.43 -21.29 5.76
N TYR A 86 14.15 -21.59 5.67
CA TYR A 86 13.14 -20.99 6.58
C TYR A 86 12.71 -21.94 7.71
N THR A 87 13.36 -23.11 7.78
CA THR A 87 13.03 -24.14 8.75
C THR A 87 14.10 -24.22 9.84
N ASP A 88 13.66 -24.33 11.09
CA ASP A 88 14.57 -24.52 12.23
C ASP A 88 14.63 -25.96 12.68
N LEU A 89 13.55 -26.70 12.43
CA LEU A 89 13.42 -28.08 12.87
C LEU A 89 12.48 -28.80 11.91
N MET A 90 12.89 -29.99 11.47
CA MET A 90 12.07 -30.78 10.57
C MET A 90 11.58 -32.04 11.27
N VAL A 91 10.28 -32.27 11.21
CA VAL A 91 9.68 -33.51 11.68
C VAL A 91 9.28 -34.36 10.47
N TYR A 92 9.84 -35.57 10.40
CA TYR A 92 9.47 -36.54 9.38
C TYR A 92 8.08 -37.08 9.68
N TRP A 93 7.11 -36.69 8.85
CA TRP A 93 5.74 -37.08 9.07
C TRP A 93 5.45 -38.45 8.47
N ALA A 94 5.20 -39.42 9.36
CA ALA A 94 4.96 -40.80 8.95
C ALA A 94 4.33 -41.59 10.09
N GLY A 95 3.98 -42.84 9.81
CA GLY A 95 3.35 -43.71 10.80
C GLY A 95 1.88 -43.95 10.53
N SER A 96 1.46 -45.20 10.72
CA SER A 96 0.06 -45.61 10.62
C SER A 96 -0.13 -46.95 11.33
N ALA A 97 -1.37 -47.22 11.75
CA ALA A 97 -1.70 -48.48 12.42
C ALA A 97 -1.45 -49.69 11.50
N GLY A 98 -1.52 -49.47 10.20
CA GLY A 98 -1.29 -50.53 9.23
C GLY A 98 0.17 -50.83 8.93
N GLU A 99 1.03 -49.82 9.04
CA GLU A 99 2.43 -49.94 8.59
C GLU A 99 3.47 -49.98 9.71
N GLY A 100 3.23 -49.21 10.76
CA GLY A 100 4.21 -49.05 11.83
C GLY A 100 4.04 -47.67 12.42
N ILE A 101 4.26 -47.57 13.73
CA ILE A 101 3.99 -46.32 14.46
C ILE A 101 5.28 -45.63 14.93
N ILE A 102 6.40 -46.33 14.79
CA ILE A 102 7.72 -45.76 15.10
C ILE A 102 8.47 -45.69 13.79
N VAL A 103 8.76 -44.48 13.33
CA VAL A 103 9.37 -44.34 12.01
C VAL A 103 10.44 -43.24 11.94
N PRO A 104 11.69 -43.65 11.74
CA PRO A 104 12.79 -42.71 11.56
C PRO A 104 12.73 -42.06 10.17
N PRO A 105 13.38 -40.89 9.98
CA PRO A 105 13.48 -40.35 8.63
C PRO A 105 14.39 -41.22 7.77
N SER A 106 14.14 -41.26 6.46
CA SER A 106 15.01 -42.02 5.56
C SER A 106 16.34 -41.28 5.37
N ALA A 107 17.41 -42.04 5.12
CA ALA A 107 18.78 -41.49 5.06
C ALA A 107 18.99 -40.34 4.05
N ASP A 108 18.32 -40.43 2.89
CA ASP A 108 18.40 -39.39 1.86
C ASP A 108 17.88 -38.04 2.37
N VAL A 109 16.82 -38.12 3.16
CA VAL A 109 16.14 -36.96 3.73
C VAL A 109 16.87 -36.39 4.95
N ILE A 110 17.52 -37.27 5.72
CA ILE A 110 18.40 -36.85 6.81
C ILE A 110 19.61 -36.08 6.27
N ASP A 111 20.19 -36.59 5.19
CA ASP A 111 21.32 -35.96 4.51
C ASP A 111 20.98 -34.55 4.06
N ALA A 112 19.87 -34.42 3.31
CA ALA A 112 19.43 -33.11 2.80
C ALA A 112 19.18 -32.13 3.94
N SER A 113 18.51 -32.60 4.99
CA SER A 113 18.22 -31.77 6.15
C SER A 113 19.53 -31.31 6.80
N HIS A 114 20.43 -32.26 7.04
CA HIS A 114 21.71 -31.99 7.69
C HIS A 114 22.64 -31.05 6.91
N ARG A 115 22.67 -31.18 5.59
CA ARG A 115 23.43 -30.27 4.71
C ARG A 115 23.04 -28.82 4.95
N ASN A 116 21.77 -28.61 5.29
CA ASN A 116 21.23 -27.28 5.49
C ASN A 116 21.20 -26.86 6.96
N GLY A 117 21.82 -27.65 7.83
CA GLY A 117 21.90 -27.34 9.27
C GLY A 117 20.60 -27.50 10.04
N VAL A 118 19.66 -28.27 9.50
CA VAL A 118 18.34 -28.46 10.10
C VAL A 118 18.26 -29.83 10.80
N PRO A 119 18.07 -29.82 12.15
CA PRO A 119 17.83 -31.07 12.88
C PRO A 119 16.55 -31.73 12.40
N ILE A 120 16.59 -33.05 12.27
CA ILE A 120 15.44 -33.78 11.78
C ILE A 120 15.01 -34.86 12.77
N LEU A 121 13.71 -34.93 13.03
CA LEU A 121 13.18 -35.83 14.05
C LEU A 121 12.38 -36.96 13.42
N GLY A 122 12.49 -38.14 14.03
CA GLY A 122 11.64 -39.27 13.68
C GLY A 122 10.25 -39.08 14.27
N ASN A 123 9.35 -39.99 13.93
CA ASN A 123 7.97 -39.92 14.38
C ASN A 123 7.57 -41.13 15.23
N VAL A 124 6.96 -40.86 16.38
CA VAL A 124 6.30 -41.90 17.17
C VAL A 124 4.82 -41.50 17.20
N PHE A 125 3.98 -42.34 16.59
CA PHE A 125 2.59 -41.98 16.36
C PHE A 125 1.65 -43.03 16.95
N PHE A 126 0.96 -42.67 18.02
CA PHE A 126 -0.08 -43.52 18.61
C PHE A 126 -1.44 -43.12 18.01
N PRO A 127 -1.93 -43.89 17.01
CA PRO A 127 -3.06 -43.44 16.20
C PRO A 127 -4.41 -43.38 16.92
N PRO A 128 -5.34 -42.54 16.41
CA PRO A 128 -6.71 -42.58 16.92
C PRO A 128 -7.28 -43.96 16.67
N THR A 129 -8.14 -44.43 17.60
CA THR A 129 -8.75 -45.75 17.47
C THR A 129 -9.60 -45.91 16.21
N VAL A 130 -10.09 -44.79 15.68
CA VAL A 130 -10.87 -44.76 14.43
C VAL A 130 -10.01 -45.23 13.26
N TYR A 131 -8.71 -45.01 13.36
CA TYR A 131 -7.76 -45.38 12.32
C TYR A 131 -6.87 -46.54 12.71
N GLY A 132 -7.38 -47.40 13.58
CA GLY A 132 -6.69 -48.65 13.96
C GLY A 132 -5.75 -48.54 15.15
N GLY A 133 -5.82 -47.43 15.87
CA GLY A 133 -4.97 -47.22 17.05
C GLY A 133 -5.27 -48.22 18.16
N GLN A 134 -4.23 -48.65 18.87
CA GLN A 134 -4.36 -49.63 19.94
C GLN A 134 -3.64 -49.15 21.20
N LEU A 135 -4.40 -49.07 22.30
CA LEU A 135 -3.83 -48.72 23.61
C LEU A 135 -2.66 -49.62 23.97
N GLU A 136 -2.75 -50.89 23.59
CA GLU A 136 -1.68 -51.86 23.81
C GLU A 136 -0.32 -51.32 23.37
N TRP A 137 -0.26 -50.71 22.19
CA TRP A 137 1.01 -50.16 21.66
C TRP A 137 1.59 -49.08 22.57
N LEU A 138 0.73 -48.21 23.08
CA LEU A 138 1.14 -47.20 24.04
C LEU A 138 1.69 -47.87 25.30
N GLU A 139 0.93 -48.84 25.82
CA GLU A 139 1.31 -49.58 27.04
C GLU A 139 2.62 -50.35 26.88
N GLN A 140 2.87 -50.87 25.68
CA GLN A 140 4.12 -51.58 25.37
C GLN A 140 5.32 -50.64 25.41
N MET A 141 5.17 -49.47 24.77
CA MET A 141 6.19 -48.42 24.76
C MET A 141 6.49 -47.89 26.16
N LEU A 142 5.46 -47.88 27.02
CA LEU A 142 5.57 -47.31 28.37
C LEU A 142 6.03 -48.30 29.45
N GLU A 143 6.41 -49.51 29.04
CA GLU A 143 6.89 -50.54 29.97
C GLU A 143 8.19 -50.15 30.65
N GLN A 144 8.27 -50.44 31.95
CA GLN A 144 9.34 -49.95 32.80
C GLN A 144 9.94 -51.09 33.63
N GLU A 145 11.27 -51.13 33.68
CA GLU A 145 11.98 -52.13 34.49
C GLU A 145 12.03 -51.67 35.95
N GLU A 146 12.53 -52.53 36.83
CA GLU A 146 12.68 -52.26 38.24
C GLU A 146 13.72 -51.20 38.44
N ASP A 147 14.67 -51.24 37.54
CA ASP A 147 15.51 -50.16 37.12
C ASP A 147 14.89 -48.76 37.15
N GLY A 148 13.64 -48.66 36.77
CA GLY A 148 13.06 -47.40 36.45
C GLY A 148 13.27 -47.02 34.99
N SER A 149 14.14 -47.71 34.29
CA SER A 149 14.36 -47.51 32.87
C SER A 149 13.21 -47.93 31.93
N PHE A 150 13.13 -47.30 30.77
CA PHE A 150 12.16 -47.68 29.75
C PHE A 150 12.91 -48.27 28.56
N PRO A 151 12.88 -49.61 28.40
CA PRO A 151 13.64 -50.30 27.35
C PRO A 151 13.36 -49.82 25.93
N LEU A 152 12.13 -49.40 25.65
CA LEU A 152 11.76 -48.92 24.33
C LEU A 152 12.13 -47.44 24.12
N ALA A 153 12.42 -46.72 25.21
CA ALA A 153 13.00 -45.40 25.11
C ALA A 153 14.47 -45.51 24.74
N ASP A 154 15.17 -46.46 25.36
CA ASP A 154 16.54 -46.81 25.00
C ASP A 154 16.64 -47.15 23.52
N LYS A 155 15.63 -47.87 23.01
CA LYS A 155 15.57 -48.26 21.60
C LYS A 155 15.37 -47.08 20.67
N LEU A 156 14.56 -46.11 21.08
CA LEU A 156 14.40 -44.85 20.35
C LEU A 156 15.73 -44.12 20.24
N LEU A 157 16.46 -44.04 21.34
CA LEU A 157 17.76 -43.37 21.36
C LEU A 157 18.81 -44.10 20.53
N GLU A 158 18.76 -45.44 20.57
CA GLU A 158 19.65 -46.29 19.77
C GLU A 158 19.45 -46.12 18.27
N VAL A 159 18.20 -46.04 17.84
CA VAL A 159 17.84 -45.81 16.44
C VAL A 159 18.36 -44.46 15.96
N ALA A 160 18.12 -43.43 16.76
CA ALA A 160 18.52 -42.07 16.42
C ALA A 160 20.03 -41.95 16.29
N ASP A 161 20.75 -42.63 17.18
CA ASP A 161 22.20 -42.62 17.20
C ASP A 161 22.80 -43.40 16.04
N TYR A 162 22.25 -44.57 15.77
CA TYR A 162 22.77 -45.44 14.72
C TYR A 162 22.50 -44.88 13.33
N TYR A 163 21.27 -44.42 13.10
CA TYR A 163 20.89 -43.83 11.81
C TYR A 163 21.33 -42.37 11.66
N GLY A 164 21.64 -41.72 12.78
CA GLY A 164 22.17 -40.36 12.77
C GLY A 164 21.14 -39.26 12.52
N PHE A 165 20.08 -39.24 13.33
CA PHE A 165 19.15 -38.11 13.35
C PHE A 165 18.99 -37.56 14.78
N ASP A 166 18.20 -36.51 14.92
CA ASP A 166 18.35 -35.55 16.03
C ASP A 166 17.25 -35.57 17.10
N GLY A 167 16.46 -36.64 17.11
CA GLY A 167 15.43 -36.77 18.13
C GLY A 167 14.12 -37.34 17.63
N TRP A 168 13.06 -37.10 18.40
CA TRP A 168 11.77 -37.70 18.14
C TRP A 168 10.60 -36.76 18.38
N PHE A 169 9.60 -36.90 17.51
CA PHE A 169 8.32 -36.23 17.66
C PHE A 169 7.36 -37.28 18.22
N ILE A 170 6.77 -36.99 19.38
CA ILE A 170 5.87 -37.92 20.05
C ILE A 170 4.44 -37.43 19.94
N ASN A 171 3.60 -38.24 19.33
CA ASN A 171 2.22 -37.87 19.06
C ASN A 171 1.26 -38.93 19.58
N GLN A 172 0.71 -38.67 20.77
CA GLN A 172 -0.20 -39.59 21.44
C GLN A 172 -1.66 -39.24 21.14
N GLU A 173 -2.27 -40.02 20.26
CA GLU A 173 -3.66 -39.77 19.83
C GLU A 173 -4.63 -40.93 20.13
N THR A 174 -4.15 -41.95 20.86
CA THR A 174 -4.97 -43.12 21.16
C THR A 174 -5.82 -42.89 22.41
N GLU A 175 -7.14 -42.95 22.23
CA GLU A 175 -8.11 -42.75 23.31
C GLU A 175 -8.13 -43.90 24.31
N GLY A 176 -8.61 -43.63 25.52
CA GLY A 176 -8.81 -44.67 26.52
C GLY A 176 -7.72 -44.80 27.58
N ALA A 177 -6.77 -43.89 27.58
CA ALA A 177 -5.72 -43.87 28.59
C ALA A 177 -6.23 -43.23 29.87
N ASP A 178 -5.74 -43.71 31.01
CA ASP A 178 -6.08 -43.16 32.32
C ASP A 178 -4.93 -42.32 32.88
N GLU A 179 -5.12 -41.79 34.08
CA GLU A 179 -4.12 -40.94 34.73
C GLU A 179 -2.80 -41.68 35.00
N GLY A 180 -2.89 -42.98 35.29
CA GLY A 180 -1.71 -43.83 35.44
C GLY A 180 -0.88 -43.93 34.17
N THR A 181 -1.55 -44.08 33.03
CA THR A 181 -0.90 -44.06 31.72
C THR A 181 -0.25 -42.70 31.47
N ALA A 182 -0.98 -41.62 31.78
CA ALA A 182 -0.49 -40.26 31.63
C ALA A 182 0.80 -40.01 32.42
N GLU A 183 0.82 -40.42 33.69
CA GLU A 183 2.01 -40.31 34.53
C GLU A 183 3.19 -41.13 34.00
N ALA A 184 2.88 -42.31 33.47
CA ALA A 184 3.91 -43.16 32.83
C ALA A 184 4.50 -42.49 31.58
N MET A 185 3.65 -41.86 30.78
CA MET A 185 4.09 -41.08 29.62
C MET A 185 5.04 -39.95 30.02
N GLN A 186 4.66 -39.20 31.06
CA GLN A 186 5.50 -38.13 31.59
C GLN A 186 6.86 -38.67 32.08
N ALA A 187 6.84 -39.83 32.73
CA ALA A 187 8.05 -40.50 33.20
C ALA A 187 8.95 -40.98 32.05
N PHE A 188 8.31 -41.51 30.99
CA PHE A 188 8.96 -41.89 29.73
C PHE A 188 9.68 -40.70 29.10
N LEU A 189 8.98 -39.57 29.02
CA LEU A 189 9.52 -38.33 28.46
C LEU A 189 10.70 -37.78 29.27
N VAL A 190 10.57 -37.81 30.59
CA VAL A 190 11.63 -37.38 31.52
C VAL A 190 12.85 -38.29 31.38
N TYR A 191 12.60 -39.59 31.23
CA TYR A 191 13.66 -40.56 31.02
C TYR A 191 14.48 -40.25 29.75
N LEU A 192 13.77 -39.98 28.65
CA LEU A 192 14.40 -39.51 27.42
C LEU A 192 15.30 -38.28 27.64
N GLN A 193 14.80 -37.29 28.39
CA GLN A 193 15.56 -36.08 28.70
C GLN A 193 16.84 -36.37 29.47
N GLU A 194 16.75 -37.31 30.39
CA GLU A 194 17.88 -37.77 31.17
C GLU A 194 18.93 -38.54 30.37
N GLN A 195 18.49 -39.38 29.47
CA GLN A 195 19.36 -40.24 28.70
C GLN A 195 19.83 -39.78 27.34
N LYS A 196 19.09 -38.89 26.70
CA LYS A 196 19.40 -38.41 25.36
C LYS A 196 20.77 -37.73 25.29
N PRO A 197 21.43 -37.79 24.11
CA PRO A 197 22.65 -37.00 23.91
C PRO A 197 22.32 -35.51 23.91
N GLU A 198 23.31 -34.68 24.23
CA GLU A 198 23.15 -33.24 24.16
C GLU A 198 22.82 -32.85 22.73
N GLY A 199 21.87 -31.93 22.58
CA GLY A 199 21.46 -31.47 21.26
C GLY A 199 20.28 -32.22 20.68
N MET A 200 19.98 -33.40 21.24
CA MET A 200 18.81 -34.16 20.82
C MET A 200 17.52 -33.45 21.24
N HIS A 201 16.52 -33.48 20.35
CA HIS A 201 15.27 -32.77 20.58
C HIS A 201 14.10 -33.74 20.69
N ILE A 202 13.27 -33.56 21.71
CA ILE A 202 12.04 -34.33 21.87
C ILE A 202 10.85 -33.36 21.84
N MET A 203 10.02 -33.50 20.81
CA MET A 203 8.84 -32.66 20.67
C MET A 203 7.58 -33.47 20.94
N TRP A 204 6.67 -32.87 21.71
CA TRP A 204 5.44 -33.52 22.14
C TRP A 204 4.26 -32.81 21.51
N TYR A 205 3.31 -33.57 20.96
CA TYR A 205 2.10 -32.99 20.40
C TYR A 205 1.18 -32.65 21.59
N ASP A 206 0.52 -31.49 21.49
CA ASP A 206 -0.57 -31.08 22.38
C ASP A 206 -1.91 -31.83 22.26
N SER A 207 -1.96 -33.02 22.85
CA SER A 207 -3.09 -33.94 22.72
C SER A 207 -3.55 -34.55 24.06
N MET A 208 -2.84 -35.58 24.54
CA MET A 208 -3.18 -36.22 25.82
C MET A 208 -2.93 -35.29 27.00
N ILE A 209 -3.96 -35.07 27.82
CA ILE A 209 -3.83 -34.18 28.97
C ILE A 209 -3.43 -34.96 30.23
N ASP A 210 -3.43 -34.27 31.37
CA ASP A 210 -3.00 -34.85 32.64
C ASP A 210 -3.80 -36.08 33.08
N THR A 211 -5.07 -36.13 32.67
CA THR A 211 -5.96 -37.24 33.05
C THR A 211 -5.80 -38.48 32.18
N GLY A 212 -5.10 -38.33 31.05
CA GLY A 212 -5.00 -39.40 30.06
C GLY A 212 -5.92 -39.18 28.86
N ALA A 213 -6.96 -38.39 29.07
CA ALA A 213 -7.93 -38.06 28.00
C ALA A 213 -7.28 -37.28 26.88
N ILE A 214 -7.78 -37.48 25.66
CA ILE A 214 -7.33 -36.69 24.53
C ILE A 214 -8.22 -35.48 24.38
N ALA A 215 -7.66 -34.34 24.74
CA ALA A 215 -8.38 -33.09 24.75
C ALA A 215 -7.27 -32.14 24.34
N TRP A 216 -7.27 -31.75 23.07
CA TRP A 216 -6.27 -30.84 22.54
C TRP A 216 -6.61 -29.48 23.11
N GLN A 217 -5.59 -28.76 23.59
CA GLN A 217 -5.77 -27.48 24.27
C GLN A 217 -5.57 -26.29 23.34
N ASN A 218 -4.79 -26.49 22.28
CA ASN A 218 -4.49 -25.44 21.29
C ASN A 218 -3.62 -24.32 21.87
N HIS A 219 -3.23 -24.51 23.13
CA HIS A 219 -2.42 -23.57 23.89
C HIS A 219 -1.59 -24.37 24.90
N LEU A 220 -0.64 -23.71 25.54
CA LEU A 220 -0.05 -24.24 26.76
C LEU A 220 -0.98 -23.87 27.93
N THR A 221 -1.50 -24.89 28.62
CA THR A 221 -2.48 -24.69 29.69
C THR A 221 -2.08 -25.52 30.91
N ASP A 222 -2.87 -25.44 31.98
CA ASP A 222 -2.64 -26.25 33.18
C ASP A 222 -2.89 -27.74 32.95
N ARG A 223 -3.67 -28.04 31.91
CA ARG A 223 -3.98 -29.41 31.51
C ARG A 223 -2.85 -30.13 30.76
N ASN A 224 -1.96 -29.39 30.12
CA ASN A 224 -0.87 -30.02 29.36
C ASN A 224 0.57 -29.62 29.75
N LYS A 225 0.69 -28.63 30.65
CA LYS A 225 2.00 -28.07 31.03
C LYS A 225 2.99 -29.11 31.55
N MET A 226 2.48 -30.16 32.20
CA MET A 226 3.32 -31.19 32.81
C MET A 226 4.04 -32.08 31.79
N TYR A 227 3.67 -31.93 30.52
CA TYR A 227 4.33 -32.65 29.42
C TYR A 227 5.48 -31.85 28.81
N LEU A 228 5.64 -30.61 29.27
CA LEU A 228 6.76 -29.75 28.87
C LEU A 228 7.75 -29.59 30.01
N GLN A 229 7.25 -29.09 31.15
CA GLN A 229 8.07 -28.84 32.34
C GLN A 229 7.23 -29.12 33.58
N ASN A 230 7.85 -29.77 34.56
CA ASN A 230 7.20 -30.06 35.83
C ASN A 230 8.10 -29.59 36.98
N GLY A 231 7.86 -28.36 37.44
CA GLY A 231 8.73 -27.73 38.42
C GLY A 231 10.11 -27.55 37.82
N SER A 232 11.11 -28.20 38.42
CA SER A 232 12.47 -28.12 37.92
C SER A 232 12.83 -29.27 36.97
N THR A 233 11.87 -30.17 36.73
CA THR A 233 12.08 -31.31 35.85
C THR A 233 11.73 -30.97 34.39
N ARG A 234 12.70 -31.08 33.51
CA ARG A 234 12.47 -30.93 32.07
C ARG A 234 11.80 -32.21 31.57
N VAL A 235 10.63 -32.07 30.95
CA VAL A 235 9.87 -33.22 30.44
C VAL A 235 10.04 -33.36 28.93
N ALA A 236 9.98 -32.24 28.21
CA ALA A 236 10.16 -32.23 26.76
C ALA A 236 10.83 -30.93 26.32
N ASP A 237 11.47 -31.00 25.16
CA ASP A 237 12.17 -29.84 24.61
C ASP A 237 11.23 -28.80 24.02
N SER A 238 10.04 -29.24 23.62
CA SER A 238 9.07 -28.37 22.95
C SER A 238 7.71 -29.03 22.86
N MET A 239 6.70 -28.23 22.56
CA MET A 239 5.34 -28.71 22.34
C MET A 239 4.76 -28.15 21.05
N PHE A 240 4.14 -29.04 20.26
CA PHE A 240 3.41 -28.63 19.08
C PHE A 240 1.97 -28.40 19.51
N LEU A 241 1.51 -27.15 19.42
CA LEU A 241 0.16 -26.76 19.85
C LEU A 241 -0.86 -27.04 18.76
N ASN A 242 -1.97 -27.68 19.13
CA ASN A 242 -3.04 -27.99 18.19
C ASN A 242 -3.65 -26.73 17.55
N PHE A 243 -4.36 -26.92 16.44
CA PHE A 243 -4.71 -25.84 15.49
C PHE A 243 -5.75 -24.81 15.91
N TRP A 244 -6.62 -25.15 16.85
CA TRP A 244 -7.82 -24.33 17.09
C TRP A 244 -7.64 -23.19 18.10
N TRP A 245 -6.80 -22.24 17.72
CA TRP A 245 -6.48 -21.07 18.53
C TRP A 245 -6.69 -19.81 17.70
N ARG A 246 -6.92 -18.69 18.39
CA ARG A 246 -6.98 -17.39 17.72
C ARG A 246 -5.87 -16.48 18.25
N ASP A 247 -5.40 -16.76 19.47
CA ASP A 247 -4.38 -15.96 20.15
C ASP A 247 -3.48 -16.84 21.03
N GLN A 248 -2.21 -16.46 21.11
CA GLN A 248 -1.22 -17.23 21.89
C GLN A 248 -0.53 -16.45 23.02
N ARG A 249 -1.08 -15.29 23.38
CA ARG A 249 -0.49 -14.46 24.45
C ARG A 249 -0.44 -15.20 25.79
N GLN A 250 -1.54 -15.85 26.12
CA GLN A 250 -1.67 -16.61 27.37
C GLN A 250 -0.78 -17.86 27.44
N SER A 251 -0.42 -18.41 26.28
CA SER A 251 0.59 -19.48 26.22
C SER A 251 1.97 -18.93 26.54
N ASN A 252 2.28 -17.79 25.93
CA ASN A 252 3.53 -17.07 26.18
C ASN A 252 3.71 -16.75 27.67
N GLU A 253 2.66 -16.20 28.28
CA GLU A 253 2.66 -15.85 29.70
C GLU A 253 2.86 -17.07 30.63
N LEU A 254 2.18 -18.17 30.31
CA LEU A 254 2.31 -19.40 31.10
C LEU A 254 3.69 -20.05 30.97
N ALA A 255 4.24 -20.04 29.76
CA ALA A 255 5.60 -20.52 29.52
C ALA A 255 6.63 -19.80 30.40
N GLN A 256 6.50 -18.47 30.48
CA GLN A 256 7.37 -17.63 31.33
C GLN A 256 7.22 -17.98 32.81
N ALA A 257 5.98 -18.17 33.26
CA ALA A 257 5.71 -18.60 34.64
C ALA A 257 6.38 -19.94 34.97
N LEU A 258 6.55 -20.78 33.96
CA LEU A 258 7.21 -22.08 34.11
C LEU A 258 8.73 -21.99 33.94
N GLY A 259 9.23 -20.81 33.63
CA GLY A 259 10.66 -20.60 33.37
C GLY A 259 11.16 -21.23 32.07
N ARG A 260 10.27 -21.28 31.07
CA ARG A 260 10.60 -21.84 29.75
C ARG A 260 10.40 -20.79 28.68
N SER A 261 11.16 -20.90 27.58
CA SER A 261 10.99 -20.00 26.44
C SER A 261 9.62 -20.24 25.82
N PRO A 262 8.88 -19.14 25.54
CA PRO A 262 7.63 -19.24 24.78
C PRO A 262 7.88 -19.80 23.38
N TYR A 263 9.12 -19.73 22.92
CA TYR A 263 9.49 -20.17 21.57
C TYR A 263 9.81 -21.66 21.49
N ASP A 264 9.68 -22.35 22.62
CA ASP A 264 9.62 -23.81 22.64
C ASP A 264 8.19 -24.29 22.41
N LEU A 265 7.26 -23.34 22.30
CA LEU A 265 5.88 -23.67 21.93
C LEU A 265 5.70 -23.36 20.45
N TYR A 266 5.23 -24.34 19.70
CA TYR A 266 5.02 -24.17 18.26
C TYR A 266 3.52 -24.20 17.93
N ALA A 267 2.96 -23.03 17.67
CA ALA A 267 1.53 -22.89 17.37
C ALA A 267 1.20 -23.47 15.99
N GLY A 268 0.41 -24.53 16.00
CA GLY A 268 0.11 -25.30 14.79
C GLY A 268 -0.78 -24.57 13.81
N VAL A 269 -0.41 -24.65 12.53
CA VAL A 269 -1.25 -24.19 11.43
C VAL A 269 -1.40 -25.35 10.46
N ASP A 270 -2.65 -25.72 10.17
CA ASP A 270 -2.94 -26.87 9.31
C ASP A 270 -3.11 -26.44 7.86
N VAL A 271 -2.07 -26.67 7.07
CA VAL A 271 -2.06 -26.24 5.66
C VAL A 271 -2.21 -27.40 4.68
N GLU A 272 -2.52 -28.58 5.18
CA GLU A 272 -2.56 -29.80 4.35
C GLU A 272 -3.44 -29.66 3.10
N ALA A 273 -4.69 -29.23 3.29
CA ALA A 273 -5.66 -29.21 2.19
C ALA A 273 -5.48 -28.04 1.21
N ARG A 274 -5.18 -26.86 1.75
CA ARG A 274 -5.29 -25.61 0.98
C ARG A 274 -3.99 -24.80 0.84
N GLY A 275 -2.94 -25.20 1.55
CA GLY A 275 -1.66 -24.48 1.52
C GLY A 275 -1.79 -22.97 1.71
N THR A 276 -1.49 -22.22 0.65
CA THR A 276 -1.52 -20.76 0.70
C THR A 276 -2.93 -20.17 0.91
N SER A 277 -3.96 -20.97 0.62
CA SER A 277 -5.36 -20.57 0.83
C SER A 277 -5.88 -20.92 2.22
N THR A 278 -4.98 -21.33 3.11
CA THR A 278 -5.33 -21.61 4.50
C THR A 278 -5.57 -20.32 5.27
N PRO A 279 -6.78 -20.14 5.85
CA PRO A 279 -7.03 -18.98 6.71
C PRO A 279 -6.28 -19.09 8.03
N VAL A 280 -5.56 -18.04 8.39
CA VAL A 280 -4.77 -17.99 9.62
C VAL A 280 -4.95 -16.63 10.30
N GLN A 281 -5.11 -16.65 11.61
CA GLN A 281 -5.10 -15.42 12.40
C GLN A 281 -3.67 -15.04 12.78
N TRP A 282 -2.91 -14.55 11.81
CA TRP A 282 -1.49 -14.23 11.99
C TRP A 282 -1.23 -13.28 13.16
N GLU A 283 -2.15 -12.34 13.37
CA GLU A 283 -2.06 -11.34 14.44
C GLU A 283 -2.03 -11.98 15.83
N GLY A 284 -2.73 -13.11 15.98
CA GLY A 284 -2.76 -13.86 17.23
C GLY A 284 -1.46 -14.56 17.57
N LEU A 285 -0.53 -14.57 16.61
CA LEU A 285 0.77 -15.19 16.79
C LEU A 285 1.88 -14.15 16.68
N PHE A 286 1.77 -13.28 15.67
CA PHE A 286 2.70 -12.18 15.45
C PHE A 286 1.98 -10.83 15.58
N PRO A 287 1.82 -10.31 16.82
CA PRO A 287 1.09 -9.07 17.06
C PRO A 287 1.87 -7.79 16.76
N GLU A 288 1.14 -6.67 16.64
CA GLU A 288 1.70 -5.30 16.63
C GLU A 288 2.95 -5.09 15.79
N GLU A 290 4.08 -6.72 20.10
CA GLU A 290 5.48 -6.51 19.75
C GLU A 290 6.11 -7.79 19.19
N LYS A 291 6.87 -8.49 20.02
CA LYS A 291 7.50 -9.74 19.60
C LYS A 291 6.49 -10.90 19.54
N ALA A 292 6.85 -11.92 18.76
CA ALA A 292 6.00 -13.11 18.59
C ALA A 292 5.62 -13.70 19.94
N HIS A 293 4.37 -14.15 20.05
CA HIS A 293 3.91 -14.85 21.25
C HIS A 293 4.63 -16.18 21.40
N THR A 294 4.66 -16.96 20.33
CA THR A 294 5.30 -18.28 20.33
C THR A 294 6.05 -18.52 19.02
N SER A 295 6.50 -19.76 18.84
CA SER A 295 7.04 -20.20 17.56
C SER A 295 5.90 -20.71 16.67
N LEU A 296 6.24 -21.11 15.45
CA LEU A 296 5.25 -21.54 14.47
C LEU A 296 5.44 -23.02 14.11
N GLY A 297 4.35 -23.77 14.13
CA GLY A 297 4.34 -25.14 13.65
C GLY A 297 3.52 -25.28 12.39
N LEU A 298 4.16 -25.72 11.31
CA LEU A 298 3.49 -25.92 10.03
C LEU A 298 3.18 -27.38 9.84
N TYR A 299 1.90 -27.68 9.70
CA TYR A 299 1.47 -29.06 9.56
C TYR A 299 1.27 -29.25 8.05
N ARG A 300 2.05 -30.18 7.51
CA ARG A 300 1.94 -30.66 6.13
C ARG A 300 2.09 -29.62 5.02
N PRO A 301 3.24 -28.90 5.01
CA PRO A 301 3.54 -27.99 3.90
C PRO A 301 3.87 -28.76 2.61
N ASP A 302 4.08 -30.07 2.74
CA ASP A 302 4.18 -30.98 1.59
C ASP A 302 2.89 -30.99 0.75
N TRP A 303 1.92 -30.16 1.15
CA TRP A 303 0.77 -29.81 0.32
C TRP A 303 1.22 -29.41 -1.08
N ALA A 304 2.33 -28.66 -1.16
CA ALA A 304 2.89 -28.20 -2.43
C ALA A 304 3.16 -29.37 -3.37
N PHE A 305 3.61 -30.49 -2.80
CA PHE A 305 3.92 -31.71 -3.53
C PHE A 305 2.67 -32.56 -3.79
N GLN A 306 1.89 -32.79 -2.74
CA GLN A 306 0.76 -33.72 -2.84
C GLN A 306 -0.46 -33.17 -3.57
N SER A 307 -0.54 -31.85 -3.69
CA SER A 307 -1.60 -31.21 -4.46
C SER A 307 -1.20 -30.92 -5.90
N SER A 308 0.01 -31.31 -6.29
CA SER A 308 0.50 -31.07 -7.64
C SER A 308 0.78 -32.36 -8.39
N GLU A 309 0.90 -32.24 -9.70
CA GLU A 309 1.11 -33.38 -10.59
C GLU A 309 2.49 -33.39 -11.22
N THR A 310 3.11 -32.21 -11.25
CA THR A 310 4.36 -32.01 -11.95
C THR A 310 5.37 -31.24 -11.09
N MET A 311 6.64 -31.53 -11.30
CA MET A 311 7.74 -30.90 -10.56
C MET A 311 7.71 -29.37 -10.62
N GLU A 312 7.39 -28.84 -11.81
CA GLU A 312 7.33 -27.39 -12.03
C GLU A 312 6.25 -26.68 -11.20
N ALA A 313 5.05 -27.26 -11.15
CA ALA A 313 3.97 -26.70 -10.34
C ALA A 313 4.25 -26.90 -8.83
N PHE A 314 4.85 -28.03 -8.49
CA PHE A 314 5.27 -28.33 -7.12
C PHE A 314 6.24 -27.25 -6.65
N TYR A 315 7.26 -26.99 -7.46
CA TYR A 315 8.24 -25.95 -7.13
C TYR A 315 7.68 -24.54 -7.09
N GLU A 316 6.73 -24.24 -7.99
CA GLU A 316 6.05 -22.94 -7.97
C GLU A 316 5.23 -22.75 -6.69
N LYS A 317 4.55 -23.80 -6.25
CA LYS A 317 3.76 -23.75 -5.02
C LYS A 317 4.61 -23.56 -3.77
N GLU A 318 5.76 -24.24 -3.70
CA GLU A 318 6.70 -24.06 -2.59
C GLU A 318 7.18 -22.61 -2.53
N LEU A 319 7.45 -22.01 -3.69
CA LEU A 319 7.85 -20.62 -3.72
C LEU A 319 6.75 -19.72 -3.19
N GLN A 320 5.51 -19.96 -3.63
CA GLN A 320 4.37 -19.16 -3.21
C GLN A 320 4.11 -19.32 -1.71
N PHE A 321 4.34 -20.51 -1.19
CA PHE A 321 4.11 -20.83 0.21
C PHE A 321 5.15 -20.21 1.14
N TRP A 322 6.43 -20.42 0.83
CA TRP A 322 7.51 -20.02 1.72
C TRP A 322 7.94 -18.58 1.54
N VAL A 323 7.89 -18.08 0.30
CA VAL A 323 8.28 -16.69 0.02
C VAL A 323 7.07 -15.75 -0.04
N GLY A 324 5.96 -16.21 -0.62
CA GLY A 324 4.75 -15.42 -0.75
C GLY A 324 4.46 -15.03 -2.19
N SER A 325 3.36 -14.31 -2.39
CA SER A 325 2.88 -13.92 -3.74
C SER A 325 3.75 -12.95 -4.50
N THR A 326 4.63 -12.25 -3.80
CA THR A 326 5.57 -11.32 -4.43
C THR A 326 6.62 -12.08 -5.25
N GLY A 327 7.03 -13.24 -4.76
CA GLY A 327 8.13 -13.99 -5.36
C GLY A 327 9.48 -13.38 -5.03
N ASN A 328 9.48 -12.50 -4.02
CA ASN A 328 10.70 -11.82 -3.58
C ASN A 328 10.69 -11.71 -2.05
N PRO A 329 11.61 -12.46 -1.39
CA PRO A 329 11.67 -12.52 0.07
C PRO A 329 11.95 -11.18 0.76
N ALA A 330 12.51 -10.23 0.01
CA ALA A 330 12.83 -8.90 0.54
C ALA A 330 11.62 -7.96 0.54
N GLU A 331 10.62 -8.29 -0.28
CA GLU A 331 9.47 -7.41 -0.49
C GLU A 331 8.15 -8.14 -0.29
N THR A 332 7.90 -8.61 0.93
CA THR A 332 6.66 -9.32 1.24
C THR A 332 5.50 -8.37 1.49
N ASP A 333 4.28 -8.89 1.36
CA ASP A 333 3.07 -8.11 1.58
C ASP A 333 2.36 -8.62 2.84
N GLY A 334 2.51 -7.86 3.92
CA GLY A 334 1.91 -8.23 5.21
C GLY A 334 0.40 -8.11 5.27
N GLN A 335 -0.19 -7.48 4.25
CA GLN A 335 -1.64 -7.32 4.15
C GLN A 335 -2.28 -8.44 3.33
N SER A 336 -1.45 -9.31 2.76
CA SER A 336 -1.92 -10.50 2.05
C SER A 336 -2.52 -11.52 3.03
N ASN A 337 -3.46 -12.32 2.54
CA ASN A 337 -3.96 -13.46 3.29
C ASN A 337 -2.83 -14.45 3.59
N TRP A 338 -1.88 -14.52 2.65
CA TRP A 338 -0.65 -15.30 2.84
C TRP A 338 0.59 -14.46 2.53
N PRO A 339 1.16 -13.81 3.55
CA PRO A 339 2.40 -13.03 3.37
C PRO A 339 3.63 -13.89 3.06
N GLY A 340 3.57 -15.18 3.39
CA GLY A 340 4.68 -16.10 3.16
C GLY A 340 5.56 -16.17 4.39
N MET A 341 6.33 -17.24 4.51
CA MET A 341 7.19 -17.42 5.68
C MET A 341 8.34 -16.41 5.77
N ALA A 342 8.78 -15.92 4.60
CA ALA A 342 9.84 -14.90 4.53
C ALA A 342 9.46 -13.59 5.21
N HIS A 343 8.15 -13.41 5.42
CA HIS A 343 7.62 -12.21 6.09
C HIS A 343 7.98 -12.16 7.58
N TRP A 344 8.16 -13.32 8.21
CA TRP A 344 8.43 -13.40 9.64
C TRP A 344 9.77 -14.03 10.00
N PHE A 345 10.31 -14.83 9.09
CA PHE A 345 11.52 -15.59 9.39
C PHE A 345 12.68 -15.21 8.49
N PRO A 346 13.83 -14.89 9.10
CA PRO A 346 15.07 -14.73 8.37
C PRO A 346 15.44 -16.05 7.71
N ALA A 347 15.96 -15.96 6.48
CA ALA A 347 16.50 -17.13 5.82
C ALA A 347 17.86 -17.41 6.43
N LYS A 348 18.14 -18.70 6.66
CA LYS A 348 19.46 -19.08 7.14
C LYS A 348 20.23 -19.76 6.03
N SER A 349 21.55 -19.72 6.12
CA SER A 349 22.41 -20.36 5.13
C SER A 349 23.52 -21.13 5.81
N THR A 350 23.89 -22.25 5.20
CA THR A 350 24.96 -23.07 5.72
C THR A 350 26.22 -22.96 4.85
N ALA A 351 26.19 -21.99 3.93
CA ALA A 351 27.35 -21.61 3.14
C ALA A 351 28.28 -20.79 4.03
N THR A 352 28.84 -21.46 5.03
CA THR A 352 29.61 -20.82 6.09
C THR A 352 31.02 -21.43 6.17
N SER A 353 31.36 -22.25 5.18
CA SER A 353 32.60 -23.02 5.21
C SER A 353 33.22 -23.12 3.82
N VAL A 354 34.54 -22.93 3.75
CA VAL A 354 35.29 -23.09 2.51
C VAL A 354 35.88 -24.51 2.48
N PRO A 355 35.69 -25.25 1.37
CA PRO A 355 35.04 -24.85 0.12
C PRO A 355 33.51 -24.87 0.17
N PHE A 356 32.90 -23.84 -0.41
CA PHE A 356 31.47 -23.88 -0.69
C PHE A 356 31.25 -24.21 -2.16
N VAL A 357 30.49 -25.27 -2.40
CA VAL A 357 30.26 -25.80 -3.74
C VAL A 357 28.76 -26.11 -3.91
N THR A 358 28.19 -25.63 -5.02
CA THR A 358 26.84 -26.02 -5.41
C THR A 358 26.76 -26.28 -6.93
N HIS A 359 25.86 -27.17 -7.31
CA HIS A 359 25.60 -27.47 -8.72
C HIS A 359 24.11 -27.34 -9.00
N PHE A 360 23.41 -26.75 -8.04
CA PHE A 360 21.98 -26.45 -8.16
C PHE A 360 21.18 -27.72 -8.42
N ASN A 361 21.63 -28.80 -7.76
CA ASN A 361 20.97 -30.09 -7.79
C ASN A 361 19.78 -30.02 -6.84
N THR A 362 18.57 -30.19 -7.39
CA THR A 362 17.33 -30.13 -6.60
C THR A 362 16.99 -31.44 -5.87
N GLY A 363 17.76 -32.49 -6.13
CA GLY A 363 17.54 -33.78 -5.45
C GLY A 363 16.86 -34.82 -6.32
N SER A 364 16.43 -34.41 -7.52
CA SER A 364 15.87 -35.33 -8.51
C SER A 364 16.04 -34.76 -9.91
N GLY A 365 15.78 -35.58 -10.92
CA GLY A 365 15.91 -35.17 -12.32
C GLY A 365 15.22 -36.12 -13.29
N ALA A 366 15.09 -35.68 -14.54
CA ALA A 366 14.55 -36.53 -15.62
C ALA A 366 15.70 -37.24 -16.32
N GLN A 367 16.92 -36.89 -15.94
CA GLN A 367 18.14 -37.25 -16.64
C GLN A 367 19.28 -36.96 -15.66
N PHE A 368 20.42 -37.60 -15.83
CA PHE A 368 21.61 -37.26 -15.02
C PHE A 368 22.79 -36.90 -15.92
N SER A 369 23.43 -35.76 -15.63
CA SER A 369 24.61 -35.29 -16.36
C SER A 369 25.91 -35.34 -15.55
N ALA A 370 27.02 -35.50 -16.25
CA ALA A 370 28.36 -35.38 -15.69
C ALA A 370 29.19 -34.54 -16.65
N GLU A 371 29.70 -33.42 -16.14
CA GLU A 371 30.42 -32.41 -16.93
C GLU A 371 29.65 -31.91 -18.16
N GLY A 372 28.34 -31.74 -18.01
CA GLY A 372 27.50 -31.22 -19.08
C GLY A 372 27.04 -32.22 -20.13
N LYS A 373 27.42 -33.50 -19.96
CA LYS A 373 26.98 -34.59 -20.84
C LYS A 373 26.07 -35.57 -20.11
N THR A 374 24.98 -35.98 -20.75
CA THR A 374 24.06 -36.99 -20.20
C THR A 374 24.73 -38.36 -20.07
N VAL A 375 24.81 -38.85 -18.84
CA VAL A 375 25.34 -40.19 -18.57
C VAL A 375 24.25 -41.20 -18.20
N SER A 376 23.02 -40.70 -18.05
CA SER A 376 21.84 -41.55 -17.85
C SER A 376 20.60 -40.76 -18.26
N GLU A 377 19.73 -41.40 -19.03
CA GLU A 377 18.46 -40.79 -19.45
C GLU A 377 17.28 -41.15 -18.54
N GLN A 378 17.55 -41.87 -17.46
CA GLN A 378 16.49 -42.33 -16.57
C GLN A 378 16.11 -41.30 -15.52
N GLU A 379 14.82 -41.25 -15.18
CA GLU A 379 14.38 -40.45 -14.03
C GLU A 379 15.12 -40.95 -12.80
N TRP A 380 15.37 -40.07 -11.85
CA TRP A 380 16.05 -40.46 -10.62
C TRP A 380 15.70 -39.46 -9.53
N ASN A 381 15.69 -39.93 -8.29
CA ASN A 381 15.78 -39.04 -7.15
C ASN A 381 16.80 -39.61 -6.16
N ASN A 382 17.51 -38.70 -5.52
CA ASN A 382 18.40 -39.04 -4.42
C ASN A 382 18.68 -37.74 -3.70
N ARG A 383 17.85 -37.46 -2.71
CA ARG A 383 17.93 -36.21 -1.96
C ARG A 383 19.23 -36.03 -1.17
N SER A 384 20.03 -37.09 -1.05
CA SER A 384 21.40 -36.98 -0.53
C SER A 384 22.27 -36.12 -1.44
N LEU A 385 21.85 -35.99 -2.71
CA LEU A 385 22.58 -35.22 -3.71
C LEU A 385 22.05 -33.80 -3.86
N GLN A 386 20.95 -33.47 -3.17
CA GLN A 386 20.46 -32.10 -3.18
C GLN A 386 21.52 -31.16 -2.62
N ASP A 387 21.80 -30.10 -3.35
CA ASP A 387 22.78 -29.10 -2.92
C ASP A 387 22.16 -28.09 -1.98
N VAL A 388 23.00 -27.23 -1.42
CA VAL A 388 22.54 -26.04 -0.72
C VAL A 388 22.11 -25.05 -1.80
N LEU A 389 20.81 -24.79 -1.85
CA LEU A 389 20.21 -24.01 -2.90
C LEU A 389 20.07 -22.56 -2.46
N PRO A 390 19.79 -21.63 -3.39
CA PRO A 390 19.84 -20.21 -3.09
C PRO A 390 19.03 -19.78 -1.86
N THR A 391 19.65 -18.90 -1.06
CA THR A 391 19.02 -18.30 0.10
C THR A 391 17.77 -17.51 -0.27
N TRP A 392 17.82 -16.86 -1.44
CA TRP A 392 16.77 -15.95 -1.87
C TRP A 392 16.10 -16.43 -3.16
N ARG A 393 14.78 -16.58 -3.11
CA ARG A 393 13.99 -17.01 -4.25
C ARG A 393 12.81 -16.06 -4.42
N TRP A 394 12.99 -14.97 -5.19
CA TRP A 394 14.23 -14.63 -5.86
C TRP A 394 14.43 -13.13 -5.74
N ILE A 395 15.69 -12.69 -5.68
CA ILE A 395 16.00 -11.25 -5.66
C ILE A 395 16.77 -10.85 -6.92
N GLN A 396 16.13 -10.06 -7.77
CA GLN A 396 16.74 -9.53 -8.99
C GLN A 396 16.70 -8.00 -9.01
N HIS A 397 17.64 -7.40 -9.73
CA HIS A 397 17.62 -5.97 -10.03
C HIS A 397 17.85 -5.75 -11.52
N GLY A 398 16.97 -4.99 -12.15
CA GLY A 398 17.06 -4.69 -13.58
C GLY A 398 16.65 -5.83 -14.49
N GLY A 399 16.35 -5.49 -15.75
CA GLY A 399 15.93 -6.45 -16.77
C GLY A 399 14.49 -6.90 -16.65
N ASP A 400 14.08 -7.79 -17.54
CA ASP A 400 12.79 -8.46 -17.44
C ASP A 400 13.02 -9.99 -17.44
N LEU A 401 13.69 -10.47 -16.40
CA LEU A 401 14.11 -11.87 -16.31
C LEU A 401 13.33 -12.63 -15.24
N GLU A 402 13.22 -13.95 -15.45
CA GLU A 402 12.68 -14.86 -14.47
C GLU A 402 13.77 -15.82 -14.02
N ALA A 403 13.75 -16.18 -12.74
CA ALA A 403 14.66 -17.18 -12.18
C ALA A 403 13.88 -18.42 -11.72
N THR A 404 14.33 -19.59 -12.13
CA THR A 404 13.68 -20.84 -11.80
C THR A 404 14.68 -22.00 -11.91
N PHE A 405 14.35 -23.15 -11.35
CA PHE A 405 15.17 -24.34 -11.59
C PHE A 405 14.77 -24.99 -12.89
N SER A 406 15.76 -25.45 -13.64
CA SER A 406 15.52 -26.14 -14.90
C SER A 406 15.96 -27.59 -14.81
N TRP A 407 15.13 -28.49 -15.34
CA TRP A 407 15.47 -29.90 -15.41
C TRP A 407 15.74 -30.34 -16.85
N GLU A 408 15.89 -29.35 -17.74
CA GLU A 408 16.23 -29.59 -19.13
C GLU A 408 17.75 -29.60 -19.34
N GLU A 409 18.43 -28.78 -18.55
CA GLU A 409 19.89 -28.62 -18.67
C GLU A 409 20.55 -28.85 -17.31
N ALA A 410 21.70 -29.50 -17.32
CA ALA A 410 22.47 -29.75 -16.10
C ALA A 410 23.95 -29.97 -16.41
N PHE A 411 24.81 -29.50 -15.50
CA PHE A 411 26.25 -29.75 -15.60
C PHE A 411 26.63 -30.98 -14.77
N GLU A 412 26.15 -31.01 -13.54
CA GLU A 412 26.32 -32.17 -12.65
C GLU A 412 25.00 -32.48 -11.94
N GLY A 413 24.42 -33.64 -12.23
CA GLY A 413 23.11 -34.00 -11.68
C GLY A 413 22.00 -33.80 -12.69
N GLY A 414 20.82 -33.41 -12.20
CA GLY A 414 19.63 -33.32 -13.06
C GLY A 414 19.03 -31.95 -13.25
N SER A 415 19.69 -30.92 -12.71
CA SER A 415 19.12 -29.57 -12.76
C SER A 415 20.15 -28.45 -12.85
N SER A 416 19.66 -27.27 -13.24
CA SER A 416 20.46 -26.06 -13.24
C SER A 416 19.59 -24.88 -12.85
N LEU A 417 20.22 -23.74 -12.60
CA LEU A 417 19.49 -22.52 -12.35
C LEU A 417 19.29 -21.82 -13.68
N GLN A 418 18.03 -21.56 -14.02
CA GLN A 418 17.69 -20.88 -15.25
C GLN A 418 17.37 -19.41 -14.98
N TRP A 419 18.08 -18.53 -15.68
CA TRP A 419 17.87 -17.10 -15.59
C TRP A 419 17.65 -16.62 -17.02
N HIS A 420 16.41 -16.23 -17.33
CA HIS A 420 15.99 -16.04 -18.73
C HIS A 420 14.87 -15.01 -18.91
N GLY A 421 14.83 -14.43 -20.11
CA GLY A 421 13.80 -13.45 -20.48
C GLY A 421 14.36 -12.37 -21.37
N SER A 422 13.88 -11.14 -21.16
CA SER A 422 14.33 -9.99 -21.94
C SER A 422 15.33 -9.13 -21.19
N LEU A 423 16.41 -8.76 -21.88
CA LEU A 423 17.39 -7.81 -21.38
C LEU A 423 17.86 -6.94 -22.54
N ALA A 424 17.39 -5.69 -22.58
CA ALA A 424 17.68 -4.78 -23.68
C ALA A 424 19.17 -4.45 -23.77
N GLU A 425 19.63 -4.16 -24.98
CA GLU A 425 21.04 -3.84 -25.24
C GLU A 425 21.55 -2.77 -24.27
N GLY A 426 22.61 -3.09 -23.58
CA GLY A 426 23.25 -2.18 -22.67
C GLY A 426 22.66 -2.08 -21.29
N GLU A 427 21.52 -2.69 -21.10
CA GLU A 427 20.90 -2.85 -19.82
C GLU A 427 21.60 -3.93 -18.96
N HIS A 428 21.71 -3.66 -17.67
CA HIS A 428 22.35 -4.50 -16.69
C HIS A 428 21.34 -5.16 -15.73
N ALA A 429 21.60 -6.41 -15.42
CA ALA A 429 20.74 -7.16 -14.51
C ALA A 429 21.58 -7.95 -13.52
N GLN A 430 21.07 -8.06 -12.30
CA GLN A 430 21.75 -8.77 -11.22
C GLN A 430 20.79 -9.70 -10.51
N ILE A 431 21.30 -10.82 -10.04
CA ILE A 431 20.53 -11.73 -9.21
C ILE A 431 21.35 -12.16 -8.00
N GLU A 432 20.83 -11.84 -6.81
CA GLU A 432 21.52 -12.17 -5.56
C GLU A 432 21.02 -13.50 -5.04
N LEU A 433 21.95 -14.44 -4.83
CA LEU A 433 21.57 -15.83 -4.60
C LEU A 433 21.81 -16.33 -3.18
N TYR A 434 23.00 -16.08 -2.64
CA TYR A 434 23.40 -16.67 -1.36
C TYR A 434 23.82 -15.67 -0.30
N GLN A 435 23.34 -15.90 0.93
CA GLN A 435 23.94 -15.31 2.12
C GLN A 435 25.04 -16.28 2.53
N THR A 436 26.23 -15.75 2.81
CA THR A 436 27.38 -16.62 3.10
C THR A 436 28.23 -16.08 4.24
N GLU A 437 29.17 -16.92 4.69
CA GLU A 437 30.21 -16.49 5.61
C GLU A 437 31.47 -17.28 5.27
N LEU A 438 32.18 -16.82 4.25
CA LEU A 438 33.29 -17.57 3.67
C LEU A 438 34.61 -16.80 3.76
N PRO A 439 35.53 -17.27 4.63
CA PRO A 439 36.85 -16.64 4.77
C PRO A 439 37.70 -16.84 3.52
N ILE A 440 38.15 -15.74 2.93
CA ILE A 440 39.05 -15.79 1.79
C ILE A 440 40.50 -15.87 2.26
N SER A 441 41.24 -16.83 1.71
CA SER A 441 42.66 -16.97 1.96
C SER A 441 43.38 -17.03 0.61
N GLU A 442 44.71 -17.12 0.63
CA GLU A 442 45.46 -17.24 -0.61
C GLU A 442 45.20 -18.61 -1.26
N GLY A 443 45.05 -18.60 -2.58
CA GLY A 443 44.70 -19.80 -3.33
C GLY A 443 43.21 -20.05 -3.41
N THR A 444 42.41 -19.19 -2.79
CA THR A 444 40.95 -19.25 -2.91
C THR A 444 40.51 -18.61 -4.22
N SER A 445 39.61 -19.29 -4.93
CA SER A 445 39.06 -18.79 -6.19
C SER A 445 37.55 -18.97 -6.27
N LEU A 446 36.90 -18.07 -7.00
CA LEU A 446 35.51 -18.25 -7.42
C LEU A 446 35.46 -18.95 -8.77
N THR A 447 34.61 -19.97 -8.87
CA THR A 447 34.38 -20.64 -10.15
C THR A 447 32.89 -20.77 -10.41
N TRP A 448 32.51 -20.62 -11.67
CA TRP A 448 31.11 -20.82 -12.06
C TRP A 448 31.04 -21.35 -13.49
N THR A 449 30.02 -22.16 -13.76
CA THR A 449 29.87 -22.83 -15.05
C THR A 449 28.44 -22.63 -15.58
N PHE A 450 28.34 -22.17 -16.82
CA PHE A 450 27.05 -21.79 -17.38
C PHE A 450 27.02 -22.01 -18.89
N LYS A 451 25.80 -21.95 -19.44
CA LYS A 451 25.55 -21.81 -20.86
C LYS A 451 24.79 -20.51 -21.07
N SER A 452 25.05 -19.86 -22.20
CA SER A 452 24.33 -18.64 -22.57
C SER A 452 23.83 -18.79 -24.00
N GLU A 453 22.51 -18.73 -24.16
CA GLU A 453 21.87 -19.02 -25.44
C GLU A 453 21.89 -17.85 -26.44
N HIS A 454 22.19 -16.65 -25.93
CA HIS A 454 22.28 -15.46 -26.78
C HIS A 454 23.64 -14.75 -26.61
N ASP A 455 24.62 -15.51 -26.15
CA ASP A 455 26.03 -15.09 -26.12
C ASP A 455 26.41 -14.01 -25.09
N ASN A 456 25.45 -13.59 -24.26
CA ASN A 456 25.79 -12.74 -23.11
C ASN A 456 26.74 -13.52 -22.20
N ASP A 457 27.76 -12.83 -21.68
CA ASP A 457 28.62 -13.40 -20.66
C ASP A 457 27.89 -13.33 -19.33
N LEU A 458 28.25 -14.21 -18.39
CA LEU A 458 27.69 -14.15 -17.05
C LEU A 458 28.80 -13.76 -16.08
N ASN A 459 28.62 -12.64 -15.39
CA ASN A 459 29.58 -12.15 -14.42
C ASN A 459 29.21 -12.67 -13.04
N VAL A 460 30.22 -12.87 -12.19
CA VAL A 460 29.97 -13.26 -10.82
C VAL A 460 29.80 -12.01 -9.96
N GLY A 461 29.09 -12.16 -8.86
CA GLY A 461 28.97 -11.11 -7.86
C GLY A 461 29.31 -11.69 -6.50
N PHE A 462 30.05 -10.91 -5.71
CA PHE A 462 30.40 -11.29 -4.35
C PHE A 462 30.36 -10.07 -3.45
N ARG A 463 29.88 -10.27 -2.22
CA ARG A 463 29.82 -9.19 -1.24
C ARG A 463 30.82 -9.46 -0.11
N LEU A 464 31.53 -8.43 0.32
CA LEU A 464 32.50 -8.54 1.40
C LEU A 464 31.94 -7.97 2.70
N ASP A 465 32.42 -8.52 3.80
CA ASP A 465 31.98 -8.12 5.10
C ASP A 465 32.69 -6.83 5.42
N GLY A 466 31.97 -5.81 5.78
CA GLY A 466 30.56 -5.77 5.66
C GLY A 466 30.36 -4.52 4.84
N GLU A 467 30.71 -4.58 3.58
CA GLU A 467 30.35 -3.64 2.58
C GLU A 467 28.93 -3.95 2.19
N GLU A 468 28.16 -2.99 1.74
CA GLU A 468 26.80 -3.24 1.31
C GLU A 468 26.61 -3.59 -0.17
N ASP A 469 27.60 -3.36 -0.98
CA ASP A 469 27.41 -3.58 -2.37
C ASP A 469 28.08 -4.86 -2.76
N PHE A 470 27.43 -5.57 -3.64
CA PHE A 470 28.07 -6.67 -4.31
C PHE A 470 29.11 -6.15 -5.32
N ARG A 471 30.21 -6.86 -5.49
CA ARG A 471 31.24 -6.56 -6.49
C ARG A 471 31.04 -7.45 -7.70
N TYR A 472 30.62 -6.87 -8.82
CA TYR A 472 30.40 -7.65 -10.04
C TYR A 472 31.58 -7.55 -10.99
N VAL A 473 32.15 -8.72 -11.30
CA VAL A 473 33.34 -8.80 -12.14
C VAL A 473 33.23 -9.97 -13.11
N GLU A 474 33.85 -9.82 -14.28
CA GLU A 474 33.96 -10.94 -15.21
C GLU A 474 35.07 -11.88 -14.75
N GLY A 475 34.99 -13.14 -15.16
CA GLY A 475 36.02 -14.11 -14.83
C GLY A 475 37.34 -13.73 -15.48
N GLU A 476 38.37 -14.51 -15.17
CA GLU A 476 39.72 -14.22 -15.62
C GLU A 476 40.22 -15.33 -16.53
N GLN A 477 39.94 -16.57 -16.14
CA GLN A 477 40.35 -17.73 -16.91
C GLN A 477 39.11 -18.51 -17.35
N ARG A 478 38.98 -18.70 -18.66
CA ARG A 478 37.83 -19.36 -19.25
C ARG A 478 38.19 -20.74 -19.78
N GLU A 479 37.32 -21.71 -19.53
CA GLU A 479 37.45 -23.05 -20.09
C GLU A 479 36.13 -23.52 -20.68
N SER A 480 36.20 -24.22 -21.81
CA SER A 480 35.02 -24.79 -22.44
C SER A 480 34.93 -26.28 -22.17
N ILE A 481 33.80 -26.69 -21.60
CA ILE A 481 33.58 -28.07 -21.18
C ILE A 481 32.24 -28.52 -21.74
N ASN A 482 32.29 -29.36 -22.77
CA ASN A 482 31.09 -29.92 -23.41
C ASN A 482 29.98 -28.89 -23.67
N GLY A 483 30.37 -27.73 -24.22
CA GLY A 483 29.43 -26.66 -24.52
C GLY A 483 29.12 -25.71 -23.38
N TRP A 484 29.65 -26.01 -22.19
CA TRP A 484 29.52 -25.13 -21.02
C TRP A 484 30.77 -24.27 -20.85
N THR A 485 30.58 -23.05 -20.36
CA THR A 485 31.68 -22.13 -20.09
C THR A 485 31.98 -22.08 -18.59
N GLN A 486 33.23 -22.38 -18.23
CA GLN A 486 33.66 -22.30 -16.84
C GLN A 486 34.67 -21.16 -16.66
N TRP A 487 34.30 -20.19 -15.84
CA TRP A 487 35.19 -19.10 -15.44
C TRP A 487 35.85 -19.37 -14.09
N THR A 488 37.09 -18.88 -13.94
CA THR A 488 37.81 -18.89 -12.68
C THR A 488 38.26 -17.47 -12.35
N LEU A 489 37.97 -17.04 -11.12
CA LEU A 489 38.40 -15.74 -10.63
C LEU A 489 39.16 -15.92 -9.32
N PRO A 490 40.50 -15.82 -9.37
CA PRO A 490 41.31 -15.85 -8.16
C PRO A 490 40.93 -14.73 -7.19
N LEU A 491 40.95 -15.03 -5.89
CA LEU A 491 40.58 -14.05 -4.89
C LEU A 491 41.74 -13.74 -3.93
N ASP A 492 42.97 -14.01 -4.38
CA ASP A 492 44.17 -13.75 -3.58
C ASP A 492 44.27 -12.30 -3.13
N ALA A 493 43.80 -11.39 -3.98
CA ALA A 493 43.75 -9.96 -3.67
C ALA A 493 42.88 -9.59 -2.47
N PHE A 494 41.96 -10.49 -2.10
CA PHE A 494 41.08 -10.26 -0.95
C PHE A 494 41.33 -11.20 0.22
N ALA A 495 42.51 -11.83 0.26
CA ALA A 495 42.88 -12.71 1.37
C ALA A 495 42.76 -11.98 2.72
N GLY A 496 42.18 -12.66 3.71
CA GLY A 496 41.92 -12.05 5.01
C GLY A 496 40.54 -11.44 5.12
N GLN A 497 39.83 -11.38 4.00
CA GLN A 497 38.46 -10.88 3.96
C GLN A 497 37.45 -12.04 4.05
N THR A 498 36.17 -11.70 4.24
CA THR A 498 35.10 -12.69 4.30
C THR A 498 33.99 -12.34 3.30
N ILE A 499 33.68 -13.28 2.43
CA ILE A 499 32.53 -13.14 1.52
C ILE A 499 31.25 -13.38 2.30
N THR A 500 30.32 -12.44 2.20
CA THR A 500 29.04 -12.54 2.91
C THR A 500 27.84 -12.76 1.98
N GLY A 501 28.09 -12.74 0.67
CA GLY A 501 27.05 -13.04 -0.32
C GLY A 501 27.56 -13.33 -1.73
N LEU A 502 26.77 -14.11 -2.47
CA LEU A 502 27.09 -14.49 -3.85
C LEU A 502 25.94 -14.16 -4.80
N ALA A 503 26.29 -13.64 -5.97
CA ALA A 503 25.34 -13.19 -6.99
C ALA A 503 25.85 -13.40 -8.41
N PHE A 504 25.00 -13.13 -9.40
CA PHE A 504 25.41 -13.11 -10.80
C PHE A 504 24.90 -11.85 -11.47
N ALA A 505 25.56 -11.44 -12.56
CA ALA A 505 25.13 -10.28 -13.32
C ALA A 505 25.36 -10.43 -14.82
N ALA A 506 24.53 -9.75 -15.61
CA ALA A 506 24.62 -9.80 -17.07
C ALA A 506 24.34 -8.44 -17.71
N GLU A 507 24.81 -8.30 -18.95
CA GLU A 507 24.52 -7.13 -19.79
C GLU A 507 23.76 -7.57 -21.04
N GLY A 508 22.74 -6.80 -21.40
CA GLY A 508 21.97 -7.08 -22.60
C GLY A 508 22.76 -6.73 -23.85
N ASN A 509 22.57 -7.51 -24.89
CA ASN A 509 23.18 -7.22 -26.18
C ASN A 509 22.14 -6.90 -27.25
N GLU A 510 22.60 -6.78 -28.49
CA GLU A 510 21.76 -6.46 -29.64
C GLU A 510 20.48 -7.31 -29.71
N THR A 511 20.62 -8.59 -29.34
CA THR A 511 19.51 -9.55 -29.31
C THR A 511 18.32 -9.06 -28.47
N GLY A 512 18.61 -8.41 -27.34
CA GLY A 512 17.57 -7.98 -26.41
C GLY A 512 17.01 -9.12 -25.56
N LEU A 513 17.66 -10.29 -25.65
CA LEU A 513 17.22 -11.50 -24.96
C LEU A 513 18.39 -12.10 -24.17
N ALA A 514 18.07 -12.70 -23.03
CA ALA A 514 19.05 -13.42 -22.22
C ALA A 514 18.47 -14.74 -21.74
N GLU A 515 19.29 -15.79 -21.78
CA GLU A 515 18.89 -17.11 -21.32
C GLU A 515 20.09 -17.88 -20.78
N PHE A 516 20.24 -17.87 -19.47
CA PHE A 516 21.33 -18.55 -18.80
C PHE A 516 20.90 -19.84 -18.14
N TYR A 517 21.78 -20.83 -18.21
CA TYR A 517 21.68 -22.02 -17.39
C TYR A 517 22.99 -22.13 -16.63
N THR A 518 22.93 -22.01 -15.30
CA THR A 518 24.14 -22.11 -14.49
C THR A 518 24.15 -23.42 -13.69
N GLY A 519 25.26 -24.15 -13.79
CA GLY A 519 25.32 -25.54 -13.35
C GLY A 519 26.36 -25.84 -12.29
N GLN A 520 27.17 -24.85 -11.97
CA GLN A 520 28.07 -24.88 -10.84
C GLN A 520 28.47 -23.50 -10.39
N LEU A 521 28.74 -23.38 -9.12
CA LEU A 521 29.24 -22.17 -8.50
C LEU A 521 30.02 -22.65 -7.26
N ALA A 522 31.23 -22.12 -7.08
CA ALA A 522 32.09 -22.57 -5.98
C ALA A 522 33.07 -21.50 -5.50
N VAL A 523 33.35 -21.54 -4.20
CA VAL A 523 34.41 -20.75 -3.57
C VAL A 523 35.38 -21.73 -2.90
N GLY A 524 36.64 -21.73 -3.33
CA GLY A 524 37.65 -22.58 -2.73
C GLY A 524 38.78 -22.93 -3.66
N PRO A 530 40.71 -37.51 -4.71
CA PRO A 530 40.39 -38.68 -3.90
C PRO A 530 40.99 -39.96 -4.47
N ALA A 531 41.30 -40.90 -3.58
CA ALA A 531 41.78 -42.23 -4.00
C ALA A 531 40.64 -43.02 -4.63
N ALA A 532 41.01 -43.94 -5.53
CA ALA A 532 40.07 -44.92 -6.02
C ALA A 532 39.49 -45.67 -4.81
N PRO A 533 38.16 -45.81 -4.76
CA PRO A 533 37.52 -46.43 -3.58
C PRO A 533 37.82 -47.93 -3.47
N ASN A 534 38.20 -48.36 -2.26
CA ASN A 534 38.38 -49.78 -1.98
C ASN A 534 36.99 -50.45 -1.92
N VAL A 535 36.65 -51.19 -2.98
CA VAL A 535 35.29 -51.71 -3.16
C VAL A 535 35.22 -53.23 -3.02
N ASN A 536 34.19 -53.70 -2.32
CA ASN A 536 33.94 -55.12 -2.13
C ASN A 536 32.51 -55.50 -2.51
N VAL A 537 32.39 -56.55 -3.31
CA VAL A 537 31.09 -57.07 -3.71
C VAL A 537 30.57 -58.03 -2.64
N ARG A 538 29.43 -57.69 -2.05
CA ARG A 538 28.86 -58.45 -0.95
C ARG A 538 27.43 -58.91 -1.23
N GLN A 539 27.06 -60.03 -0.63
CA GLN A 539 25.67 -60.50 -0.62
C GLN A 539 24.76 -59.47 0.02
N TYR A 540 23.58 -59.29 -0.56
CA TYR A 540 22.48 -58.62 0.12
C TYR A 540 21.42 -59.70 0.37
N ASP A 541 21.42 -60.21 1.61
CA ASP A 541 20.70 -61.45 1.96
C ASP A 541 19.24 -61.53 1.53
N PRO A 542 18.44 -60.45 1.75
CA PRO A 542 17.03 -60.57 1.33
C PRO A 542 16.82 -60.73 -0.18
N ASP A 543 17.81 -60.35 -0.99
CA ASP A 543 17.70 -60.49 -2.43
C ASP A 543 18.90 -61.24 -3.04
N PRO A 544 18.73 -62.52 -3.27
CA PRO A 544 19.71 -63.45 -3.82
C PRO A 544 20.20 -63.15 -5.21
N SER A 545 19.40 -62.53 -6.04
CA SER A 545 19.88 -62.18 -7.39
C SER A 545 20.45 -60.75 -7.52
N GLY A 546 20.56 -60.13 -6.38
CA GLY A 546 20.98 -58.76 -6.15
C GLY A 546 22.35 -58.77 -5.51
N ILE A 547 23.02 -57.62 -5.49
CA ILE A 547 24.31 -57.46 -4.84
C ILE A 547 24.34 -56.14 -4.09
N GLN A 548 25.35 -55.98 -3.24
CA GLN A 548 25.69 -54.66 -2.73
C GLN A 548 27.19 -54.41 -2.90
N LEU A 549 27.54 -53.16 -3.18
CA LEU A 549 28.93 -52.75 -3.23
C LEU A 549 29.23 -51.99 -1.95
N VAL A 550 30.29 -52.39 -1.25
CA VAL A 550 30.64 -51.78 0.01
C VAL A 550 32.08 -51.29 -0.06
N TRP A 551 32.30 -50.08 0.40
CA TRP A 551 33.59 -49.44 0.39
C TRP A 551 33.81 -48.75 1.72
N GLU A 552 34.96 -48.20 1.96
CA GLU A 552 35.18 -47.49 3.21
C GLU A 552 35.28 -46.00 3.12
N ASN A 556 36.30 -36.71 3.06
CA ASN A 556 36.92 -36.38 1.79
C ASN A 556 35.95 -36.41 0.60
N VAL A 557 34.93 -37.28 0.71
CA VAL A 557 34.10 -37.65 -0.44
C VAL A 557 32.67 -37.11 -0.31
N HIS A 558 32.21 -36.41 -1.35
CA HIS A 558 30.83 -35.95 -1.41
C HIS A 558 29.88 -37.12 -1.69
N HIS A 559 30.11 -37.85 -2.78
CA HIS A 559 29.32 -39.02 -3.10
C HIS A 559 30.08 -39.98 -4.01
N TYR A 560 29.54 -41.17 -4.17
CA TYR A 560 30.10 -42.16 -5.08
C TYR A 560 29.17 -42.34 -6.28
N ARG A 561 29.77 -42.62 -7.44
CA ARG A 561 29.02 -42.84 -8.68
C ARG A 561 29.36 -44.20 -9.25
N VAL A 562 28.33 -44.97 -9.60
CA VAL A 562 28.52 -46.31 -10.16
C VAL A 562 28.16 -46.32 -11.64
N TYR A 563 29.16 -46.53 -12.49
CA TYR A 563 28.99 -46.60 -13.93
C TYR A 563 29.08 -48.04 -14.41
N LYS A 564 28.27 -48.40 -15.40
CA LYS A 564 28.45 -49.69 -16.07
C LYS A 564 28.78 -49.51 -17.55
N GLU A 565 29.57 -50.43 -18.07
CA GLU A 565 29.97 -50.45 -19.48
C GLU A 565 28.82 -50.87 -20.38
N THR A 566 28.59 -50.11 -21.44
CA THR A 566 27.59 -50.47 -22.46
C THR A 566 28.16 -50.30 -23.87
N LYS A 567 27.38 -50.76 -24.83
CA LYS A 567 27.67 -50.60 -26.23
C LYS A 567 27.47 -49.19 -26.68
N HIS A 568 26.87 -48.37 -25.83
CA HIS A 568 26.72 -46.97 -26.06
C HIS A 568 27.57 -46.01 -25.23
N GLY A 569 28.60 -46.51 -24.58
CA GLY A 569 29.46 -45.74 -23.70
C GLY A 569 29.11 -45.99 -22.24
N LYS A 570 29.79 -45.35 -21.33
CA LYS A 570 29.53 -45.58 -19.90
C LYS A 570 28.14 -45.06 -19.52
N GLU A 571 27.41 -45.88 -18.77
CA GLU A 571 26.13 -45.50 -18.18
C GLU A 571 26.10 -45.41 -16.63
N LEU A 572 25.63 -44.31 -16.11
CA LEU A 572 25.42 -44.15 -14.70
C LEU A 572 24.25 -45.01 -14.22
N ILE A 573 24.54 -45.92 -13.32
CA ILE A 573 23.49 -46.79 -12.82
C ILE A 573 23.23 -46.63 -11.32
N GLY A 574 24.01 -45.78 -10.66
CA GLY A 574 23.83 -45.56 -9.23
C GLY A 574 24.67 -44.47 -8.62
N THR A 575 24.14 -43.87 -7.56
CA THR A 575 24.83 -42.86 -6.78
C THR A 575 24.60 -43.14 -5.30
N SER A 576 25.60 -42.82 -4.48
CA SER A 576 25.50 -43.06 -3.04
C SER A 576 26.34 -42.07 -2.25
N ALA A 577 25.74 -41.50 -1.21
CA ALA A 577 26.46 -40.63 -0.28
C ALA A 577 26.82 -41.36 1.02
N GLY A 578 26.64 -42.69 1.02
CA GLY A 578 26.96 -43.53 2.17
C GLY A 578 28.19 -44.41 1.95
N ASP A 579 28.19 -45.58 2.57
CA ASP A 579 29.32 -46.50 2.45
C ASP A 579 29.02 -47.68 1.50
N ARG A 580 27.82 -47.68 0.93
CA ARG A 580 27.39 -48.78 0.06
C ARG A 580 26.29 -48.40 -0.92
N ILE A 581 25.98 -49.34 -1.81
CA ILE A 581 24.84 -49.23 -2.71
C ILE A 581 24.33 -50.64 -3.08
N TYR A 582 23.01 -50.78 -3.16
CA TYR A 582 22.41 -52.01 -3.65
C TYR A 582 22.11 -51.89 -5.14
N ILE A 583 22.46 -52.93 -5.89
CA ILE A 583 22.17 -53.00 -7.33
C ILE A 583 21.40 -54.29 -7.65
N GLU A 584 20.24 -54.14 -8.27
CA GLU A 584 19.41 -55.28 -8.67
C GLU A 584 19.94 -55.92 -9.94
N GLY A 585 19.82 -57.22 -9.97
CA GLY A 585 20.18 -58.09 -11.05
C GLY A 585 21.52 -58.00 -11.73
N LEU A 586 22.62 -58.06 -11.03
CA LEU A 586 23.81 -57.99 -11.82
C LEU A 586 24.34 -59.38 -12.13
N GLU A 588 22.64 -61.48 -15.24
CA GLU A 588 23.39 -60.64 -16.15
C GLU A 588 24.89 -60.92 -16.01
N VAL A 595 29.65 -58.19 -17.26
CA VAL A 595 29.31 -56.98 -16.51
C VAL A 595 30.55 -56.35 -15.87
N ARG A 596 30.96 -55.21 -16.41
CA ARG A 596 32.07 -54.44 -15.86
C ARG A 596 31.58 -53.14 -15.27
N LEU A 597 31.90 -52.92 -14.00
CA LEU A 597 31.49 -51.71 -13.29
C LEU A 597 32.67 -50.79 -12.99
N HIS A 598 32.37 -49.49 -12.92
CA HIS A 598 33.37 -48.48 -12.55
C HIS A 598 32.80 -47.60 -11.45
N ILE A 599 33.50 -47.57 -10.32
CA ILE A 599 33.09 -46.80 -9.15
C ILE A 599 34.09 -45.69 -8.87
N GLU A 600 33.62 -44.45 -8.91
CA GLU A 600 34.45 -43.30 -8.60
C GLU A 600 33.95 -42.57 -7.37
N ALA A 601 34.90 -42.01 -6.63
CA ALA A 601 34.61 -41.13 -5.52
C ALA A 601 34.77 -39.70 -6.01
N LEU A 602 33.75 -38.87 -5.80
CA LEU A 602 33.86 -37.44 -6.09
C LEU A 602 34.10 -36.67 -4.79
N SER A 603 35.07 -35.75 -4.82
CA SER A 603 35.38 -34.93 -3.65
C SER A 603 34.33 -33.85 -3.45
N GLU A 604 34.47 -33.08 -2.37
CA GLU A 604 33.60 -31.92 -2.11
C GLU A 604 33.69 -30.89 -3.23
N THR A 605 34.83 -30.89 -3.94
CA THR A 605 35.04 -29.99 -5.08
C THR A 605 34.58 -30.64 -6.39
N PHE A 606 34.06 -31.87 -6.27
CA PHE A 606 33.61 -32.66 -7.42
C PHE A 606 34.75 -33.12 -8.34
N VAL A 607 35.96 -33.23 -7.77
CA VAL A 607 37.07 -33.86 -8.45
C VAL A 607 36.88 -35.38 -8.33
N PRO A 608 36.79 -36.08 -9.48
CA PRO A 608 36.59 -37.51 -9.41
C PRO A 608 37.91 -38.25 -9.20
N SER A 609 37.85 -39.35 -8.45
CA SER A 609 38.97 -40.26 -8.29
C SER A 609 39.11 -41.07 -9.58
N ASP A 610 40.15 -41.85 -9.67
CA ASP A 610 40.22 -42.86 -10.69
C ASP A 610 39.11 -43.88 -10.38
N ALA A 611 38.54 -44.47 -11.42
CA ALA A 611 37.50 -45.47 -11.25
C ALA A 611 38.12 -46.78 -10.73
N ARG A 612 37.45 -47.37 -9.75
CA ARG A 612 37.78 -48.74 -9.35
C ARG A 612 36.97 -49.66 -10.23
N MET A 613 37.65 -50.54 -10.94
CA MET A 613 37.02 -51.49 -11.85
C MET A 613 36.58 -52.71 -11.06
N ILE A 614 35.34 -53.08 -11.24
CA ILE A 614 34.79 -54.25 -10.63
C ILE A 614 34.18 -55.14 -11.67
N ASP A 615 34.48 -56.41 -11.62
CA ASP A 615 33.88 -57.38 -12.51
C ASP A 615 32.91 -58.26 -11.75
N THR B 2 0.91 54.06 15.20
CA THR B 2 2.06 53.57 14.38
C THR B 2 3.27 53.25 15.25
N TYR B 3 4.05 52.26 14.82
CA TYR B 3 5.24 51.84 15.55
C TYR B 3 6.40 52.78 15.26
N ASN B 4 7.04 53.28 16.32
CA ASN B 4 8.12 54.24 16.18
C ASN B 4 9.45 53.76 16.76
N GLY B 5 9.55 52.46 16.99
CA GLY B 5 10.75 51.87 17.57
C GLY B 5 11.73 51.32 16.55
N PRO B 6 12.77 50.61 17.03
CA PRO B 6 13.83 50.02 16.22
C PRO B 6 13.30 49.05 15.19
N LEU B 7 13.92 49.06 14.01
CA LEU B 7 13.51 48.21 12.91
C LEU B 7 14.68 47.36 12.43
N SER B 8 14.35 46.16 11.95
CA SER B 8 15.32 45.29 11.32
C SER B 8 15.91 46.00 10.09
N SER B 9 17.22 45.90 9.92
CA SER B 9 17.94 46.62 8.86
C SER B 9 17.68 46.11 7.45
N HIS B 10 17.97 46.93 6.53
CA HIS B 10 17.91 46.66 5.10
C HIS B 10 18.50 47.87 4.38
N TRP B 11 19.34 47.51 3.28
CA TRP B 11 20.16 48.51 2.61
C TRP B 11 20.12 48.39 1.09
N PHE B 12 20.34 49.52 0.44
CA PHE B 12 20.78 49.55 -0.94
C PHE B 12 22.30 49.68 -0.85
N PRO B 13 23.04 49.29 -1.91
CA PRO B 13 24.49 49.28 -1.81
C PRO B 13 25.13 50.55 -1.23
N GLU B 14 24.63 51.73 -1.60
CA GLU B 14 25.24 52.98 -1.13
C GLU B 14 24.90 53.36 0.32
N GLU B 15 23.79 52.82 0.81
CA GLU B 15 23.44 52.93 2.23
C GLU B 15 24.36 52.05 3.06
N LEU B 16 24.58 50.82 2.60
CA LEU B 16 25.46 49.87 3.28
C LEU B 16 26.90 50.40 3.38
N ALA B 17 27.38 50.99 2.28
CA ALA B 17 28.74 51.54 2.20
C ALA B 17 29.11 52.50 3.33
N GLN B 18 28.12 53.28 3.78
CA GLN B 18 28.35 54.19 4.91
C GLN B 18 27.67 53.76 6.22
N TRP B 19 27.22 52.51 6.28
CA TRP B 19 26.63 51.96 7.50
C TRP B 19 27.69 51.75 8.57
N GLU B 20 27.50 52.34 9.74
CA GLU B 20 28.36 52.09 10.88
C GLU B 20 27.51 51.73 12.12
N PRO B 21 27.74 50.55 12.69
CA PRO B 21 27.00 50.03 13.83
C PRO B 21 26.91 51.02 15.00
N ASP B 22 28.02 51.68 15.28
CA ASP B 22 28.11 52.60 16.43
C ASP B 22 27.27 53.88 16.28
N SER B 23 26.86 54.20 15.05
CA SER B 23 26.04 55.38 14.79
C SER B 23 24.57 55.03 14.53
N ASP B 24 24.32 53.79 14.13
CA ASP B 24 22.97 53.30 13.88
C ASP B 24 22.25 53.07 15.23
N PRO B 25 21.19 53.86 15.49
CA PRO B 25 20.41 53.71 16.72
C PRO B 25 19.69 52.36 16.84
N ASP B 26 19.44 51.71 15.71
CA ASP B 26 18.75 50.43 15.66
C ASP B 26 19.66 49.22 15.73
N ALA B 27 20.94 49.42 15.36
CA ALA B 27 21.91 48.32 15.27
C ALA B 27 21.99 47.43 16.52
N PRO B 28 22.07 48.03 17.73
CA PRO B 28 22.17 47.18 18.93
C PRO B 28 20.92 46.32 19.16
N PHE B 29 19.76 46.78 18.71
CA PHE B 29 18.50 46.01 18.82
C PHE B 29 18.45 44.83 17.85
N ASN B 30 19.28 44.88 16.80
CA ASN B 30 19.28 43.88 15.74
C ASN B 30 20.35 42.80 15.91
N ARG B 31 21.12 42.89 16.99
CA ARG B 31 22.13 41.88 17.30
C ARG B 31 21.46 40.67 17.94
N SER B 32 21.79 39.49 17.44
CA SER B 32 21.38 38.25 18.07
C SER B 32 22.32 37.97 19.23
N HIS B 33 21.77 37.52 20.36
CA HIS B 33 22.57 37.14 21.52
C HIS B 33 22.40 35.66 21.84
N VAL B 34 21.95 34.90 20.85
CA VAL B 34 21.79 33.46 20.97
C VAL B 34 22.70 32.81 19.93
N PRO B 35 23.85 32.27 20.38
CA PRO B 35 24.83 31.65 19.48
C PRO B 35 24.29 30.40 18.82
N LEU B 36 24.88 30.04 17.68
CA LEU B 36 24.51 28.82 16.97
C LEU B 36 24.84 27.60 17.82
N GLU B 37 23.83 26.77 18.09
CA GLU B 37 24.03 25.52 18.81
C GLU B 37 24.78 24.50 17.94
N PRO B 38 25.95 24.04 18.39
CA PRO B 38 26.75 23.05 17.67
C PRO B 38 26.18 21.63 17.76
N ARG B 40 23.88 19.02 17.01
CA ARG B 40 22.58 18.39 16.82
C ARG B 40 22.71 16.87 16.73
N VAL B 41 21.70 16.18 17.23
CA VAL B 41 21.62 14.73 17.12
C VAL B 41 20.43 14.35 16.22
N ALA B 42 20.58 13.30 15.42
CA ALA B 42 19.55 12.88 14.49
C ALA B 42 18.74 11.71 15.01
N ASN B 43 17.51 11.54 14.52
CA ASN B 43 16.68 10.40 14.88
C ASN B 43 16.84 9.28 13.86
N ARG B 44 16.19 8.14 14.12
CA ARG B 44 16.25 6.97 13.25
C ARG B 44 14.85 6.44 12.98
N VAL B 45 13.86 7.32 13.14
CA VAL B 45 12.46 6.93 13.19
C VAL B 45 11.87 6.54 11.83
N ASN B 46 12.34 7.19 10.76
CA ASN B 46 11.90 6.88 9.42
C ASN B 46 12.93 6.01 8.70
N ALA B 47 12.49 4.83 8.25
CA ALA B 47 13.37 3.84 7.63
C ALA B 47 13.89 4.28 6.26
N ASN B 48 13.09 5.07 5.54
CA ASN B 48 13.45 5.55 4.21
C ASN B 48 14.48 6.68 4.23
N ALA B 49 14.49 7.46 5.27
CA ALA B 49 15.31 8.64 5.40
C ALA B 49 16.76 8.28 5.34
N ASP B 50 17.57 9.15 4.75
CA ASP B 50 19.00 8.93 4.58
C ASP B 50 19.85 10.13 5.02
N LYS B 51 21.15 9.91 5.23
CA LYS B 51 21.99 10.92 5.87
C LYS B 51 22.88 11.78 4.96
N ASP B 52 22.72 11.63 3.63
CA ASP B 52 23.58 12.34 2.67
C ASP B 52 23.04 13.72 2.26
N ALA B 53 21.80 13.77 1.81
CA ALA B 53 21.20 15.02 1.34
C ALA B 53 20.95 16.00 2.47
N HIS B 54 21.14 17.29 2.16
CA HIS B 54 20.80 18.35 3.09
C HIS B 54 19.57 19.10 2.58
N LEU B 55 18.98 19.93 3.43
CA LEU B 55 17.81 20.70 3.06
C LEU B 55 18.00 22.16 3.43
N VAL B 56 17.94 23.03 2.41
CA VAL B 56 17.86 24.48 2.65
C VAL B 56 16.44 24.96 2.49
N SER B 57 16.05 25.88 3.37
CA SER B 57 14.74 26.50 3.29
C SER B 57 14.89 27.99 2.95
N LEU B 58 14.20 28.42 1.90
CA LEU B 58 14.15 29.85 1.55
C LEU B 58 12.79 30.38 1.98
N SER B 59 12.72 30.85 3.22
CA SER B 59 11.45 31.25 3.82
C SER B 59 11.39 32.75 4.07
N ALA B 60 10.27 33.35 3.69
CA ALA B 60 9.94 34.71 4.06
C ALA B 60 9.42 34.69 5.50
N LEU B 61 10.35 34.64 6.44
CA LEU B 61 10.03 34.56 7.87
C LEU B 61 9.38 35.84 8.37
N ASN B 62 9.60 36.91 7.63
CA ASN B 62 8.85 38.15 7.74
C ASN B 62 8.31 38.49 6.35
N ARG B 63 7.00 38.71 6.26
CA ARG B 63 6.33 38.95 4.98
C ARG B 63 6.92 40.12 4.21
N HIS B 64 7.24 41.21 4.91
CA HIS B 64 7.83 42.38 4.28
C HIS B 64 9.27 42.60 4.73
N THR B 65 10.07 43.16 3.82
CA THR B 65 11.45 43.54 4.12
C THR B 65 11.51 44.68 5.13
N SER B 66 10.73 45.74 4.88
CA SER B 66 10.72 46.93 5.71
C SER B 66 9.63 46.90 6.78
N GLY B 67 9.78 47.73 7.81
CA GLY B 67 8.77 47.86 8.86
C GLY B 67 8.71 46.69 9.83
N VAL B 68 9.80 45.92 9.90
CA VAL B 68 9.88 44.76 10.79
C VAL B 68 10.50 45.17 12.13
N PRO B 69 9.68 45.22 13.20
CA PRO B 69 10.22 45.55 14.53
C PRO B 69 11.40 44.66 14.88
N SER B 70 12.41 45.24 15.53
CA SER B 70 13.65 44.52 15.82
C SER B 70 13.47 43.26 16.67
N GLN B 71 12.59 43.33 17.67
CA GLN B 71 12.53 42.32 18.74
C GLN B 71 11.12 41.78 19.03
N GLY B 72 10.30 41.65 17.99
CA GLY B 72 8.93 41.16 18.16
C GLY B 72 7.90 42.27 18.14
N ALA B 73 6.63 41.89 18.18
CA ALA B 73 5.52 42.83 18.04
C ALA B 73 4.24 42.28 18.70
N PRO B 74 3.29 43.18 19.05
CA PRO B 74 2.03 42.74 19.65
C PRO B 74 1.06 42.14 18.61
N VAL B 75 1.51 41.09 17.94
CA VAL B 75 0.73 40.42 16.91
C VAL B 75 0.89 38.91 17.06
N PHE B 76 -0.24 38.24 17.29
CA PHE B 76 -0.29 36.78 17.44
C PHE B 76 0.04 36.07 16.13
N TYR B 77 -0.60 36.49 15.04
CA TYR B 77 -0.40 35.80 13.78
C TYR B 77 0.86 36.26 13.06
N GLU B 78 1.95 35.57 13.35
CA GLU B 78 3.28 35.87 12.81
C GLU B 78 3.92 34.54 12.43
N ASN B 79 4.86 34.57 11.48
CA ASN B 79 5.42 33.33 10.94
C ASN B 79 6.35 32.64 11.94
N THR B 80 5.75 31.81 12.81
CA THR B 80 6.49 31.09 13.86
C THR B 80 6.87 29.67 13.42
N PHE B 81 7.55 29.61 12.27
CA PHE B 81 8.10 28.36 11.74
C PHE B 81 8.68 27.46 12.85
N SER B 82 8.34 26.18 12.82
CA SER B 82 8.71 25.26 13.90
C SER B 82 9.31 23.95 13.44
N TYR B 83 9.65 23.85 12.15
CA TYR B 83 10.22 22.63 11.62
C TYR B 83 11.70 22.76 11.31
N TRP B 84 12.38 23.51 12.18
CA TRP B 84 13.83 23.66 12.15
C TRP B 84 14.52 22.29 12.14
N HIS B 85 13.87 21.29 12.73
CA HIS B 85 14.44 19.94 12.84
C HIS B 85 14.67 19.18 11.52
N TYR B 86 14.00 19.58 10.44
CA TYR B 86 14.23 18.99 9.13
C TYR B 86 15.07 19.89 8.22
N THR B 87 15.47 21.05 8.75
CA THR B 87 16.20 22.05 8.02
C THR B 87 17.68 21.98 8.38
N ASP B 88 18.54 22.11 7.36
CA ASP B 88 19.98 22.18 7.57
C ASP B 88 20.53 23.59 7.46
N LEU B 89 19.84 24.41 6.68
CA LEU B 89 20.24 25.77 6.41
C LEU B 89 19.00 26.60 6.15
N MET B 90 18.94 27.78 6.76
CA MET B 90 17.81 28.68 6.57
C MET B 90 18.28 29.94 5.85
N VAL B 91 17.60 30.26 4.76
CA VAL B 91 17.81 31.53 4.08
C VAL B 91 16.63 32.46 4.35
N TYR B 92 16.94 33.63 4.91
CA TYR B 92 15.97 34.67 5.17
C TYR B 92 15.57 35.28 3.82
N TRP B 93 14.33 35.02 3.41
CA TRP B 93 13.86 35.48 2.12
C TRP B 93 13.29 36.89 2.24
N ALA B 94 13.98 37.84 1.61
CA ALA B 94 13.63 39.25 1.64
C ALA B 94 14.38 40.01 0.56
N GLY B 95 14.05 41.29 0.39
CA GLY B 95 14.70 42.11 -0.60
C GLY B 95 13.73 42.54 -1.70
N SER B 96 13.82 43.81 -2.08
CA SER B 96 13.02 44.36 -3.17
C SER B 96 13.66 45.65 -3.65
N ALA B 97 13.36 46.01 -4.90
CA ALA B 97 13.85 47.25 -5.51
C ALA B 97 13.34 48.49 -4.78
N GLY B 98 12.15 48.38 -4.20
CA GLY B 98 11.55 49.50 -3.46
C GLY B 98 12.03 49.67 -2.04
N GLU B 99 12.48 48.59 -1.40
CA GLU B 99 12.81 48.62 0.03
C GLU B 99 14.29 48.48 0.35
N GLY B 100 15.00 47.66 -0.40
CA GLY B 100 16.41 47.40 -0.16
C GLY B 100 16.75 46.01 -0.66
N ILE B 101 17.98 45.84 -1.12
CA ILE B 101 18.40 44.59 -1.77
C ILE B 101 19.38 43.76 -0.91
N ILE B 102 19.91 44.38 0.13
CA ILE B 102 20.76 43.69 1.10
C ILE B 102 20.00 43.64 2.42
N VAL B 103 19.67 42.44 2.87
CA VAL B 103 18.83 42.32 4.06
C VAL B 103 19.18 41.13 4.96
N PRO B 104 19.68 41.44 6.17
CA PRO B 104 20.01 40.44 7.18
C PRO B 104 18.74 39.86 7.80
N PRO B 105 18.83 38.66 8.41
CA PRO B 105 17.67 38.18 9.17
C PRO B 105 17.45 39.04 10.42
N SER B 106 16.20 39.19 10.85
CA SER B 106 15.90 39.89 12.10
C SER B 106 16.35 39.07 13.31
N ALA B 107 16.71 39.75 14.39
CA ALA B 107 17.31 39.11 15.57
C ALA B 107 16.45 37.98 16.19
N ASP B 108 15.14 38.18 16.24
CA ASP B 108 14.21 37.17 16.77
C ASP B 108 14.32 35.86 16.00
N VAL B 109 14.45 35.99 14.69
CA VAL B 109 14.49 34.85 13.79
C VAL B 109 15.86 34.16 13.83
N ILE B 110 16.93 34.95 13.92
CA ILE B 110 18.28 34.43 14.15
C ILE B 110 18.33 33.59 15.43
N ASP B 111 17.78 34.14 16.52
CA ASP B 111 17.69 33.44 17.81
C ASP B 111 17.02 32.08 17.70
N ALA B 112 15.81 32.05 17.13
CA ALA B 112 15.06 30.80 16.96
C ALA B 112 15.82 29.78 16.12
N SER B 113 16.39 30.26 15.01
CA SER B 113 17.21 29.41 14.15
C SER B 113 18.39 28.84 14.92
N HIS B 114 19.11 29.70 15.63
CA HIS B 114 20.30 29.30 16.38
C HIS B 114 20.04 28.31 17.52
N ARG B 115 18.93 28.50 18.24
CA ARG B 115 18.51 27.57 19.29
C ARG B 115 18.39 26.15 18.77
N ASN B 116 18.02 26.05 17.49
CA ASN B 116 17.81 24.78 16.84
C ASN B 116 19.00 24.30 16.03
N GLY B 117 20.13 24.99 16.18
CA GLY B 117 21.38 24.61 15.52
C GLY B 117 21.36 24.77 14.01
N VAL B 118 20.52 25.68 13.52
CA VAL B 118 20.38 25.92 12.09
C VAL B 118 21.07 27.24 11.73
N PRO B 119 22.11 27.18 10.88
CA PRO B 119 22.74 28.40 10.37
C PRO B 119 21.73 29.19 9.55
N ILE B 120 21.77 30.51 9.67
CA ILE B 120 20.82 31.36 8.97
C ILE B 120 21.56 32.42 8.15
N LEU B 121 21.12 32.59 6.90
CA LEU B 121 21.79 33.48 5.96
C LEU B 121 20.94 34.70 5.65
N GLY B 122 21.61 35.84 5.46
CA GLY B 122 20.96 37.04 4.97
C GLY B 122 20.79 36.93 3.47
N ASN B 123 20.13 37.93 2.90
CA ASN B 123 19.80 37.93 1.48
C ASN B 123 20.41 39.12 0.74
N VAL B 124 21.08 38.84 -0.37
CA VAL B 124 21.48 39.88 -1.32
C VAL B 124 20.73 39.58 -2.63
N PHE B 125 19.85 40.49 -3.01
CA PHE B 125 18.92 40.27 -4.12
C PHE B 125 19.03 41.36 -5.19
N PHE B 126 19.57 40.98 -6.35
CA PHE B 126 19.63 41.88 -7.49
C PHE B 126 18.41 41.61 -8.38
N PRO B 127 17.36 42.45 -8.25
CA PRO B 127 16.05 42.15 -8.82
C PRO B 127 16.00 42.14 -10.35
N PRO B 128 15.04 41.39 -10.93
CA PRO B 128 14.77 41.52 -12.37
C PRO B 128 14.40 42.97 -12.70
N THR B 129 14.79 43.44 -13.88
CA THR B 129 14.49 44.81 -14.29
C THR B 129 12.99 45.10 -14.33
N VAL B 130 12.20 44.07 -14.60
CA VAL B 130 10.73 44.16 -14.61
C VAL B 130 10.20 44.62 -13.24
N TYR B 131 10.91 44.24 -12.18
CA TYR B 131 10.51 44.61 -10.82
C TYR B 131 11.38 45.71 -10.22
N GLY B 132 11.96 46.55 -11.09
CA GLY B 132 12.74 47.72 -10.67
C GLY B 132 14.21 47.47 -10.40
N GLY B 133 14.72 46.32 -10.85
CA GLY B 133 16.13 45.99 -10.72
C GLY B 133 17.03 46.94 -11.50
N GLN B 134 18.19 47.25 -10.94
CA GLN B 134 19.14 48.17 -11.56
C GLN B 134 20.53 47.56 -11.65
N LEU B 135 21.09 47.54 -12.86
CA LEU B 135 22.47 47.12 -13.06
C LEU B 135 23.44 47.90 -12.19
N GLU B 136 23.16 49.19 -12.02
CA GLU B 136 23.98 50.07 -11.19
C GLU B 136 24.25 49.46 -9.80
N TRP B 137 23.21 48.90 -9.19
CA TRP B 137 23.33 48.29 -7.86
C TRP B 137 24.33 47.13 -7.86
N LEU B 138 24.26 46.31 -8.90
CA LEU B 138 25.22 45.22 -9.08
C LEU B 138 26.63 45.78 -9.22
N GLU B 139 26.78 46.78 -10.08
CA GLU B 139 28.09 47.40 -10.34
C GLU B 139 28.68 48.09 -9.10
N GLN B 140 27.80 48.65 -8.25
CA GLN B 140 28.22 49.26 -6.98
C GLN B 140 28.78 48.22 -6.01
N MET B 141 28.06 47.11 -5.87
CA MET B 141 28.49 45.98 -5.03
C MET B 141 29.82 45.41 -5.50
N LEU B 142 30.06 45.41 -6.80
CA LEU B 142 31.24 44.80 -7.39
C LEU B 142 32.45 45.73 -7.54
N GLU B 143 32.36 46.92 -6.94
CA GLU B 143 33.47 47.87 -6.94
C GLU B 143 34.69 47.32 -6.21
N GLN B 144 35.85 47.49 -6.82
CA GLN B 144 37.08 46.87 -6.36
C GLN B 144 38.15 47.93 -6.13
N GLU B 145 38.83 47.85 -5.00
CA GLU B 145 39.94 48.76 -4.70
C GLU B 145 41.23 48.28 -5.40
N GLU B 146 42.24 49.13 -5.41
CA GLU B 146 43.57 48.78 -5.92
C GLU B 146 44.08 47.49 -5.30
N ASP B 147 43.83 47.35 -4.00
CA ASP B 147 43.97 46.08 -3.26
C ASP B 147 43.52 44.84 -4.03
N GLY B 148 42.46 44.98 -4.81
CA GLY B 148 41.71 43.84 -5.32
C GLY B 148 40.56 43.52 -4.38
N SER B 149 40.54 44.20 -3.22
CA SER B 149 39.50 44.01 -2.21
C SER B 149 38.16 44.62 -2.62
N PHE B 150 37.07 44.04 -2.12
CA PHE B 150 35.73 44.54 -2.40
C PHE B 150 35.14 45.14 -1.11
N PRO B 151 35.08 46.48 -1.03
CA PRO B 151 34.61 47.19 0.17
C PRO B 151 33.20 46.77 0.63
N LEU B 152 32.33 46.48 -0.32
CA LEU B 152 30.95 46.10 0.01
C LEU B 152 30.84 44.62 0.39
N ALA B 153 31.83 43.82 -0.01
CA ALA B 153 31.98 42.45 0.51
C ALA B 153 32.41 42.50 1.98
N ASP B 154 33.32 43.43 2.30
CA ASP B 154 33.74 43.67 3.68
C ASP B 154 32.54 44.06 4.55
N LYS B 155 31.65 44.88 3.99
CA LYS B 155 30.45 45.33 4.69
C LYS B 155 29.47 44.19 4.97
N LEU B 156 29.31 43.30 4.00
CA LEU B 156 28.52 42.08 4.18
C LEU B 156 29.03 41.25 5.36
N LEU B 157 30.35 41.08 5.44
CA LEU B 157 30.97 40.29 6.51
C LEU B 157 30.88 41.00 7.86
N GLU B 158 30.91 42.33 7.84
CA GLU B 158 30.78 43.15 9.04
C GLU B 158 29.38 43.04 9.63
N VAL B 159 28.37 43.10 8.77
CA VAL B 159 26.97 42.94 9.15
C VAL B 159 26.72 41.58 9.79
N ALA B 160 27.22 40.52 9.15
CA ALA B 160 27.04 39.17 9.63
C ALA B 160 27.72 38.94 10.98
N ASP B 161 28.91 39.50 11.15
CA ASP B 161 29.64 39.40 12.41
C ASP B 161 28.97 40.18 13.54
N TYR B 162 28.52 41.40 13.24
CA TYR B 162 27.95 42.28 14.26
C TYR B 162 26.54 41.82 14.70
N TYR B 163 25.69 41.47 13.74
CA TYR B 163 24.34 40.97 14.05
C TYR B 163 24.33 39.51 14.46
N GLY B 164 25.38 38.77 14.11
CA GLY B 164 25.53 37.38 14.52
C GLY B 164 24.75 36.35 13.72
N PHE B 165 24.90 36.38 12.40
CA PHE B 165 24.36 35.31 11.55
C PHE B 165 25.47 34.71 10.66
N ASP B 166 25.10 33.73 9.83
CA ASP B 166 26.06 32.74 9.35
C ASP B 166 26.44 32.79 7.86
N GLY B 167 26.18 33.93 7.23
CA GLY B 167 26.53 34.08 5.82
C GLY B 167 25.44 34.73 4.98
N TRP B 168 25.56 34.53 3.67
CA TRP B 168 24.75 35.26 2.71
C TRP B 168 24.29 34.42 1.55
N PHE B 169 23.04 34.65 1.15
CA PHE B 169 22.48 34.07 -0.06
C PHE B 169 22.57 35.15 -1.13
N ILE B 170 23.25 34.85 -2.23
CA ILE B 170 23.45 35.80 -3.31
C ILE B 170 22.58 35.40 -4.49
N ASN B 171 21.66 36.29 -4.85
CA ASN B 171 20.72 36.05 -5.92
C ASN B 171 20.77 37.14 -6.98
N GLN B 172 21.48 36.86 -8.07
CA GLN B 172 21.67 37.82 -9.15
C GLN B 172 20.67 37.59 -10.29
N GLU B 173 19.66 38.44 -10.35
CA GLU B 173 18.60 38.31 -11.36
C GLU B 173 18.49 39.52 -12.30
N THR B 174 19.41 40.47 -12.18
CA THR B 174 19.38 41.68 -13.00
C THR B 174 20.00 41.44 -14.38
N GLU B 175 19.17 41.60 -15.42
CA GLU B 175 19.58 41.44 -16.81
C GLU B 175 20.50 42.56 -17.29
N GLY B 176 21.27 42.28 -18.36
CA GLY B 176 22.12 43.30 -18.99
C GLY B 176 23.58 43.28 -18.57
N ALA B 177 23.97 42.31 -17.77
CA ALA B 177 25.37 42.15 -17.36
C ALA B 177 26.18 41.50 -18.49
N ASP B 178 27.42 41.96 -18.65
CA ASP B 178 28.35 41.35 -19.61
C ASP B 178 29.34 40.41 -18.93
N GLU B 179 30.25 39.84 -19.71
CA GLU B 179 31.26 38.90 -19.20
C GLU B 179 32.22 39.53 -18.20
N GLY B 180 32.50 40.82 -18.36
CA GLY B 180 33.30 41.58 -17.40
C GLY B 180 32.65 41.61 -16.02
N THR B 181 31.34 41.84 -16.00
CA THR B 181 30.54 41.79 -14.78
C THR B 181 30.56 40.37 -14.18
N ALA B 182 30.34 39.37 -15.03
CA ALA B 182 30.36 37.97 -14.62
C ALA B 182 31.66 37.62 -13.89
N GLU B 183 32.80 37.97 -14.50
CA GLU B 183 34.12 37.72 -13.92
C GLU B 183 34.33 38.45 -12.60
N ALA B 184 33.82 39.68 -12.52
CA ALA B 184 33.86 40.48 -11.28
C ALA B 184 33.03 39.86 -10.16
N MET B 185 31.84 39.36 -10.52
CA MET B 185 31.01 38.61 -9.58
C MET B 185 31.76 37.39 -9.03
N GLN B 186 32.39 36.64 -9.92
CA GLN B 186 33.21 35.49 -9.54
C GLN B 186 34.31 35.87 -8.54
N ALA B 187 35.00 36.99 -8.83
CA ALA B 187 36.03 37.53 -7.94
C ALA B 187 35.49 37.99 -6.58
N PHE B 188 34.29 38.60 -6.61
CA PHE B 188 33.57 39.01 -5.40
C PHE B 188 33.31 37.80 -4.49
N LEU B 189 32.78 36.73 -5.08
CA LEU B 189 32.49 35.48 -4.36
C LEU B 189 33.75 34.80 -3.81
N VAL B 190 34.84 34.83 -4.59
CA VAL B 190 36.12 34.27 -4.17
C VAL B 190 36.69 35.08 -3.01
N TYR B 191 36.55 36.41 -3.11
CA TYR B 191 37.00 37.32 -2.07
C TYR B 191 36.28 37.06 -0.74
N LEU B 192 34.98 36.81 -0.82
CA LEU B 192 34.19 36.36 0.33
C LEU B 192 34.78 35.11 0.97
N GLN B 193 35.04 34.09 0.15
CA GLN B 193 35.63 32.83 0.62
C GLN B 193 36.95 33.04 1.34
N GLU B 194 37.73 33.93 0.79
CA GLU B 194 39.00 34.34 1.33
C GLU B 194 38.93 35.10 2.64
N GLN B 195 37.97 35.97 2.77
CA GLN B 195 37.80 36.80 3.94
C GLN B 195 36.81 36.35 5.02
N LYS B 196 35.92 35.44 4.73
CA LYS B 196 34.90 35.06 5.67
C LYS B 196 35.42 34.30 6.88
N PRO B 197 34.75 34.38 8.02
CA PRO B 197 35.14 33.55 9.16
C PRO B 197 34.86 32.09 8.86
N GLU B 198 35.54 31.19 9.58
CA GLU B 198 35.29 29.76 9.45
C GLU B 198 33.85 29.45 9.85
N GLY B 199 33.20 28.57 9.10
CA GLY B 199 31.81 28.22 9.37
C GLY B 199 30.79 29.06 8.62
N MET B 200 31.22 30.21 8.09
CA MET B 200 30.32 31.07 7.30
C MET B 200 30.01 30.45 5.94
N HIS B 201 28.75 30.58 5.52
CA HIS B 201 28.24 29.96 4.31
C HIS B 201 27.79 31.01 3.28
N ILE B 202 28.29 30.87 2.05
CA ILE B 202 27.85 31.71 0.93
C ILE B 202 27.15 30.83 -0.10
N MET B 203 25.86 31.08 -0.29
CA MET B 203 25.07 30.34 -1.26
C MET B 203 24.75 31.22 -2.46
N TRP B 204 24.90 30.66 -3.65
CA TRP B 204 24.66 31.37 -4.90
C TRP B 204 23.46 30.77 -5.62
N TYR B 205 22.57 31.61 -6.13
CA TYR B 205 21.45 31.13 -6.92
C TYR B 205 21.86 30.87 -8.38
N ASP B 206 21.45 29.72 -8.90
CA ASP B 206 21.63 29.33 -10.30
C ASP B 206 20.87 30.28 -11.24
N SER B 207 21.53 31.36 -11.67
CA SER B 207 20.92 32.34 -12.56
C SER B 207 21.83 32.98 -13.62
N MET B 208 22.79 33.81 -13.20
CA MET B 208 23.70 34.49 -14.12
C MET B 208 24.81 33.53 -14.54
N ILE B 209 24.91 33.30 -15.84
CA ILE B 209 25.91 32.36 -16.37
C ILE B 209 27.26 33.05 -16.63
N ASP B 210 28.20 32.30 -17.20
CA ASP B 210 29.56 32.79 -17.49
C ASP B 210 29.62 34.04 -18.37
N THR B 211 28.62 34.20 -19.24
CA THR B 211 28.55 35.35 -20.15
C THR B 211 27.95 36.60 -19.50
N GLY B 212 27.35 36.44 -18.32
CA GLY B 212 26.64 37.52 -17.66
C GLY B 212 25.13 37.47 -17.85
N ALA B 213 24.66 36.71 -18.82
CA ALA B 213 23.26 36.55 -19.08
C ALA B 213 22.47 35.77 -18.03
N ILE B 214 21.22 36.10 -17.87
CA ILE B 214 20.38 35.37 -16.97
C ILE B 214 19.84 34.16 -17.74
N ALA B 215 20.37 33.00 -17.46
CA ALA B 215 19.98 31.76 -18.10
C ALA B 215 20.03 30.65 -17.08
N TRP B 216 18.97 30.54 -16.28
CA TRP B 216 18.89 29.52 -15.24
C TRP B 216 19.09 28.16 -15.87
N GLN B 217 20.01 27.38 -15.31
CA GLN B 217 20.39 26.09 -15.87
C GLN B 217 19.56 24.93 -15.31
N ASN B 218 19.06 25.11 -14.09
CA ASN B 218 18.27 24.10 -13.36
C ASN B 218 19.10 22.87 -12.96
N HIS B 219 20.41 22.98 -13.20
CA HIS B 219 21.38 21.92 -12.99
C HIS B 219 22.72 22.60 -12.78
N LEU B 220 23.70 21.85 -12.29
CA LEU B 220 25.10 22.29 -12.36
C LEU B 220 25.61 21.93 -13.74
N THR B 221 26.04 22.95 -14.49
CA THR B 221 26.47 22.76 -15.88
C THR B 221 27.80 23.48 -16.12
N ASP B 222 28.30 23.41 -17.35
CA ASP B 222 29.51 24.15 -17.76
C ASP B 222 29.29 25.66 -17.82
N ARG B 223 28.02 26.07 -17.91
CA ARG B 223 27.64 27.49 -17.96
C ARG B 223 27.62 28.17 -16.58
N ASN B 224 27.47 27.39 -15.51
CA ASN B 224 27.39 27.96 -14.15
C ASN B 224 28.40 27.42 -13.13
N LYS B 225 29.17 26.39 -13.50
CA LYS B 225 30.11 25.75 -12.58
C LYS B 225 31.14 26.70 -11.94
N MET B 226 31.53 27.73 -12.68
CA MET B 226 32.54 28.70 -12.23
C MET B 226 32.09 29.58 -11.04
N TYR B 227 30.80 29.52 -10.72
CA TYR B 227 30.25 30.21 -9.54
C TYR B 227 30.25 29.34 -8.29
N LEU B 228 30.64 28.08 -8.44
CA LEU B 228 30.74 27.15 -7.31
C LEU B 228 32.20 26.81 -7.02
N GLN B 229 32.91 26.40 -8.06
CA GLN B 229 34.28 25.94 -7.98
C GLN B 229 34.93 26.18 -9.34
N ASN B 230 36.07 26.85 -9.36
CA ASN B 230 36.72 27.05 -10.65
C ASN B 230 37.75 25.96 -10.93
N GLY B 231 38.91 26.03 -10.28
CA GLY B 231 39.88 24.95 -10.36
C GLY B 231 40.06 24.39 -8.96
N SER B 232 41.15 24.81 -8.32
CA SER B 232 41.34 24.57 -6.89
C SER B 232 40.71 25.72 -6.09
N THR B 233 40.16 26.70 -6.81
CA THR B 233 39.52 27.86 -6.18
C THR B 233 38.06 27.60 -5.85
N ARG B 234 37.76 27.63 -4.55
CA ARG B 234 36.40 27.61 -4.04
C ARG B 234 35.77 28.97 -4.29
N VAL B 235 34.64 28.97 -5.01
CA VAL B 235 33.95 30.21 -5.36
C VAL B 235 32.74 30.46 -4.45
N ALA B 236 31.99 29.40 -4.16
CA ALA B 236 30.86 29.47 -3.23
C ALA B 236 30.74 28.16 -2.46
N ASP B 237 30.05 28.21 -1.32
CA ASP B 237 29.85 27.03 -0.50
C ASP B 237 28.79 26.09 -1.09
N SER B 238 27.85 26.67 -1.83
CA SER B 238 26.74 25.90 -2.39
C SER B 238 26.04 26.62 -3.53
N MET B 239 25.19 25.89 -4.25
CA MET B 239 24.37 26.48 -5.29
C MET B 239 22.92 26.03 -5.14
N PHE B 240 22.01 26.99 -5.22
CA PHE B 240 20.59 26.70 -5.28
C PHE B 240 20.22 26.60 -6.76
N LEU B 241 19.78 25.40 -7.18
CA LEU B 241 19.44 25.11 -8.57
C LEU B 241 18.02 25.52 -8.89
N ASN B 242 17.83 26.20 -10.02
CA ASN B 242 16.50 26.65 -10.45
C ASN B 242 15.54 25.48 -10.70
N PHE B 243 14.24 25.77 -10.74
CA PHE B 243 13.17 24.77 -10.58
C PHE B 243 12.91 23.79 -11.73
N TRP B 244 13.35 24.13 -12.95
CA TRP B 244 12.89 23.42 -14.13
C TRP B 244 13.76 22.22 -14.54
N TRP B 245 13.81 21.25 -13.63
CA TRP B 245 14.56 20.01 -13.83
C TRP B 245 13.63 18.81 -13.65
N ARG B 246 14.01 17.68 -14.25
CA ARG B 246 13.30 16.41 -14.03
C ARG B 246 14.23 15.36 -13.43
N ASP B 247 15.53 15.57 -13.57
CA ASP B 247 16.53 14.63 -13.07
C ASP B 247 17.81 15.39 -12.70
N GLN B 248 18.52 14.89 -11.68
CA GLN B 248 19.73 15.54 -11.18
C GLN B 248 21.01 14.69 -11.21
N ARG B 249 20.95 13.55 -11.91
CA ARG B 249 22.11 12.65 -12.00
C ARG B 249 23.36 13.34 -12.56
N GLN B 250 23.19 14.09 -13.65
CA GLN B 250 24.31 14.76 -14.30
C GLN B 250 24.92 15.89 -13.49
N SER B 251 24.12 16.53 -12.64
CA SER B 251 24.60 17.51 -11.68
C SER B 251 25.53 16.84 -10.67
N ASN B 252 25.08 15.70 -10.15
CA ASN B 252 25.84 14.86 -9.23
C ASN B 252 27.19 14.46 -9.84
N GLU B 253 27.14 13.89 -11.04
CA GLU B 253 28.33 13.49 -11.80
C GLU B 253 29.29 14.65 -12.07
N LEU B 254 28.76 15.80 -12.48
CA LEU B 254 29.58 16.98 -12.70
C LEU B 254 30.23 17.50 -11.42
N ALA B 255 29.47 17.51 -10.32
CA ALA B 255 29.99 17.93 -9.02
C ALA B 255 31.20 17.07 -8.61
N GLN B 256 31.07 15.76 -8.78
CA GLN B 256 32.14 14.80 -8.49
C GLN B 256 33.38 15.10 -9.33
N ALA B 257 33.18 15.38 -10.62
CA ALA B 257 34.25 15.75 -11.54
C ALA B 257 34.99 17.04 -11.13
N LEU B 258 34.28 17.94 -10.45
CA LEU B 258 34.87 19.18 -9.95
C LEU B 258 35.52 19.03 -8.57
N GLY B 259 35.41 17.84 -7.99
CA GLY B 259 35.92 17.58 -6.65
C GLY B 259 35.09 18.23 -5.55
N ARG B 260 33.78 18.27 -5.77
CA ARG B 260 32.83 18.87 -4.82
C ARG B 260 31.74 17.87 -4.44
N SER B 261 31.23 17.98 -3.21
CA SER B 261 30.08 17.18 -2.81
C SER B 261 28.86 17.54 -3.67
N PRO B 262 28.15 16.52 -4.18
CA PRO B 262 26.88 16.78 -4.88
C PRO B 262 25.84 17.40 -3.95
N TYR B 263 26.05 17.25 -2.65
CA TYR B 263 25.12 17.74 -1.65
C TYR B 263 25.33 19.21 -1.28
N ASP B 264 26.30 19.84 -1.93
CA ASP B 264 26.43 21.29 -1.93
C ASP B 264 25.54 21.89 -3.04
N LEU B 265 24.87 21.04 -3.79
CA LEU B 265 23.90 21.47 -4.80
C LEU B 265 22.50 21.23 -4.25
N TYR B 266 21.68 22.27 -4.24
CA TYR B 266 20.35 22.20 -3.67
C TYR B 266 19.30 22.37 -4.77
N ALA B 267 18.68 21.26 -5.14
CA ALA B 267 17.71 21.25 -6.25
C ALA B 267 16.42 21.92 -5.81
N GLY B 268 16.12 23.04 -6.47
CA GLY B 268 14.99 23.87 -6.10
C GLY B 268 13.63 23.28 -6.39
N VAL B 269 12.73 23.42 -5.42
CA VAL B 269 11.32 23.07 -5.60
C VAL B 269 10.51 24.30 -5.19
N ASP B 270 9.71 24.82 -6.12
CA ASP B 270 8.92 26.01 -5.87
C ASP B 270 7.54 25.65 -5.28
N VAL B 271 7.42 25.82 -3.97
CA VAL B 271 6.19 25.45 -3.26
C VAL B 271 5.34 26.66 -2.85
N GLU B 272 5.72 27.85 -3.34
CA GLU B 272 5.08 29.10 -2.92
C GLU B 272 3.54 29.09 -3.03
N ALA B 273 3.03 28.78 -4.20
CA ALA B 273 1.59 28.86 -4.47
C ALA B 273 0.76 27.73 -3.88
N ARG B 274 1.28 26.50 -3.96
CA ARG B 274 0.44 25.32 -3.73
C ARG B 274 0.88 24.42 -2.57
N GLY B 275 2.07 24.66 -2.04
CA GLY B 275 2.60 23.88 -0.91
C GLY B 275 2.59 22.39 -1.17
N THR B 276 1.77 21.66 -0.39
CA THR B 276 1.69 20.20 -0.52
C THR B 276 1.09 19.74 -1.86
N SER B 277 0.45 20.67 -2.57
CA SER B 277 -0.13 20.38 -3.87
C SER B 277 0.84 20.65 -5.03
N THR B 278 2.11 20.92 -4.70
CA THR B 278 3.14 21.16 -5.70
C THR B 278 3.56 19.84 -6.36
N PRO B 279 3.42 19.73 -7.70
CA PRO B 279 3.91 18.54 -8.41
C PRO B 279 5.44 18.51 -8.44
N VAL B 280 6.03 17.38 -8.05
CA VAL B 280 7.48 17.22 -8.01
C VAL B 280 7.85 15.83 -8.51
N GLN B 281 8.92 15.76 -9.31
CA GLN B 281 9.49 14.49 -9.75
C GLN B 281 10.52 14.01 -8.72
N TRP B 282 10.02 13.49 -7.59
CA TRP B 282 10.88 13.10 -6.47
C TRP B 282 11.96 12.09 -6.87
N GLU B 283 11.62 11.18 -7.77
CA GLU B 283 12.52 10.13 -8.26
C GLU B 283 13.75 10.71 -8.96
N GLY B 284 13.57 11.87 -9.60
CA GLY B 284 14.67 12.59 -10.24
C GLY B 284 15.66 13.19 -9.26
N LEU B 285 15.27 13.25 -7.99
CA LEU B 285 16.14 13.71 -6.92
C LEU B 285 16.50 12.56 -5.97
N PHE B 286 15.51 11.76 -5.62
CA PHE B 286 15.68 10.59 -4.74
C PHE B 286 15.37 9.29 -5.49
N PRO B 287 16.29 8.78 -6.28
CA PRO B 287 16.02 7.57 -7.04
C PRO B 287 15.83 6.31 -6.14
N GLU B 288 15.12 5.28 -6.57
CA GLU B 288 14.95 4.13 -5.66
C GLU B 288 16.18 3.28 -5.66
N GLU B 290 19.43 3.58 -4.87
CA GLU B 290 20.40 4.64 -5.02
C GLU B 290 20.38 5.79 -3.99
N LYS B 291 21.54 6.39 -3.89
CA LYS B 291 21.81 7.58 -3.12
C LYS B 291 21.08 8.80 -3.73
N ALA B 292 20.77 9.80 -2.95
CA ALA B 292 20.22 11.04 -3.49
C ALA B 292 21.20 11.68 -4.45
N HIS B 293 20.70 12.25 -5.53
CA HIS B 293 21.59 12.90 -6.50
C HIS B 293 22.23 14.17 -5.93
N THR B 294 21.41 14.98 -5.26
CA THR B 294 21.87 16.25 -4.68
C THR B 294 21.16 16.52 -3.34
N SER B 295 21.30 17.74 -2.83
CA SER B 295 20.49 18.18 -1.70
C SER B 295 19.18 18.80 -2.23
N LEU B 296 18.33 19.23 -1.31
CA LEU B 296 17.02 19.76 -1.67
C LEU B 296 16.89 21.21 -1.24
N GLY B 297 16.38 22.04 -2.15
CA GLY B 297 16.09 23.44 -1.86
C GLY B 297 14.60 23.72 -1.90
N LEU B 298 14.05 24.13 -0.77
CA LEU B 298 12.64 24.50 -0.71
C LEU B 298 12.47 26.01 -0.88
N TYR B 299 11.75 26.40 -1.93
CA TYR B 299 11.49 27.81 -2.17
C TYR B 299 10.12 28.18 -1.64
N ARG B 300 10.12 28.95 -0.56
CA ARG B 300 8.91 29.52 0.03
C ARG B 300 7.95 28.52 0.69
N PRO B 301 8.46 27.72 1.65
CA PRO B 301 7.57 26.87 2.46
C PRO B 301 6.69 27.68 3.42
N ASP B 302 7.03 28.95 3.61
CA ASP B 302 6.18 29.90 4.32
C ASP B 302 4.79 30.05 3.68
N TRP B 303 4.58 29.33 2.58
CA TRP B 303 3.25 29.09 2.01
C TRP B 303 2.23 28.74 3.09
N ALA B 304 2.67 27.92 4.06
CA ALA B 304 1.83 27.48 5.16
C ALA B 304 1.26 28.66 5.95
N PHE B 305 2.09 29.70 6.09
CA PHE B 305 1.72 30.93 6.79
C PHE B 305 0.95 31.89 5.87
N GLN B 306 1.49 32.14 4.68
CA GLN B 306 0.90 33.13 3.76
C GLN B 306 -0.41 32.72 3.08
N SER B 307 -0.67 31.42 3.00
CA SER B 307 -1.93 30.92 2.44
C SER B 307 -3.00 30.68 3.51
N SER B 308 -2.68 31.00 4.76
CA SER B 308 -3.60 30.75 5.87
C SER B 308 -4.02 32.04 6.55
N GLU B 309 -5.10 31.96 7.32
CA GLU B 309 -5.66 33.13 8.00
C GLU B 309 -5.47 33.06 9.51
N THR B 310 -5.27 31.85 10.01
CA THR B 310 -5.25 31.59 11.44
C THR B 310 -4.07 30.70 11.82
N MET B 311 -3.58 30.89 13.04
CA MET B 311 -2.44 30.15 13.60
C MET B 311 -2.64 28.63 13.53
N GLU B 312 -3.85 28.17 13.84
CA GLU B 312 -4.17 26.74 13.83
C GLU B 312 -4.07 26.11 12.45
N ALA B 313 -4.57 26.80 11.42
CA ALA B 313 -4.49 26.29 10.04
C ALA B 313 -3.06 26.39 9.51
N PHE B 314 -2.36 27.43 9.92
CA PHE B 314 -0.95 27.61 9.61
C PHE B 314 -0.14 26.44 10.15
N TYR B 315 -0.37 26.10 11.42
CA TYR B 315 0.32 24.99 12.07
C TYR B 315 -0.07 23.61 11.55
N GLU B 316 -1.32 23.45 11.11
CA GLU B 316 -1.74 22.19 10.49
C GLU B 316 -1.06 22.01 9.14
N LYS B 317 -1.00 23.08 8.35
CA LYS B 317 -0.33 23.05 7.04
C LYS B 317 1.15 22.73 7.15
N GLU B 318 1.83 23.34 8.12
CA GLU B 318 3.24 23.03 8.37
C GLU B 318 3.45 21.56 8.70
N LEU B 319 2.52 20.99 9.48
CA LEU B 319 2.58 19.56 9.78
C LEU B 319 2.42 18.71 8.51
N GLN B 320 1.40 19.03 7.72
CA GLN B 320 1.15 18.35 6.45
C GLN B 320 2.34 18.44 5.46
N PHE B 321 3.04 19.58 5.50
CA PHE B 321 4.15 19.83 4.57
C PHE B 321 5.43 19.11 4.99
N TRP B 322 5.80 19.24 6.25
CA TRP B 322 7.08 18.74 6.72
C TRP B 322 7.02 17.27 7.12
N VAL B 323 5.91 16.85 7.69
CA VAL B 323 5.71 15.46 8.13
C VAL B 323 5.00 14.59 7.08
N GLY B 324 3.96 15.13 6.44
CA GLY B 324 3.18 14.39 5.45
C GLY B 324 1.75 14.14 5.89
N SER B 325 0.96 13.50 5.03
CA SER B 325 -0.48 13.23 5.27
C SER B 325 -0.77 12.26 6.41
N THR B 326 0.20 11.41 6.73
CA THR B 326 0.09 10.46 7.82
C THR B 326 -0.02 11.14 9.19
N GLY B 327 0.68 12.26 9.34
CA GLY B 327 0.76 12.95 10.64
C GLY B 327 1.69 12.22 11.59
N ASN B 328 2.53 11.37 11.03
CA ASN B 328 3.48 10.55 11.79
C ASN B 328 4.79 10.43 10.99
N PRO B 329 5.87 11.02 11.51
CA PRO B 329 7.18 10.99 10.83
C PRO B 329 7.77 9.57 10.68
N ALA B 330 7.33 8.64 11.52
CA ALA B 330 7.82 7.26 11.48
C ALA B 330 7.14 6.42 10.40
N GLU B 331 5.96 6.85 9.95
CA GLU B 331 5.17 6.07 9.01
C GLU B 331 4.73 6.93 7.81
N THR B 332 5.69 7.35 6.99
CA THR B 332 5.38 8.15 5.80
C THR B 332 4.95 7.26 4.63
N ASP B 333 4.21 7.85 3.69
CA ASP B 333 3.74 7.16 2.49
C ASP B 333 4.52 7.66 1.28
N GLY B 334 5.44 6.84 0.80
CA GLY B 334 6.26 7.17 -0.37
C GLY B 334 5.54 7.10 -1.70
N GLN B 335 4.32 6.57 -1.69
CA GLN B 335 3.47 6.51 -2.88
C GLN B 335 2.58 7.75 -3.01
N SER B 336 2.60 8.60 -1.99
CA SER B 336 1.87 9.86 -2.01
C SER B 336 2.51 10.87 -2.96
N ASN B 337 1.70 11.78 -3.49
CA ASN B 337 2.19 12.95 -4.22
C ASN B 337 3.08 13.81 -3.32
N TRP B 338 2.71 13.90 -2.04
CA TRP B 338 3.52 14.56 -1.04
C TRP B 338 3.82 13.65 0.15
N PRO B 339 4.95 12.91 0.08
CA PRO B 339 5.43 12.04 1.15
C PRO B 339 5.80 12.82 2.43
N GLY B 340 6.15 14.09 2.29
CA GLY B 340 6.56 14.90 3.44
C GLY B 340 8.07 14.85 3.59
N MET B 341 8.66 15.91 4.13
CA MET B 341 10.10 15.98 4.29
C MET B 341 10.66 14.86 5.18
N ALA B 342 9.86 14.40 6.14
CA ALA B 342 10.25 13.33 7.07
C ALA B 342 10.53 12.00 6.36
N HIS B 343 10.00 11.87 5.15
CA HIS B 343 10.21 10.70 4.30
C HIS B 343 11.66 10.54 3.84
N TRP B 344 12.38 11.65 3.70
CA TRP B 344 13.76 11.62 3.20
C TRP B 344 14.80 12.13 4.19
N PHE B 345 14.37 12.96 5.13
CA PHE B 345 15.31 13.61 6.02
C PHE B 345 15.10 13.19 7.47
N PRO B 346 16.18 12.78 8.15
CA PRO B 346 16.13 12.53 9.59
C PRO B 346 15.85 13.83 10.33
N ALA B 347 15.08 13.74 11.41
CA ALA B 347 14.86 14.89 12.28
C ALA B 347 16.10 15.06 13.16
N LYS B 348 16.53 16.31 13.33
CA LYS B 348 17.65 16.60 14.23
C LYS B 348 17.12 17.31 15.46
N SER B 349 17.88 17.20 16.56
CA SER B 349 17.50 17.80 17.82
C SER B 349 18.69 18.45 18.46
N THR B 350 18.47 19.61 19.08
CA THR B 350 19.53 20.29 19.79
C THR B 350 19.38 20.13 21.32
N ALA B 351 18.53 19.19 21.72
CA ALA B 351 18.39 18.79 23.12
C ALA B 351 19.56 17.87 23.51
N THR B 352 20.75 18.44 23.50
CA THR B 352 22.00 17.67 23.58
C THR B 352 22.85 18.12 24.76
N SER B 353 22.27 18.97 25.60
CA SER B 353 23.01 19.65 26.66
C SER B 353 22.14 19.81 27.91
N VAL B 354 22.73 19.55 29.07
CA VAL B 354 22.05 19.70 30.35
C VAL B 354 22.42 21.08 30.93
N PRO B 355 21.42 21.86 31.37
CA PRO B 355 19.99 21.53 31.43
C PRO B 355 19.26 21.64 30.08
N PHE B 356 18.31 20.74 29.85
CA PHE B 356 17.36 20.91 28.73
C PHE B 356 15.99 21.30 29.27
N VAL B 357 15.51 22.44 28.78
CA VAL B 357 14.27 23.04 29.27
C VAL B 357 13.40 23.46 28.08
N THR B 358 12.12 23.09 28.13
CA THR B 358 11.12 23.60 27.20
C THR B 358 9.81 23.93 27.90
N HIS B 359 9.09 24.91 27.35
CA HIS B 359 7.77 25.29 27.86
C HIS B 359 6.76 25.27 26.72
N PHE B 360 7.19 24.69 25.61
CA PHE B 360 6.36 24.53 24.41
C PHE B 360 5.86 25.89 23.91
N ASN B 361 6.73 26.88 24.06
CA ASN B 361 6.51 28.23 23.54
C ASN B 361 6.75 28.22 22.04
N THR B 362 5.69 28.48 21.27
CA THR B 362 5.74 28.48 19.80
C THR B 362 6.34 29.76 19.21
N GLY B 363 6.53 30.79 20.04
CA GLY B 363 7.08 32.06 19.57
C GLY B 363 6.08 33.19 19.45
N SER B 364 4.79 32.87 19.66
CA SER B 364 3.72 33.87 19.72
C SER B 364 2.55 33.35 20.57
N GLY B 365 1.63 34.24 20.93
CA GLY B 365 0.45 33.88 21.71
C GLY B 365 -0.64 34.91 21.65
N ALA B 366 -1.82 34.55 22.13
CA ALA B 366 -2.95 35.47 22.23
C ALA B 366 -2.92 36.15 23.59
N GLN B 367 -2.02 35.65 24.45
CA GLN B 367 -1.96 35.99 25.86
C GLN B 367 -0.56 35.56 26.33
N PHE B 368 -0.13 36.05 27.50
CA PHE B 368 1.17 35.63 28.08
C PHE B 368 1.04 35.23 29.55
N SER B 369 1.50 34.03 29.88
CA SER B 369 1.40 33.48 31.24
C SER B 369 2.76 33.40 31.94
N ALA B 370 2.73 33.54 33.27
CA ALA B 370 3.87 33.25 34.14
C ALA B 370 3.38 32.39 35.28
N GLU B 371 4.02 31.22 35.46
CA GLU B 371 3.59 30.21 36.43
C GLU B 371 2.10 29.88 36.35
N GLY B 372 1.58 29.80 35.13
CA GLY B 372 0.19 29.42 34.89
C GLY B 372 -0.87 30.47 35.15
N LYS B 373 -0.43 31.70 35.43
CA LYS B 373 -1.33 32.85 35.56
C LYS B 373 -1.07 33.87 34.47
N THR B 374 -2.15 34.37 33.86
CA THR B 374 -2.05 35.41 32.83
C THR B 374 -1.49 36.72 33.38
N VAL B 375 -0.37 37.17 32.82
CA VAL B 375 0.26 38.44 33.18
C VAL B 375 0.09 39.51 32.08
N SER B 376 -0.43 39.10 30.93
CA SER B 376 -0.79 40.01 29.85
C SER B 376 -1.86 39.38 28.97
N GLU B 377 -2.88 40.16 28.63
CA GLU B 377 -3.93 39.68 27.74
C GLU B 377 -3.71 40.06 26.28
N GLN B 378 -2.57 40.67 25.99
CA GLN B 378 -2.28 41.17 24.66
C GLN B 378 -1.65 40.12 23.74
N GLU B 379 -2.05 40.13 22.47
CA GLU B 379 -1.38 39.34 21.46
C GLU B 379 0.09 39.72 21.47
N TRP B 380 0.98 38.77 21.17
CA TRP B 380 2.41 39.05 21.11
C TRP B 380 3.10 38.05 20.21
N ASN B 381 4.20 38.47 19.60
CA ASN B 381 5.15 37.53 19.05
C ASN B 381 6.56 37.94 19.46
N ASN B 382 7.39 36.94 19.70
CA ASN B 382 8.81 37.14 19.95
C ASN B 382 9.47 35.79 19.78
N ARG B 383 9.90 35.52 18.55
CA ARG B 383 10.47 34.21 18.20
C ARG B 383 11.79 33.90 18.90
N SER B 384 12.38 34.90 19.56
CA SER B 384 13.49 34.69 20.50
C SER B 384 13.06 33.82 21.69
N LEU B 385 11.75 33.77 21.94
CA LEU B 385 11.19 32.98 23.05
C LEU B 385 10.68 31.62 22.61
N GLN B 386 10.69 31.35 21.30
CA GLN B 386 10.34 30.02 20.82
C GLN B 386 11.28 28.99 21.44
N ASP B 387 10.70 27.91 21.97
CA ASP B 387 11.48 26.84 22.58
C ASP B 387 11.89 25.81 21.54
N VAL B 388 12.75 24.88 21.95
CA VAL B 388 13.03 23.69 21.15
C VAL B 388 11.81 22.79 21.28
N LEU B 389 11.11 22.61 20.17
CA LEU B 389 9.83 21.93 20.16
C LEU B 389 10.02 20.47 19.76
N PRO B 390 8.99 19.61 19.99
CA PRO B 390 9.12 18.17 19.79
C PRO B 390 9.70 17.72 18.45
N THR B 391 10.67 16.81 18.53
CA THR B 391 11.31 16.19 17.37
C THR B 391 10.29 15.49 16.46
N TRP B 392 9.30 14.87 17.09
CA TRP B 392 8.31 14.09 16.35
C TRP B 392 6.92 14.69 16.44
N ARG B 393 6.32 14.95 15.28
CA ARG B 393 4.97 15.49 15.21
C ARG B 393 4.14 14.67 14.21
N TRP B 394 3.47 13.62 14.69
CA TRP B 394 3.51 13.21 16.10
C TRP B 394 3.61 11.68 16.16
N ILE B 395 4.26 11.16 17.20
CA ILE B 395 4.31 9.69 17.41
C ILE B 395 3.59 9.27 18.70
N GLN B 396 2.45 8.60 18.53
CA GLN B 396 1.65 8.07 19.64
C GLN B 396 1.46 6.56 19.56
N HIS B 397 1.28 5.92 20.72
CA HIS B 397 0.94 4.50 20.81
C HIS B 397 -0.24 4.33 21.75
N GLY B 398 -1.32 3.74 21.24
CA GLY B 398 -2.52 3.49 22.04
C GLY B 398 -3.40 4.71 22.24
N GLY B 399 -4.66 4.45 22.61
CA GLY B 399 -5.66 5.52 22.79
C GLY B 399 -6.18 6.06 21.48
N ASP B 400 -7.13 7.01 21.57
CA ASP B 400 -7.62 7.74 20.41
C ASP B 400 -7.43 9.23 20.66
N LEU B 401 -6.17 9.63 20.77
CA LEU B 401 -5.81 10.98 21.16
C LEU B 401 -5.17 11.75 20.01
N GLU B 402 -5.24 13.07 20.12
CA GLU B 402 -4.62 13.98 19.18
C GLU B 402 -3.65 14.87 19.94
N ALA B 403 -2.50 15.13 19.32
CA ALA B 403 -1.51 16.04 19.86
C ALA B 403 -1.39 17.25 18.97
N THR B 404 -1.41 18.42 19.59
CA THR B 404 -1.33 19.70 18.91
C THR B 404 -0.84 20.77 19.89
N PHE B 405 -0.45 21.93 19.38
CA PHE B 405 -0.15 23.05 20.25
C PHE B 405 -1.43 23.78 20.59
N SER B 406 -1.51 24.26 21.84
CA SER B 406 -2.66 25.05 22.28
C SER B 406 -2.24 26.45 22.67
N TRP B 407 -3.06 27.42 22.28
CA TRP B 407 -2.83 28.81 22.65
C TRP B 407 -3.89 29.28 23.65
N GLU B 408 -4.64 28.32 24.18
CA GLU B 408 -5.64 28.58 25.21
C GLU B 408 -5.05 28.48 26.62
N GLU B 409 -4.12 27.56 26.81
CA GLU B 409 -3.48 27.33 28.11
C GLU B 409 -1.96 27.45 27.98
N ALA B 410 -1.33 28.00 29.01
CA ALA B 410 0.13 28.16 29.05
C ALA B 410 0.62 28.28 30.49
N PHE B 411 1.78 27.70 30.74
CA PHE B 411 2.42 27.83 32.04
C PHE B 411 3.43 28.97 32.00
N GLU B 412 4.25 29.00 30.96
CA GLU B 412 5.19 30.10 30.71
C GLU B 412 5.16 30.47 29.24
N GLY B 413 4.70 31.68 28.94
CA GLY B 413 4.55 32.13 27.55
C GLY B 413 3.10 32.09 27.11
N GLY B 414 2.87 31.70 25.85
CA GLY B 414 1.53 31.75 25.27
C GLY B 414 0.95 30.46 24.77
N SER B 415 1.64 29.34 25.02
CA SER B 415 1.24 28.06 24.47
C SER B 415 1.61 26.86 25.32
N SER B 416 0.90 25.76 25.09
CA SER B 416 1.24 24.49 25.71
C SER B 416 1.06 23.39 24.69
N LEU B 417 1.51 22.20 25.05
CA LEU B 417 1.24 21.01 24.26
C LEU B 417 -0.08 20.38 24.73
N GLN B 418 -1.04 20.27 23.80
CA GLN B 418 -2.33 19.65 24.10
C GLN B 418 -2.34 18.18 23.67
N TRP B 419 -2.73 17.30 24.57
CA TRP B 419 -2.84 15.87 24.31
C TRP B 419 -4.20 15.41 24.79
N HIS B 420 -5.11 15.15 23.84
CA HIS B 420 -6.53 15.07 24.17
C HIS B 420 -7.34 14.16 23.26
N GLY B 421 -8.45 13.64 23.78
CA GLY B 421 -9.33 12.74 23.04
C GLY B 421 -9.89 11.65 23.94
N SER B 422 -9.98 10.44 23.40
CA SER B 422 -10.52 9.29 24.12
C SER B 422 -9.44 8.33 24.60
N LEU B 423 -9.56 7.93 25.86
CA LEU B 423 -8.70 6.92 26.45
C LEU B 423 -9.55 6.07 27.39
N ALA B 424 -9.94 4.88 26.91
CA ALA B 424 -10.82 3.98 27.68
C ALA B 424 -10.19 3.57 29.01
N GLU B 425 -11.03 3.29 30.00
CA GLU B 425 -10.58 2.94 31.34
C GLU B 425 -9.64 1.74 31.32
N GLY B 426 -8.48 1.89 31.96
CA GLY B 426 -7.48 0.83 32.00
C GLY B 426 -6.52 0.79 30.82
N GLU B 427 -6.86 1.51 29.75
CA GLU B 427 -6.00 1.55 28.56
C GLU B 427 -4.84 2.53 28.72
N HIS B 428 -3.71 2.18 28.11
CA HIS B 428 -2.49 2.99 28.20
C HIS B 428 -2.20 3.69 26.88
N ALA B 429 -1.66 4.90 26.97
CA ALA B 429 -1.24 5.67 25.81
C ALA B 429 0.12 6.32 26.05
N GLN B 430 0.93 6.38 25.00
CA GLN B 430 2.25 7.00 25.05
C GLN B 430 2.44 7.99 23.90
N ILE B 431 3.19 9.05 24.16
CA ILE B 431 3.56 9.99 23.12
C ILE B 431 5.05 10.31 23.22
N GLU B 432 5.78 9.99 22.16
CA GLU B 432 7.23 10.19 22.12
C GLU B 432 7.55 11.54 21.48
N LEU B 433 8.27 12.38 22.22
CA LEU B 433 8.38 13.78 21.88
C LEU B 433 9.75 14.21 21.36
N TYR B 434 10.80 13.86 22.08
CA TYR B 434 12.14 14.36 21.79
C TYR B 434 13.19 13.28 21.58
N GLN B 435 14.01 13.47 20.55
CA GLN B 435 15.29 12.79 20.44
C GLN B 435 16.27 13.65 21.22
N THR B 436 17.07 13.04 22.09
CA THR B 436 17.97 13.80 22.95
C THR B 436 19.36 13.16 23.08
N GLU B 437 20.28 13.90 23.71
CA GLU B 437 21.58 13.36 24.11
C GLU B 437 21.82 14.17 25.36
N LEU B 438 21.57 13.57 26.52
CA LEU B 438 21.63 14.25 27.80
C LEU B 438 22.36 13.39 28.87
N PRO B 439 23.47 13.90 29.41
CA PRO B 439 24.25 13.23 30.45
C PRO B 439 23.47 12.36 31.44
N LEU B 446 14.15 15.01 36.31
CA LEU B 446 13.18 15.28 35.33
C LEU B 446 12.04 16.01 36.03
N THR B 447 11.67 17.16 35.49
CA THR B 447 10.49 17.91 35.93
C THR B 447 9.52 18.13 34.77
N TRP B 448 8.22 18.10 35.08
CA TRP B 448 7.18 18.41 34.10
C TRP B 448 5.93 18.98 34.77
N THR B 449 5.27 19.90 34.07
CA THR B 449 4.13 20.64 34.59
C THR B 449 2.96 20.56 33.61
N PHE B 450 1.79 20.22 34.13
CA PHE B 450 0.64 19.95 33.29
C PHE B 450 -0.65 20.25 34.03
N LYS B 451 -1.73 20.33 33.25
CA LYS B 451 -3.10 20.30 33.75
C LYS B 451 -3.75 19.08 33.14
N SER B 452 -4.66 18.46 33.88
CA SER B 452 -5.46 17.35 33.37
C SER B 452 -6.93 17.61 33.68
N GLU B 453 -7.75 17.60 32.63
CA GLU B 453 -9.15 17.98 32.75
C GLU B 453 -10.06 16.87 33.26
N HIS B 454 -9.59 15.63 33.16
CA HIS B 454 -10.35 14.48 33.64
C HIS B 454 -9.63 13.71 34.75
N ASP B 455 -8.61 14.34 35.31
CA ASP B 455 -7.87 13.88 36.49
C ASP B 455 -6.87 12.73 36.29
N ASN B 456 -6.74 12.23 35.06
CA ASN B 456 -5.65 11.30 34.74
C ASN B 456 -4.33 11.97 35.09
N ASP B 457 -3.42 11.22 35.70
CA ASP B 457 -2.08 11.70 35.98
C ASP B 457 -1.26 11.59 34.69
N LEU B 458 -0.21 12.39 34.57
CA LEU B 458 0.66 12.30 33.41
C LEU B 458 2.02 11.79 33.85
N ASN B 459 2.42 10.65 33.30
CA ASN B 459 3.72 10.05 33.62
C ASN B 459 4.75 10.54 32.61
N VAL B 460 6.01 10.59 33.04
CA VAL B 460 7.11 10.95 32.16
C VAL B 460 7.69 9.68 31.53
N GLY B 461 8.29 9.84 30.36
CA GLY B 461 8.98 8.76 29.68
C GLY B 461 10.39 9.19 29.31
N PHE B 462 11.36 8.32 29.59
CA PHE B 462 12.76 8.58 29.23
C PHE B 462 13.41 7.32 28.71
N ARG B 463 14.25 7.49 27.70
CA ARG B 463 14.95 6.40 27.04
C ARG B 463 16.43 6.52 27.31
N LEU B 464 17.07 5.40 27.61
CA LEU B 464 18.50 5.37 27.90
C LEU B 464 19.28 4.77 26.74
N ASP B 465 20.50 5.24 26.54
CA ASP B 465 21.36 4.79 25.45
C ASP B 465 21.67 3.29 25.55
N GLU B 467 18.99 1.23 25.27
CA GLU B 467 17.72 0.51 25.24
C GLU B 467 16.80 1.07 24.15
N GLU B 468 16.11 0.18 23.45
CA GLU B 468 15.14 0.55 22.43
C GLU B 468 13.76 0.87 23.02
N ASP B 469 13.68 0.87 24.35
CA ASP B 469 12.41 1.08 25.05
C ASP B 469 12.43 2.29 25.96
N PHE B 470 11.36 3.07 25.89
CA PHE B 470 11.13 4.17 26.82
C PHE B 470 10.70 3.59 28.16
N ARG B 471 11.09 4.26 29.23
CA ARG B 471 10.68 3.84 30.57
C ARG B 471 9.67 4.85 31.12
N TYR B 472 8.46 4.38 31.37
CA TYR B 472 7.39 5.25 31.83
C TYR B 472 7.17 5.14 33.34
N VAL B 473 7.40 6.24 34.04
CA VAL B 473 7.35 6.27 35.49
C VAL B 473 6.53 7.44 36.03
N GLU B 474 5.83 7.17 37.13
CA GLU B 474 5.14 8.19 37.91
C GLU B 474 6.18 9.12 38.55
N GLY B 475 5.81 10.38 38.76
CA GLY B 475 6.67 11.29 39.48
C GLY B 475 6.78 10.92 40.95
N GLU B 476 7.75 11.52 41.64
CA GLU B 476 7.97 11.23 43.06
C GLU B 476 7.48 12.38 43.94
N GLN B 477 7.85 13.60 43.58
CA GLN B 477 7.47 14.79 44.36
C GLN B 477 6.53 15.68 43.54
N ARG B 478 5.39 16.03 44.13
CA ARG B 478 4.34 16.80 43.46
C ARG B 478 4.15 18.18 44.09
N GLU B 479 3.96 19.19 43.25
CA GLU B 479 3.64 20.54 43.70
C GLU B 479 2.50 21.13 42.86
N SER B 480 1.59 21.83 43.52
CA SER B 480 0.51 22.54 42.83
C SER B 480 0.87 24.01 42.69
N ILE B 481 0.79 24.49 41.45
CA ILE B 481 1.17 25.87 41.11
C ILE B 481 0.07 26.48 40.24
N ASN B 482 -0.77 27.32 40.85
CA ASN B 482 -1.88 27.99 40.17
C ASN B 482 -2.67 27.03 39.27
N GLY B 483 -3.11 25.92 39.85
CA GLY B 483 -3.91 24.92 39.13
C GLY B 483 -3.14 23.95 38.27
N TRP B 484 -1.83 24.15 38.15
CA TRP B 484 -0.95 23.23 37.41
C TRP B 484 -0.26 22.27 38.38
N THR B 485 0.00 21.06 37.90
CA THR B 485 0.69 20.05 38.68
C THR B 485 2.14 19.90 38.18
N GLN B 486 3.09 20.09 39.08
CA GLN B 486 4.49 19.91 38.76
C GLN B 486 5.03 18.68 39.45
N TRP B 487 5.49 17.71 38.65
CA TRP B 487 6.18 16.54 39.16
C TRP B 487 7.70 16.73 39.10
N THR B 488 8.40 16.17 40.08
CA THR B 488 9.87 16.07 40.06
C THR B 488 10.27 14.59 40.19
N LEU B 489 11.23 14.17 39.35
CA LEU B 489 11.76 12.82 39.38
C LEU B 489 13.29 12.83 39.40
N GLN B 497 24.80 7.44 32.82
CA GLN B 497 23.79 7.15 31.80
C GLN B 497 23.50 8.37 30.94
N THR B 498 23.07 8.13 29.69
CA THR B 498 22.63 9.21 28.79
C THR B 498 21.19 8.98 28.33
N ILE B 499 20.36 10.01 28.52
CA ILE B 499 18.98 10.00 28.03
C ILE B 499 18.96 10.31 26.53
N THR B 500 18.35 9.42 25.75
CA THR B 500 18.30 9.56 24.29
C THR B 500 16.90 9.89 23.76
N GLY B 501 15.93 9.95 24.66
CA GLY B 501 14.56 10.27 24.30
C GLY B 501 13.77 10.83 25.48
N LEU B 502 12.66 11.50 25.17
CA LEU B 502 11.73 12.02 26.18
C LEU B 502 10.29 11.85 25.69
N ALA B 503 9.41 11.41 26.59
CA ALA B 503 8.03 11.05 26.25
C ALA B 503 7.05 11.30 27.40
N PHE B 504 5.76 11.09 27.12
CA PHE B 504 4.73 11.09 28.17
C PHE B 504 3.84 9.89 28.03
N ALA B 505 3.21 9.49 29.14
CA ALA B 505 2.25 8.40 29.15
C ALA B 505 1.09 8.67 30.11
N ALA B 506 -0.03 8.03 29.84
CA ALA B 506 -1.23 8.16 30.67
C ALA B 506 -2.11 6.92 30.61
N GLU B 507 -2.97 6.79 31.58
CA GLU B 507 -3.90 5.72 31.66
C GLU B 507 -5.32 6.22 31.72
N GLY B 508 -6.18 5.61 30.97
CA GLY B 508 -7.56 5.98 30.98
C GLY B 508 -8.28 5.63 32.26
N ASN B 509 -9.19 6.48 32.66
CA ASN B 509 -10.01 6.29 33.82
C ASN B 509 -11.48 6.14 33.49
N GLY B 512 -13.20 7.55 30.40
CA GLY B 512 -12.85 7.24 29.01
C GLY B 512 -12.47 8.46 28.18
N LEU B 513 -12.07 9.53 28.86
CA LEU B 513 -11.68 10.79 28.24
C LEU B 513 -10.37 11.28 28.83
N ALA B 514 -9.53 11.90 28.00
CA ALA B 514 -8.29 12.52 28.47
C ALA B 514 -8.03 13.86 27.78
N GLU B 515 -7.55 14.83 28.54
CA GLU B 515 -7.23 16.15 28.01
C GLU B 515 -6.11 16.78 28.82
N PHE B 516 -4.90 16.64 28.31
CA PHE B 516 -3.71 17.19 28.95
C PHE B 516 -3.26 18.49 28.31
N TYR B 517 -2.75 19.39 29.14
CA TYR B 517 -2.00 20.57 28.70
C TYR B 517 -0.68 20.56 29.42
N THR B 518 0.41 20.39 28.69
CA THR B 518 1.72 20.34 29.31
C THR B 518 2.52 21.61 28.97
N GLY B 519 2.94 22.32 30.01
CA GLY B 519 3.53 23.66 29.85
C GLY B 519 4.99 23.78 30.25
N GLN B 520 5.59 22.67 30.68
CA GLN B 520 7.01 22.62 31.01
C GLN B 520 7.49 21.18 31.03
N LEU B 521 8.74 21.00 30.61
CA LEU B 521 9.43 19.72 30.67
C LEU B 521 10.91 20.08 30.74
N ALA B 522 11.63 19.44 31.68
CA ALA B 522 13.04 19.77 31.87
C ALA B 522 13.88 18.62 32.43
N VAL B 523 15.17 18.63 32.03
CA VAL B 523 16.20 17.76 32.60
C VAL B 523 17.31 18.69 33.08
N GLY B 524 17.48 18.75 34.38
CA GLY B 524 18.41 19.63 35.03
C GLY B 524 18.37 19.28 36.48
N SER B 527 17.99 25.42 41.20
CA SER B 527 19.11 26.02 40.50
C SER B 527 19.33 27.47 40.91
N GLU B 528 20.43 28.02 40.47
CA GLU B 528 20.77 29.35 40.85
C GLU B 528 19.85 30.43 40.34
N LYS B 529 19.62 31.40 41.19
CA LYS B 529 18.85 32.59 40.87
C LYS B 529 19.77 33.66 40.28
N PRO B 530 19.46 34.17 39.08
CA PRO B 530 20.29 35.23 38.48
C PRO B 530 20.30 36.49 39.34
N ALA B 531 21.35 37.29 39.22
CA ALA B 531 21.41 38.57 39.93
C ALA B 531 20.41 39.53 39.30
N ALA B 532 19.80 40.38 40.12
CA ALA B 532 18.92 41.44 39.64
C ALA B 532 19.69 42.22 38.58
N PRO B 533 19.06 42.45 37.40
CA PRO B 533 19.77 43.09 36.29
C PRO B 533 20.13 44.54 36.60
N ASN B 534 21.35 44.95 36.24
CA ASN B 534 21.75 46.35 36.37
C ASN B 534 21.17 47.12 35.19
N VAL B 535 20.12 47.89 35.45
CA VAL B 535 19.29 48.48 34.40
C VAL B 535 19.45 50.00 34.33
N ASN B 536 19.71 50.49 33.13
CA ASN B 536 19.76 51.93 32.89
C ASN B 536 18.72 52.39 31.90
N VAL B 537 18.05 53.49 32.25
CA VAL B 537 17.11 54.17 31.36
C VAL B 537 17.88 55.06 30.40
N ARG B 538 17.69 54.80 29.12
CA ARG B 538 18.38 55.54 28.10
C ARG B 538 17.48 56.08 27.00
N GLN B 539 17.93 57.14 26.37
CA GLN B 539 17.19 57.67 25.24
C GLN B 539 17.31 56.74 24.03
N TYR B 540 16.20 56.56 23.34
CA TYR B 540 16.20 55.99 22.01
C TYR B 540 15.97 57.16 21.06
N ASP B 541 17.05 57.61 20.43
CA ASP B 541 17.12 58.89 19.70
C ASP B 541 16.02 59.15 18.66
N PRO B 542 15.73 58.17 17.78
CA PRO B 542 14.68 58.40 16.78
C PRO B 542 13.28 58.66 17.35
N ASP B 543 13.04 58.27 18.59
CA ASP B 543 11.73 58.47 19.22
C ASP B 543 11.87 59.11 20.61
N PRO B 544 11.79 60.45 20.67
CA PRO B 544 11.86 61.20 21.95
C PRO B 544 10.68 60.93 22.88
N SER B 545 9.59 60.36 22.36
CA SER B 545 8.45 59.97 23.19
C SER B 545 8.67 58.61 23.85
N GLY B 546 9.64 57.85 23.36
CA GLY B 546 9.96 56.53 23.91
C GLY B 546 11.24 56.51 24.75
N ILE B 547 11.57 55.32 25.26
CA ILE B 547 12.81 55.09 26.00
C ILE B 547 13.40 53.76 25.59
N GLN B 548 14.63 53.49 26.00
CA GLN B 548 15.12 52.13 26.02
C GLN B 548 15.69 51.76 27.38
N LEU B 549 15.50 50.50 27.74
CA LEU B 549 16.06 49.93 28.96
C LEU B 549 17.29 49.13 28.55
N VAL B 550 18.46 49.53 29.05
CA VAL B 550 19.69 48.84 28.72
C VAL B 550 20.25 48.19 29.97
N TRP B 551 20.71 46.95 29.82
CA TRP B 551 21.33 46.20 30.91
C TRP B 551 22.53 45.43 30.39
N GLU B 552 23.35 44.91 31.30
CA GLU B 552 24.44 44.03 30.93
C GLU B 552 23.89 42.61 30.84
N LYS B 553 24.01 41.99 29.66
CA LYS B 553 23.42 40.66 29.44
C LYS B 553 24.25 39.56 30.09
N GLN B 554 23.75 39.04 31.20
CA GLN B 554 24.47 38.07 32.02
C GLN B 554 24.47 36.67 31.42
N SER B 555 25.44 35.86 31.85
CA SER B 555 25.56 34.47 31.42
C SER B 555 24.47 33.63 32.08
N ASN B 556 24.10 32.54 31.41
CA ASN B 556 23.03 31.65 31.87
C ASN B 556 21.72 32.39 32.17
N VAL B 557 21.45 33.44 31.40
CA VAL B 557 20.14 34.11 31.41
C VAL B 557 19.42 33.84 30.09
N HIS B 558 18.20 33.31 30.19
CA HIS B 558 17.41 32.99 29.00
C HIS B 558 16.76 34.23 28.36
N HIS B 559 16.00 34.99 29.15
CA HIS B 559 15.39 36.22 28.67
C HIS B 559 15.08 37.15 29.84
N TYR B 560 14.66 38.37 29.52
CA TYR B 560 14.27 39.35 30.53
C TYR B 560 12.79 39.70 30.37
N ARG B 561 12.14 40.01 31.49
CA ARG B 561 10.73 40.40 31.50
C ARG B 561 10.56 41.77 32.13
N VAL B 562 9.82 42.64 31.46
CA VAL B 562 9.56 43.99 31.97
C VAL B 562 8.10 44.08 32.43
N TYR B 563 7.92 44.27 33.73
CA TYR B 563 6.59 44.45 34.32
C TYR B 563 6.35 45.92 34.63
N LYS B 564 5.11 46.31 34.50
CA LYS B 564 4.65 47.60 34.89
C LYS B 564 3.64 47.49 36.05
N GLU B 565 3.64 48.44 36.95
CA GLU B 565 2.65 48.51 38.00
C GLU B 565 1.36 49.02 37.41
N GLY B 569 -3.11 43.94 39.12
CA GLY B 569 -1.75 43.95 39.64
C GLY B 569 -0.69 44.16 38.57
N LYS B 570 0.38 43.36 38.63
CA LYS B 570 1.51 43.51 37.70
C LYS B 570 1.13 43.11 36.27
N GLU B 571 1.57 43.88 35.29
CA GLU B 571 1.35 43.58 33.87
C GLU B 571 2.66 43.41 33.05
N LEU B 572 2.81 42.36 32.28
CA LEU B 572 4.00 42.19 31.49
C LEU B 572 3.87 43.13 30.29
N ILE B 573 4.81 44.01 30.06
CA ILE B 573 4.76 44.95 28.94
C ILE B 573 5.89 44.72 27.94
N GLY B 574 6.85 43.86 28.27
CA GLY B 574 7.95 43.57 27.38
C GLY B 574 8.77 42.36 27.73
N THR B 575 9.32 41.72 26.70
CA THR B 575 10.27 40.61 26.86
C THR B 575 11.48 40.85 25.94
N SER B 576 12.64 40.37 26.37
CA SER B 576 13.87 40.54 25.58
C SER B 576 14.87 39.43 25.84
N ALA B 577 15.45 38.89 24.77
CA ALA B 577 16.56 37.93 24.87
C ALA B 577 17.91 38.56 24.53
N GLY B 578 17.93 39.89 24.43
CA GLY B 578 19.15 40.64 24.19
C GLY B 578 19.64 41.42 25.41
N ASP B 579 20.25 42.59 25.15
CA ASP B 579 20.77 43.42 26.23
C ASP B 579 19.91 44.66 26.50
N ARG B 580 18.82 44.79 25.75
CA ARG B 580 17.95 45.97 25.85
C ARG B 580 16.52 45.72 25.36
N ILE B 581 15.66 46.71 25.59
CA ILE B 581 14.30 46.74 25.05
C ILE B 581 13.83 48.19 24.87
N TYR B 582 13.11 48.45 23.79
CA TYR B 582 12.47 49.74 23.55
C TYR B 582 11.03 49.70 24.06
N ILE B 583 10.62 50.76 24.77
CA ILE B 583 9.23 50.91 25.22
C ILE B 583 8.72 52.30 24.80
N GLU B 584 7.53 52.32 24.19
CA GLU B 584 6.88 53.56 23.79
C GLU B 584 6.07 54.18 24.92
N GLY B 585 6.14 55.50 25.05
CA GLY B 585 5.29 56.27 25.96
C GLY B 585 5.46 56.04 27.46
N LEU B 586 6.31 56.84 28.08
CA LEU B 586 6.49 56.82 29.54
C LEU B 586 6.85 58.21 30.08
N VAL B 595 5.85 55.75 35.24
CA VAL B 595 5.75 54.31 35.46
C VAL B 595 6.58 53.84 36.64
N ARG B 596 6.10 52.79 37.29
CA ARG B 596 6.91 51.99 38.21
C ARG B 596 7.18 50.68 37.50
N LEU B 597 8.43 50.43 37.14
CA LEU B 597 8.79 49.24 36.37
C LEU B 597 9.59 48.22 37.16
N HIS B 598 9.42 46.95 36.80
CA HIS B 598 10.15 45.84 37.39
C HIS B 598 10.73 44.96 36.29
N ILE B 599 12.05 44.79 36.33
CA ILE B 599 12.76 43.99 35.35
C ILE B 599 13.39 42.78 36.05
N GLU B 600 13.06 41.60 35.56
CA GLU B 600 13.67 40.36 36.07
C GLU B 600 14.40 39.62 34.97
N ALA B 601 15.46 38.93 35.36
CA ALA B 601 16.17 38.03 34.49
C ALA B 601 15.74 36.62 34.83
N LEU B 602 15.39 35.85 33.82
CA LEU B 602 15.07 34.45 34.03
C LEU B 602 16.21 33.60 33.52
N SER B 603 16.62 32.62 34.33
CA SER B 603 17.72 31.72 33.99
C SER B 603 17.26 30.72 32.94
N GLU B 604 18.18 29.89 32.47
CA GLU B 604 17.84 28.82 31.54
C GLU B 604 16.81 27.85 32.11
N THR B 605 16.82 27.71 33.44
CA THR B 605 15.85 26.88 34.15
C THR B 605 14.55 27.64 34.43
N PHE B 606 14.55 28.93 34.12
CA PHE B 606 13.39 29.82 34.34
C PHE B 606 13.22 30.21 35.80
N VAL B 607 14.33 30.24 36.53
CA VAL B 607 14.34 30.82 37.87
C VAL B 607 14.44 32.33 37.71
N PRO B 608 13.45 33.08 38.26
CA PRO B 608 13.50 34.53 38.13
C PRO B 608 14.44 35.15 39.16
N SER B 609 15.10 36.21 38.75
CA SER B 609 15.92 37.00 39.64
C SER B 609 15.00 37.84 40.53
N ASP B 610 15.60 38.53 41.51
CA ASP B 610 14.91 39.63 42.17
C ASP B 610 14.72 40.70 41.13
N ALA B 611 13.55 41.34 41.16
CA ALA B 611 13.24 42.40 40.20
C ALA B 611 14.05 43.65 40.53
N ARG B 612 14.58 44.31 39.50
CA ARG B 612 15.08 45.66 39.69
C ARG B 612 13.94 46.64 39.47
N MET B 613 13.81 47.58 40.39
CA MET B 613 12.81 48.62 40.29
C MET B 613 13.41 49.80 39.53
N ILE B 614 12.62 50.38 38.66
CA ILE B 614 13.04 51.52 37.87
C ILE B 614 11.99 52.62 37.91
N ASP B 615 12.43 53.85 37.79
CA ASP B 615 11.57 55.03 37.72
C ASP B 615 10.56 54.92 36.65
N TYR C 3 -10.09 55.08 17.95
CA TYR C 3 -11.37 55.19 17.18
C TYR C 3 -12.10 56.48 17.54
N ASN C 4 -12.31 57.25 16.54
CA ASN C 4 -12.96 58.55 16.69
C ASN C 4 -14.37 58.60 16.11
N GLY C 5 -14.96 57.43 15.89
CA GLY C 5 -16.27 57.36 15.24
C GLY C 5 -17.43 57.27 16.21
N PRO C 6 -18.63 57.02 15.67
CA PRO C 6 -19.84 56.88 16.48
C PRO C 6 -19.73 55.72 17.47
N LEU C 7 -20.24 55.93 18.68
CA LEU C 7 -20.24 54.92 19.71
C LEU C 7 -21.65 54.54 20.12
N SER C 8 -21.83 53.29 20.52
CA SER C 8 -23.09 52.84 21.11
C SER C 8 -23.35 53.62 22.38
N SER C 9 -24.59 54.02 22.59
CA SER C 9 -25.07 54.85 23.70
C SER C 9 -25.09 54.20 25.10
N HIS C 10 -24.85 55.01 26.10
CA HIS C 10 -24.96 54.68 27.49
C HIS C 10 -25.23 55.98 28.28
N TRP C 11 -26.10 55.91 29.26
CA TRP C 11 -26.50 57.09 30.01
C TRP C 11 -26.57 56.94 31.53
N PHE C 12 -26.29 58.01 32.24
CA PHE C 12 -26.71 58.18 33.64
C PHE C 12 -28.10 58.84 33.58
N PRO C 13 -28.92 58.67 34.64
CA PRO C 13 -30.31 59.14 34.59
C PRO C 13 -30.50 60.58 34.10
N GLU C 14 -29.61 61.49 34.51
CA GLU C 14 -29.72 62.89 34.13
C GLU C 14 -29.26 63.21 32.71
N GLU C 15 -28.45 62.32 32.14
CA GLU C 15 -28.03 62.43 30.74
C GLU C 15 -29.18 61.99 29.84
N LEU C 16 -29.87 60.93 30.25
CA LEU C 16 -31.02 60.38 29.53
C LEU C 16 -32.19 61.38 29.48
N ALA C 17 -32.41 62.07 30.59
CA ALA C 17 -33.52 63.03 30.71
C ALA C 17 -33.47 64.11 29.62
N GLN C 18 -32.26 64.53 29.26
CA GLN C 18 -32.08 65.55 28.24
C GLN C 18 -31.63 64.99 26.88
N TRP C 19 -31.71 63.67 26.70
CA TRP C 19 -31.32 63.06 25.44
C TRP C 19 -32.36 63.28 24.35
N GLU C 20 -31.91 63.74 23.19
CA GLU C 20 -32.76 63.87 22.02
C GLU C 20 -32.03 63.33 20.82
N PRO C 21 -32.69 62.53 20.05
CA PRO C 21 -32.05 61.90 18.91
C PRO C 21 -31.45 62.84 17.93
N ASP C 22 -32.18 63.87 17.53
CA ASP C 22 -31.74 64.82 16.52
C ASP C 22 -30.49 65.63 16.89
N SER C 23 -30.23 65.75 18.19
CA SER C 23 -29.07 66.50 18.68
C SER C 23 -27.88 65.61 19.04
N ASP C 24 -28.11 64.30 19.00
CA ASP C 24 -27.07 63.30 19.25
C ASP C 24 -26.51 62.83 17.90
N PRO C 25 -25.25 63.16 17.61
CA PRO C 25 -24.60 62.86 16.32
C PRO C 25 -24.41 61.35 16.07
N ASP C 26 -24.43 60.56 17.15
CA ASP C 26 -24.24 59.10 17.07
C ASP C 26 -25.55 58.36 16.93
N ALA C 27 -26.63 58.99 17.38
CA ALA C 27 -27.96 58.37 17.40
C ALA C 27 -28.34 57.63 16.09
N PRO C 28 -28.10 58.25 14.91
CA PRO C 28 -28.54 57.55 13.69
C PRO C 28 -27.72 56.31 13.37
N PHE C 29 -26.50 56.26 13.89
CA PHE C 29 -25.64 55.09 13.73
C PHE C 29 -26.06 53.94 14.64
N ASN C 30 -26.76 54.26 15.74
CA ASN C 30 -27.16 53.26 16.72
C ASN C 30 -28.57 52.69 16.49
N ARG C 31 -29.23 53.17 15.44
CA ARG C 31 -30.55 52.64 15.04
C ARG C 31 -30.40 51.32 14.33
N SER C 32 -31.23 50.36 14.73
CA SER C 32 -31.34 49.08 14.04
C SER C 32 -32.25 49.24 12.83
N HIS C 33 -31.83 48.67 11.71
CA HIS C 33 -32.68 48.65 10.52
C HIS C 33 -33.09 47.24 10.12
N VAL C 34 -32.94 46.29 11.05
CA VAL C 34 -33.40 44.92 10.87
C VAL C 34 -34.52 44.63 11.86
N PRO C 35 -35.78 44.60 11.37
CA PRO C 35 -36.92 44.37 12.26
C PRO C 35 -36.92 42.96 12.81
N LEU C 36 -37.59 42.78 13.95
CA LEU C 36 -37.72 41.49 14.59
C LEU C 36 -38.47 40.51 13.68
N GLU C 37 -37.83 39.39 13.35
CA GLU C 37 -38.47 38.34 12.56
C GLU C 37 -39.54 37.61 13.37
N PRO C 38 -40.81 37.69 12.93
CA PRO C 38 -41.91 37.01 13.62
C PRO C 38 -42.05 35.54 13.22
N GLY C 39 -42.67 34.75 14.10
CA GLY C 39 -43.01 33.36 13.80
C GLY C 39 -41.99 32.28 13.55
N ARG C 40 -40.99 32.20 14.38
CA ARG C 40 -40.01 31.12 14.34
C ARG C 40 -40.68 29.74 14.30
N VAL C 41 -39.96 28.76 13.75
CA VAL C 41 -40.46 27.38 13.72
C VAL C 41 -39.54 26.49 14.56
N ALA C 42 -40.13 25.58 15.34
CA ALA C 42 -39.33 24.72 16.22
C ALA C 42 -38.99 23.38 15.57
N ASN C 43 -37.91 22.76 16.04
CA ASN C 43 -37.53 21.42 15.61
C ASN C 43 -38.09 20.35 16.56
N ARG C 44 -37.82 19.08 16.25
CA ARG C 44 -38.32 17.97 17.03
C ARG C 44 -37.25 16.89 17.24
N VAL C 45 -35.98 17.25 17.06
CA VAL C 45 -34.89 16.25 17.06
C VAL C 45 -34.58 15.64 18.42
N ASN C 46 -34.81 16.40 19.49
CA ASN C 46 -34.59 15.88 20.84
C ASN C 46 -35.92 15.55 21.52
N ALA C 47 -36.09 14.26 21.82
CA ALA C 47 -37.31 13.74 22.42
C ALA C 47 -37.55 14.28 23.83
N ASN C 48 -36.45 14.59 24.54
CA ASN C 48 -36.53 15.07 25.91
C ASN C 48 -36.96 16.55 26.04
N ALA C 49 -36.86 17.29 24.95
CA ALA C 49 -37.16 18.73 24.96
C ALA C 49 -38.65 19.01 25.12
N ASP C 50 -38.98 20.05 25.87
CA ASP C 50 -40.38 20.43 26.10
C ASP C 50 -40.71 21.80 25.51
N LYS C 51 -42.00 22.05 25.31
CA LYS C 51 -42.48 23.26 24.65
C LYS C 51 -42.96 24.36 25.61
N ASP C 52 -42.89 24.10 26.91
CA ASP C 52 -43.43 25.03 27.91
C ASP C 52 -42.42 26.09 28.38
N ALA C 53 -41.25 25.62 28.81
CA ALA C 53 -40.24 26.51 29.39
C ALA C 53 -39.59 27.40 28.35
N HIS C 54 -39.31 28.64 28.74
CA HIS C 54 -38.57 29.57 27.90
C HIS C 54 -37.14 29.72 28.44
N LEU C 55 -36.29 30.38 27.66
CA LEU C 55 -34.90 30.63 28.06
C LEU C 55 -34.53 32.06 27.75
N VAL C 56 -34.16 32.83 28.77
CA VAL C 56 -33.53 34.13 28.56
C VAL C 56 -32.03 34.05 28.75
N SER C 57 -31.30 34.75 27.88
CA SER C 57 -29.85 34.86 27.99
C SER C 57 -29.44 36.25 28.46
N LEU C 58 -28.66 36.30 29.54
CA LEU C 58 -28.05 37.55 29.99
C LEU C 58 -26.60 37.53 29.56
N SER C 59 -26.32 38.10 28.40
CA SER C 59 -25.00 38.00 27.77
C SER C 59 -24.33 39.35 27.64
N ALA C 60 -23.05 39.40 28.00
CA ALA C 60 -22.22 40.55 27.70
C ALA C 60 -21.73 40.44 26.26
N LEU C 61 -22.63 40.74 25.32
CA LEU C 61 -22.32 40.65 23.89
C LEU C 61 -21.22 41.63 23.50
N ASN C 62 -21.09 42.71 24.28
CA ASN C 62 -19.92 43.56 24.26
C ASN C 62 -19.29 43.56 25.65
N ARG C 63 -17.99 43.31 25.72
CA ARG C 63 -17.31 43.21 27.01
C ARG C 63 -17.44 44.48 27.85
N HIS C 64 -17.33 45.63 27.20
CA HIS C 64 -17.42 46.92 27.90
C HIS C 64 -18.63 47.72 27.49
N THR C 65 -19.15 48.50 28.43
CA THR C 65 -20.29 49.38 28.19
C THR C 65 -19.90 50.52 27.26
N SER C 66 -18.77 51.16 27.54
CA SER C 66 -18.28 52.29 26.77
C SER C 66 -17.27 51.85 25.71
N GLY C 67 -17.03 52.72 24.74
CA GLY C 67 -16.04 52.48 23.69
C GLY C 67 -16.46 51.50 22.62
N VAL C 68 -17.75 51.18 22.55
CA VAL C 68 -18.25 50.25 21.56
C VAL C 68 -18.65 50.98 20.28
N PRO C 69 -17.89 50.74 19.19
CA PRO C 69 -18.26 51.33 17.89
C PRO C 69 -19.68 50.97 17.51
N SER C 70 -20.36 51.90 16.86
CA SER C 70 -21.76 51.71 16.50
C SER C 70 -22.06 50.51 15.60
N GLN C 71 -21.22 50.29 14.60
CA GLN C 71 -21.55 49.37 13.51
C GLN C 71 -20.47 48.33 13.17
N GLY C 72 -19.74 47.89 14.19
CA GLY C 72 -18.64 46.94 13.98
C GLY C 72 -17.27 47.58 14.08
N ALA C 73 -16.23 46.75 13.93
CA ALA C 73 -14.84 47.17 14.13
C ALA C 73 -13.87 46.19 13.48
N PRO C 74 -12.63 46.65 13.18
CA PRO C 74 -11.61 45.81 12.56
C PRO C 74 -10.99 44.81 13.54
N VAL C 75 -11.83 43.99 14.17
CA VAL C 75 -11.40 43.04 15.18
C VAL C 75 -12.09 41.70 14.92
N PHE C 76 -11.30 40.68 14.62
CA PHE C 76 -11.79 39.31 14.40
C PHE C 76 -12.41 38.71 15.66
N TYR C 77 -11.67 38.76 16.76
CA TYR C 77 -12.13 38.15 18.01
C TYR C 77 -13.13 39.05 18.74
N GLU C 78 -14.41 38.89 18.37
CA GLU C 78 -15.52 39.62 18.97
C GLU C 78 -16.59 38.60 19.33
N ASN C 79 -17.48 38.96 20.25
CA ASN C 79 -18.49 38.02 20.73
C ASN C 79 -19.61 37.79 19.70
N THR C 80 -19.34 36.87 18.78
CA THR C 80 -20.26 36.54 17.70
C THR C 80 -21.20 35.35 18.06
N PHE C 81 -21.84 35.47 19.21
CA PHE C 81 -22.84 34.50 19.71
C PHE C 81 -23.71 33.95 18.58
N SER C 82 -23.82 32.62 18.50
CA SER C 82 -24.52 31.99 17.37
C SER C 82 -25.63 31.00 17.78
N TYR C 83 -25.96 30.95 19.07
CA TYR C 83 -26.98 30.01 19.53
C TYR C 83 -28.32 30.67 19.85
N TRP C 84 -28.65 31.69 19.06
CA TRP C 84 -29.94 32.35 19.08
C TRP C 84 -31.11 31.37 18.99
N HIS C 85 -30.86 30.21 18.41
CA HIS C 85 -31.91 29.23 18.17
C HIS C 85 -32.45 28.53 19.42
N TYR C 86 -31.68 28.56 20.52
CA TYR C 86 -32.14 28.02 21.81
C TYR C 86 -32.56 29.11 22.78
N THR C 87 -32.53 30.35 22.29
CA THR C 87 -32.84 31.52 23.11
C THR C 87 -34.21 32.08 22.71
N ASP C 88 -34.99 32.49 23.70
CA ASP C 88 -36.30 33.11 23.49
C ASP C 88 -36.23 34.61 23.72
N LEU C 89 -35.29 35.03 24.56
CA LEU C 89 -35.13 36.42 24.93
C LEU C 89 -33.65 36.70 25.20
N MET C 90 -33.16 37.82 24.70
CA MET C 90 -31.77 38.21 24.95
C MET C 90 -31.72 39.49 25.74
N VAL C 91 -30.96 39.47 26.82
CA VAL C 91 -30.73 40.67 27.61
C VAL C 91 -29.29 41.11 27.36
N TYR C 92 -29.14 42.34 26.88
CA TYR C 92 -27.83 42.95 26.69
C TYR C 92 -27.23 43.29 28.06
N TRP C 93 -26.27 42.49 28.49
CA TRP C 93 -25.64 42.71 29.79
C TRP C 93 -24.60 43.81 29.71
N ALA C 94 -24.85 44.88 30.47
CA ALA C 94 -24.01 46.07 30.45
C ALA C 94 -24.43 47.04 31.56
N GLY C 95 -23.62 48.07 31.78
CA GLY C 95 -23.89 49.05 32.81
C GLY C 95 -22.88 48.99 33.94
N SER C 96 -22.52 50.17 34.43
CA SER C 96 -21.66 50.32 35.61
C SER C 96 -21.80 51.73 36.16
N ALA C 97 -21.37 51.89 37.41
CA ALA C 97 -21.33 53.19 38.07
C ALA C 97 -20.38 54.15 37.38
N GLY C 98 -19.34 53.62 36.76
CA GLY C 98 -18.33 54.44 36.09
C GLY C 98 -18.67 54.86 34.67
N GLU C 99 -19.48 54.05 33.98
CA GLU C 99 -19.73 54.27 32.55
C GLU C 99 -21.15 54.74 32.23
N GLY C 100 -22.13 54.23 32.96
CA GLY C 100 -23.54 54.50 32.66
C GLY C 100 -24.39 53.32 33.08
N ILE C 101 -25.59 53.61 33.58
CA ILE C 101 -26.45 52.58 34.16
C ILE C 101 -27.67 52.24 33.27
N ILE C 102 -27.89 53.05 32.25
CA ILE C 102 -28.92 52.78 31.26
C ILE C 102 -28.23 52.53 29.94
N VAL C 103 -28.34 51.32 29.43
CA VAL C 103 -27.61 50.97 28.23
C VAL C 103 -28.41 50.09 27.25
N PRO C 104 -28.68 50.64 26.06
CA PRO C 104 -29.34 49.90 24.99
C PRO C 104 -28.37 48.92 24.31
N PRO C 105 -28.91 47.87 23.65
CA PRO C 105 -28.01 47.02 22.87
C PRO C 105 -27.47 47.78 21.67
N SER C 106 -26.25 47.46 21.24
CA SER C 106 -25.68 48.09 20.06
C SER C 106 -26.40 47.57 18.80
N ALA C 107 -26.45 48.41 17.75
CA ALA C 107 -27.19 48.10 16.52
C ALA C 107 -26.84 46.76 15.87
N ASP C 108 -25.55 46.44 15.85
CA ASP C 108 -25.04 45.21 15.23
C ASP C 108 -25.64 43.97 15.88
N VAL C 109 -25.74 44.04 17.20
CA VAL C 109 -26.26 42.97 18.04
C VAL C 109 -27.79 42.90 17.99
N ILE C 110 -28.45 44.05 17.89
CA ILE C 110 -29.90 44.08 17.69
C ILE C 110 -30.25 43.40 16.37
N ASP C 111 -29.51 43.73 15.32
CA ASP C 111 -29.71 43.13 13.98
C ASP C 111 -29.60 41.60 14.01
N ALA C 112 -28.51 41.10 14.59
CA ALA C 112 -28.29 39.65 14.68
C ALA C 112 -29.43 38.97 15.45
N SER C 113 -29.77 39.53 16.62
CA SER C 113 -30.89 39.03 17.41
C SER C 113 -32.17 38.99 16.57
N HIS C 114 -32.47 40.10 15.92
CA HIS C 114 -33.69 40.27 15.13
C HIS C 114 -33.80 39.37 13.91
N ARG C 115 -32.66 39.09 13.27
CA ARG C 115 -32.62 38.14 12.15
C ARG C 115 -33.09 36.76 12.56
N ASN C 116 -32.81 36.40 13.80
CA ASN C 116 -33.18 35.11 14.36
C ASN C 116 -34.49 35.12 15.15
N GLY C 117 -35.22 36.22 15.08
CA GLY C 117 -36.51 36.35 15.77
C GLY C 117 -36.45 36.44 17.29
N VAL C 118 -35.29 36.83 17.82
CA VAL C 118 -35.11 36.94 19.27
C VAL C 118 -35.27 38.40 19.67
N PRO C 119 -36.27 38.68 20.54
CA PRO C 119 -36.39 40.01 21.13
C PRO C 119 -35.17 40.31 22.02
N ILE C 120 -34.68 41.54 21.96
CA ILE C 120 -33.48 41.91 22.69
C ILE C 120 -33.76 43.13 23.57
N LEU C 121 -33.32 43.04 24.82
CA LEU C 121 -33.63 44.05 25.81
C LEU C 121 -32.40 44.85 26.19
N GLY C 122 -32.62 46.16 26.42
CA GLY C 122 -31.61 47.03 27.00
C GLY C 122 -31.51 46.75 28.49
N ASN C 123 -30.57 47.43 29.14
CA ASN C 123 -30.27 47.19 30.55
C ASN C 123 -30.39 48.46 31.36
N VAL C 124 -31.15 48.40 32.45
CA VAL C 124 -31.14 49.46 33.47
C VAL C 124 -30.57 48.86 34.77
N PHE C 125 -29.37 49.31 35.11
CA PHE C 125 -28.60 48.71 36.21
C PHE C 125 -28.32 49.71 37.31
N PHE C 126 -29.00 49.55 38.44
CA PHE C 126 -28.67 50.30 39.65
C PHE C 126 -27.68 49.47 40.45
N PRO C 127 -26.38 49.84 40.39
CA PRO C 127 -25.28 49.03 40.94
C PRO C 127 -25.28 48.95 42.47
N PRO C 128 -24.70 47.87 43.02
CA PRO C 128 -24.48 47.81 44.46
C PRO C 128 -23.58 48.95 44.89
N THR C 129 -23.75 49.42 46.12
CA THR C 129 -22.96 50.55 46.62
C THR C 129 -21.45 50.27 46.70
N VAL C 130 -21.08 48.98 46.87
CA VAL C 130 -19.67 48.57 46.86
C VAL C 130 -18.99 48.91 45.53
N TYR C 131 -19.78 48.92 44.46
CA TYR C 131 -19.25 49.18 43.12
C TYR C 131 -19.64 50.56 42.59
N GLY C 132 -19.90 51.48 43.51
CA GLY C 132 -20.14 52.89 43.16
C GLY C 132 -21.59 53.25 42.91
N GLY C 133 -22.49 52.35 43.28
CA GLY C 133 -23.93 52.57 43.15
C GLY C 133 -24.42 53.73 43.99
N GLN C 134 -25.47 54.39 43.54
CA GLN C 134 -25.97 55.60 44.18
C GLN C 134 -27.49 55.62 44.21
N LEU C 135 -28.04 55.72 45.41
CA LEU C 135 -29.50 55.87 45.61
C LEU C 135 -30.09 57.00 44.78
N GLU C 136 -29.33 58.09 44.64
CA GLU C 136 -29.73 59.26 43.88
C GLU C 136 -30.21 58.87 42.47
N TRP C 137 -29.39 58.08 41.78
CA TRP C 137 -29.72 57.58 40.44
C TRP C 137 -31.07 56.89 40.42
N LEU C 138 -31.37 56.12 41.46
CA LEU C 138 -32.65 55.43 41.55
C LEU C 138 -33.80 56.41 41.78
N GLU C 139 -33.56 57.44 42.59
CA GLU C 139 -34.57 58.46 42.88
C GLU C 139 -34.83 59.35 41.66
N GLN C 140 -33.78 59.62 40.88
CA GLN C 140 -33.89 60.39 39.64
C GLN C 140 -34.75 59.67 38.62
N MET C 141 -34.51 58.36 38.47
CA MET C 141 -35.29 57.53 37.55
C MET C 141 -36.75 57.41 37.98
N LEU C 142 -36.99 57.46 39.29
CA LEU C 142 -38.34 57.32 39.84
C LEU C 142 -39.10 58.64 40.05
N GLU C 143 -38.53 59.75 39.56
CA GLU C 143 -39.14 61.09 39.73
C GLU C 143 -40.49 61.22 39.01
N GLN C 144 -41.57 61.34 39.79
CA GLN C 144 -42.91 61.32 39.24
C GLN C 144 -43.51 62.67 39.10
N GLU C 145 -44.24 62.82 38.02
CA GLU C 145 -44.81 64.11 37.72
C GLU C 145 -46.30 64.15 37.84
N SER C 149 -47.26 60.46 35.75
CA SER C 149 -46.35 59.97 34.72
C SER C 149 -44.90 60.01 35.19
N PHE C 150 -44.08 59.13 34.61
CA PHE C 150 -42.66 59.04 34.91
C PHE C 150 -41.85 59.46 33.68
N PRO C 151 -41.28 60.68 33.71
CA PRO C 151 -40.53 61.24 32.57
C PRO C 151 -39.42 60.35 31.99
N LEU C 152 -38.70 59.63 32.85
CA LEU C 152 -37.56 58.81 32.41
C LEU C 152 -37.98 57.42 31.96
N ALA C 153 -39.16 56.99 32.40
CA ALA C 153 -39.83 55.82 31.82
C ALA C 153 -40.24 56.11 30.38
N ASP C 154 -40.78 57.31 30.15
CA ASP C 154 -41.04 57.82 28.79
C ASP C 154 -39.76 57.80 27.96
N LYS C 155 -38.65 58.21 28.58
CA LYS C 155 -37.34 58.22 27.91
C LYS C 155 -36.87 56.81 27.54
N LEU C 156 -37.08 55.86 28.44
CA LEU C 156 -36.76 54.44 28.20
C LEU C 156 -37.54 53.89 27.01
N LEU C 157 -38.82 54.23 26.93
CA LEU C 157 -39.69 53.81 25.83
C LEU C 157 -39.34 54.49 24.50
N GLU C 158 -38.86 55.73 24.58
CA GLU C 158 -38.40 56.49 23.42
C GLU C 158 -37.14 55.89 22.80
N VAL C 159 -36.17 55.54 23.65
CA VAL C 159 -34.92 54.91 23.21
C VAL C 159 -35.20 53.59 22.47
N ALA C 160 -35.97 52.71 23.09
CA ALA C 160 -36.32 51.41 22.51
C ALA C 160 -37.03 51.56 21.16
N ASP C 161 -37.94 52.53 21.06
CA ASP C 161 -38.63 52.81 19.80
C ASP C 161 -37.68 53.32 18.72
N TYR C 162 -36.90 54.35 19.04
CA TYR C 162 -36.01 55.00 18.07
C TYR C 162 -34.88 54.06 17.61
N TYR C 163 -34.21 53.40 18.54
CA TYR C 163 -33.13 52.48 18.21
C TYR C 163 -33.63 51.14 17.67
N GLY C 164 -34.84 50.76 18.04
CA GLY C 164 -35.47 49.54 17.52
C GLY C 164 -35.14 48.26 18.25
N PHE C 165 -35.31 48.27 19.58
CA PHE C 165 -35.25 47.04 20.37
C PHE C 165 -36.50 46.84 21.24
N ASP C 166 -36.53 45.76 21.99
CA ASP C 166 -37.80 45.16 22.39
C ASP C 166 -38.19 45.27 23.87
N GLY C 167 -37.57 46.18 24.59
CA GLY C 167 -37.88 46.40 26.00
C GLY C 167 -36.65 46.55 26.87
N TRP C 168 -36.84 46.36 28.17
CA TRP C 168 -35.80 46.64 29.15
C TRP C 168 -35.71 45.59 30.25
N PHE C 169 -34.48 45.31 30.66
CA PHE C 169 -34.20 44.50 31.83
C PHE C 169 -33.89 45.46 32.98
N ILE C 170 -34.69 45.40 34.04
CA ILE C 170 -34.50 46.28 35.20
C ILE C 170 -33.84 45.54 36.37
N ASN C 171 -32.66 46.01 36.76
CA ASN C 171 -31.87 45.37 37.81
C ASN C 171 -31.53 46.39 38.92
N GLN C 172 -32.31 46.34 39.99
CA GLN C 172 -32.15 47.25 41.12
C GLN C 172 -31.34 46.56 42.22
N GLU C 173 -30.07 46.98 42.36
CA GLU C 173 -29.14 46.36 43.31
C GLU C 173 -28.59 47.36 44.33
N THR C 174 -29.04 48.62 44.26
CA THR C 174 -28.56 49.69 45.14
C THR C 174 -29.24 49.67 46.51
N GLU C 175 -28.42 49.55 47.56
CA GLU C 175 -28.92 49.41 48.92
C GLU C 175 -29.34 50.76 49.51
N GLY C 176 -30.15 50.72 50.56
CA GLY C 176 -30.58 51.93 51.27
C GLY C 176 -31.92 52.49 50.83
N ALA C 177 -32.72 51.67 50.15
CA ALA C 177 -34.07 52.07 49.71
C ALA C 177 -35.15 51.64 50.71
N ASP C 178 -36.10 52.53 50.95
CA ASP C 178 -37.21 52.25 51.87
C ASP C 178 -38.48 51.79 51.14
N GLU C 179 -39.55 51.55 51.89
CA GLU C 179 -40.83 51.12 51.36
C GLU C 179 -41.46 52.13 50.39
N GLY C 180 -41.20 53.42 50.62
CA GLY C 180 -41.64 54.48 49.73
C GLY C 180 -41.02 54.35 48.35
N THR C 181 -39.71 54.14 48.32
CA THR C 181 -38.97 53.90 47.07
C THR C 181 -39.44 52.63 46.38
N ALA C 182 -39.71 51.59 47.18
CA ALA C 182 -40.20 50.31 46.67
C ALA C 182 -41.55 50.45 45.95
N GLU C 183 -42.45 51.23 46.55
CA GLU C 183 -43.77 51.47 45.95
C GLU C 183 -43.69 52.35 44.71
N ALA C 184 -42.77 53.34 44.71
CA ALA C 184 -42.53 54.17 43.54
C ALA C 184 -41.96 53.36 42.36
N MET C 185 -41.19 52.33 42.68
CA MET C 185 -40.63 51.44 41.67
C MET C 185 -41.73 50.62 41.03
N GLN C 186 -42.59 50.05 41.87
CA GLN C 186 -43.76 49.30 41.42
C GLN C 186 -44.69 50.15 40.54
N ALA C 187 -44.81 51.43 40.87
CA ALA C 187 -45.59 52.38 40.07
C ALA C 187 -44.90 52.69 38.73
N PHE C 188 -43.58 52.80 38.76
CA PHE C 188 -42.75 52.96 37.56
C PHE C 188 -42.93 51.77 36.62
N LEU C 189 -42.97 50.57 37.19
CA LEU C 189 -43.13 49.34 36.43
C LEU C 189 -44.54 49.20 35.84
N VAL C 190 -45.55 49.59 36.63
CA VAL C 190 -46.93 49.60 36.16
C VAL C 190 -47.12 50.64 35.05
N TYR C 191 -46.44 51.78 35.19
CA TYR C 191 -46.46 52.84 34.16
C TYR C 191 -45.87 52.37 32.83
N LEU C 192 -44.74 51.67 32.89
CA LEU C 192 -44.14 51.04 31.71
C LEU C 192 -45.10 50.08 31.02
N GLN C 193 -45.84 49.31 31.79
CA GLN C 193 -46.81 48.34 31.26
C GLN C 193 -48.00 49.01 30.55
N GLU C 194 -48.36 50.07 31.03
CA GLU C 194 -49.46 50.85 30.47
C GLU C 194 -49.04 51.61 29.21
N GLN C 195 -47.81 52.08 29.16
CA GLN C 195 -47.32 52.89 28.06
C GLN C 195 -46.58 52.17 26.95
N LYS C 196 -46.07 51.00 27.24
CA LYS C 196 -45.22 50.26 26.29
C LYS C 196 -45.99 49.86 25.03
N PRO C 197 -45.27 49.72 23.88
CA PRO C 197 -45.91 49.16 22.68
C PRO C 197 -46.26 47.69 22.89
N GLU C 198 -47.20 47.19 22.11
CA GLU C 198 -47.55 45.77 22.16
C GLU C 198 -46.30 44.95 21.82
N GLY C 199 -46.10 43.86 22.55
CA GLY C 199 -44.96 42.97 22.29
C GLY C 199 -43.69 43.35 23.02
N MET C 200 -43.62 44.57 23.55
CA MET C 200 -42.46 45.00 24.34
C MET C 200 -42.39 44.25 25.66
N HIS C 201 -41.16 43.97 26.11
CA HIS C 201 -40.96 43.16 27.29
C HIS C 201 -40.22 43.93 28.39
N ILE C 202 -40.73 43.84 29.62
CA ILE C 202 -40.05 44.38 30.79
C ILE C 202 -39.76 43.26 31.78
N MET C 203 -38.48 42.97 31.95
CA MET C 203 -38.03 41.95 32.89
C MET C 203 -37.40 42.60 34.11
N TRP C 204 -37.76 42.09 35.29
CA TRP C 204 -37.33 42.61 36.58
C TRP C 204 -36.43 41.58 37.23
N TYR C 205 -35.32 42.02 37.80
CA TYR C 205 -34.44 41.10 38.54
C TYR C 205 -34.94 40.89 39.97
N ASP C 206 -34.97 39.63 40.42
CA ASP C 206 -35.34 39.26 41.80
C ASP C 206 -34.39 39.74 42.91
N SER C 207 -34.49 41.04 43.22
CA SER C 207 -33.63 41.65 44.24
C SER C 207 -34.38 42.47 45.31
N MET C 208 -34.69 43.73 45.00
CA MET C 208 -35.39 44.62 45.93
C MET C 208 -36.79 44.13 46.27
N ILE C 209 -37.05 43.88 47.56
CA ILE C 209 -38.32 43.34 48.02
C ILE C 209 -39.33 44.46 48.36
N ASP C 210 -40.47 44.07 48.94
CA ASP C 210 -41.54 45.04 49.28
C ASP C 210 -41.12 46.16 50.23
N THR C 211 -40.31 45.98 51.14
CA THR C 211 -39.75 46.92 52.11
C THR C 211 -38.76 47.91 51.47
N GLY C 212 -38.17 47.42 50.36
CA GLY C 212 -37.16 48.23 49.69
C GLY C 212 -35.77 47.66 49.89
N ALA C 213 -35.63 46.75 50.85
CA ALA C 213 -34.38 46.07 51.12
C ALA C 213 -34.02 45.18 49.95
N ILE C 214 -32.72 45.02 49.71
CA ILE C 214 -32.25 44.05 48.73
C ILE C 214 -32.03 42.69 49.36
N ALA C 215 -33.01 41.82 49.15
CA ALA C 215 -33.03 40.48 49.73
C ALA C 215 -33.51 39.51 48.67
N TRP C 216 -32.58 39.08 47.83
CA TRP C 216 -32.87 38.14 46.74
C TRP C 216 -33.57 36.89 47.30
N GLN C 217 -34.71 36.56 46.70
CA GLN C 217 -35.57 35.49 47.19
C GLN C 217 -35.25 34.14 46.56
N ASN C 218 -34.65 34.18 45.37
CA ASN C 218 -34.29 32.98 44.60
C ASN C 218 -35.50 32.18 44.15
N HIS C 219 -36.69 32.74 44.39
CA HIS C 219 -37.97 32.13 44.06
C HIS C 219 -39.00 33.23 43.74
N THR C 221 -41.92 34.68 45.70
CA THR C 221 -42.37 34.62 47.09
C THR C 221 -43.30 35.79 47.40
N ASP C 222 -43.81 35.84 48.63
CA ASP C 222 -44.65 36.95 49.06
C ASP C 222 -43.90 38.27 49.20
N ARG C 223 -42.58 38.19 49.35
CA ARG C 223 -41.73 39.38 49.48
C ARG C 223 -41.47 40.08 48.14
N ASN C 224 -41.58 39.34 47.03
CA ASN C 224 -41.28 39.91 45.71
C ASN C 224 -42.41 39.83 44.67
N LYS C 225 -43.48 39.09 44.98
CA LYS C 225 -44.60 38.90 44.04
C LYS C 225 -45.21 40.19 43.45
N MET C 226 -45.15 41.26 44.21
CA MET C 226 -45.71 42.54 43.80
C MET C 226 -45.04 43.20 42.59
N TYR C 227 -43.85 42.72 42.31
CA TYR C 227 -42.98 43.21 41.25
C TYR C 227 -43.27 42.61 39.85
N LEU C 228 -44.09 41.57 39.82
CA LEU C 228 -44.60 40.94 38.65
C LEU C 228 -46.01 41.51 38.34
N THR C 233 -53.99 42.92 38.46
CA THR C 233 -53.15 43.89 37.79
C THR C 233 -51.77 43.28 37.38
N ARG C 234 -51.01 43.88 36.53
CA ARG C 234 -49.83 43.16 36.12
C ARG C 234 -48.64 44.07 36.02
N VAL C 235 -47.56 43.78 36.75
CA VAL C 235 -46.48 44.75 36.91
C VAL C 235 -45.19 44.63 36.02
N ALA C 236 -44.84 43.42 35.61
CA ALA C 236 -43.76 43.18 34.72
C ALA C 236 -44.08 41.93 33.94
N ASP C 237 -43.45 41.80 32.80
CA ASP C 237 -43.69 40.67 31.91
C ASP C 237 -43.01 39.40 32.43
N SER C 238 -41.99 39.57 33.26
CA SER C 238 -41.23 38.45 33.78
C SER C 238 -40.36 38.84 34.96
N MET C 239 -39.85 37.82 35.64
CA MET C 239 -38.91 38.02 36.73
C MET C 239 -37.73 37.08 36.52
N PHE C 240 -36.52 37.62 36.64
CA PHE C 240 -35.32 36.78 36.66
C PHE C 240 -35.02 36.44 38.10
N LEU C 241 -35.09 35.14 38.43
CA LEU C 241 -34.90 34.66 39.80
C LEU C 241 -33.42 34.46 40.15
N ASN C 242 -33.01 35.00 41.31
CA ASN C 242 -31.64 34.85 41.79
C ASN C 242 -31.22 33.39 41.98
N PHE C 243 -29.91 33.16 42.03
CA PHE C 243 -29.30 31.84 41.78
C PHE C 243 -29.42 30.76 42.86
N TRP C 244 -29.68 31.17 44.10
CA TRP C 244 -29.54 30.25 45.23
C TRP C 244 -30.81 29.46 45.58
N TRP C 245 -31.20 28.61 44.64
CA TRP C 245 -32.35 27.73 44.79
C TRP C 245 -31.97 26.27 44.60
N ARG C 246 -32.82 25.37 45.07
CA ARG C 246 -32.64 23.94 44.88
C ARG C 246 -33.83 23.34 44.14
N ASP C 247 -34.97 24.01 44.26
CA ASP C 247 -36.24 23.55 43.70
C ASP C 247 -37.14 24.75 43.40
N GLN C 248 -37.98 24.63 42.37
CA GLN C 248 -38.82 25.74 41.94
C GLN C 248 -40.33 25.45 41.97
N ARG C 249 -40.71 24.27 42.45
CA ARG C 249 -42.13 23.87 42.52
C ARG C 249 -43.00 24.91 43.21
N GLN C 250 -42.48 25.54 44.25
CA GLN C 250 -43.22 26.54 45.03
C GLN C 250 -43.44 27.85 44.27
N SER C 251 -42.47 28.23 43.43
CA SER C 251 -42.61 29.39 42.55
C SER C 251 -43.69 29.12 41.51
N ASN C 252 -43.66 27.88 41.00
CA ASN C 252 -44.65 27.40 40.05
C ASN C 252 -46.07 27.48 40.63
N GLU C 253 -46.24 26.92 41.84
CA GLU C 253 -47.55 26.92 42.52
C GLU C 253 -48.03 28.33 42.85
N LEU C 254 -47.13 29.19 43.31
CA LEU C 254 -47.48 30.57 43.64
C LEU C 254 -47.84 31.40 42.40
N ALA C 255 -47.17 31.14 41.28
CA ALA C 255 -47.40 31.90 40.05
C ALA C 255 -48.81 31.65 39.52
N GLN C 256 -49.24 30.39 39.60
CA GLN C 256 -50.59 30.00 39.22
C GLN C 256 -51.65 30.65 40.11
N ALA C 257 -51.34 30.79 41.40
CA ALA C 257 -52.20 31.46 42.37
C ALA C 257 -52.34 32.97 42.11
N LEU C 258 -51.41 33.52 41.34
CA LEU C 258 -51.48 34.92 40.94
C LEU C 258 -52.13 35.06 39.56
N GLY C 259 -52.41 33.93 38.92
CA GLY C 259 -52.98 33.92 37.57
C GLY C 259 -51.94 34.28 36.53
N ARG C 260 -50.72 33.80 36.74
CA ARG C 260 -49.60 34.04 35.84
C ARG C 260 -48.98 32.73 35.42
N SER C 261 -48.43 32.69 34.21
CA SER C 261 -47.68 31.54 33.75
C SER C 261 -46.43 31.40 34.61
N PRO C 262 -46.13 30.18 35.08
CA PRO C 262 -44.88 29.92 35.81
C PRO C 262 -43.67 30.11 34.90
N TYR C 263 -43.91 30.20 33.60
CA TYR C 263 -42.84 30.32 32.61
C TYR C 263 -42.45 31.77 32.29
N ASP C 264 -43.12 32.72 32.94
CA ASP C 264 -42.64 34.09 33.02
C ASP C 264 -41.61 34.22 34.15
N LEU C 265 -41.37 33.11 34.85
CA LEU C 265 -40.34 33.07 35.88
C LEU C 265 -39.12 32.37 35.32
N TYR C 266 -37.98 33.07 35.34
CA TYR C 266 -36.75 32.54 34.79
C TYR C 266 -35.76 32.26 35.91
N ALA C 267 -35.62 30.99 36.25
CA ALA C 267 -34.75 30.54 37.35
C ALA C 267 -33.29 30.70 36.96
N GLY C 268 -32.60 31.58 37.67
CA GLY C 268 -31.23 31.96 37.34
C GLY C 268 -30.19 30.89 37.59
N VAL C 269 -29.26 30.79 36.65
CA VAL C 269 -28.10 29.92 36.77
C VAL C 269 -26.87 30.74 36.38
N ASP C 270 -25.94 30.87 37.33
CA ASP C 270 -24.76 31.69 37.13
C ASP C 270 -23.64 30.83 36.55
N VAL C 271 -23.39 31.02 35.25
CA VAL C 271 -22.39 30.23 34.53
C VAL C 271 -21.11 31.04 34.23
N GLU C 272 -21.03 32.25 34.79
CA GLU C 272 -19.98 33.19 34.41
C GLU C 272 -18.56 32.65 34.52
N ALA C 273 -18.23 32.05 35.65
CA ALA C 273 -16.86 31.62 35.92
C ALA C 273 -16.53 30.27 35.30
N ARG C 274 -17.50 29.37 35.26
CA ARG C 274 -17.22 27.95 34.99
C ARG C 274 -17.91 27.35 33.77
N GLY C 275 -18.90 28.05 33.23
CA GLY C 275 -19.65 27.57 32.06
C GLY C 275 -20.19 26.17 32.23
N THR C 276 -19.74 25.26 31.38
CA THR C 276 -20.20 23.87 31.42
C THR C 276 -19.84 23.10 32.71
N SER C 277 -18.88 23.65 33.47
CA SER C 277 -18.50 23.07 34.76
C SER C 277 -19.30 23.62 35.95
N THR C 278 -20.31 24.41 35.67
CA THR C 278 -21.18 24.96 36.71
C THR C 278 -22.09 23.88 37.28
N PRO C 279 -22.06 23.67 38.62
CA PRO C 279 -22.98 22.73 39.26
C PRO C 279 -24.39 23.29 39.28
N VAL C 280 -25.35 22.49 38.80
CA VAL C 280 -26.76 22.88 38.77
C VAL C 280 -27.63 21.71 39.23
N GLN C 281 -28.64 22.01 40.03
CA GLN C 281 -29.66 21.03 40.40
C GLN C 281 -30.78 21.06 39.36
N TRP C 282 -30.50 20.48 38.19
CA TRP C 282 -31.43 20.50 37.05
C TRP C 282 -32.80 19.94 37.39
N GLU C 283 -32.82 18.87 38.19
CA GLU C 283 -34.05 18.20 38.63
C GLU C 283 -34.97 19.13 39.43
N GLY C 284 -34.36 20.10 40.12
CA GLY C 284 -35.10 21.15 40.83
C GLY C 284 -35.82 22.13 39.92
N LEU C 285 -35.50 22.08 38.62
CA LEU C 285 -36.14 22.94 37.63
C LEU C 285 -36.87 22.10 36.56
N PHE C 286 -36.24 21.00 36.16
CA PHE C 286 -36.85 20.06 35.21
C PHE C 286 -37.02 18.69 35.88
N PRO C 287 -38.12 18.50 36.65
CA PRO C 287 -38.34 17.26 37.39
C PRO C 287 -38.40 16.02 36.48
N GLU C 288 -37.72 14.96 36.93
CA GLU C 288 -37.49 13.74 36.15
C GLU C 288 -38.48 13.18 35.15
N GLY C 289 -39.76 13.32 35.42
CA GLY C 289 -40.80 12.81 34.53
C GLY C 289 -41.98 13.74 34.41
N GLU C 290 -41.90 14.85 35.08
CA GLU C 290 -42.90 15.89 35.03
C GLU C 290 -42.49 17.02 34.14
N LYS C 291 -43.36 18.00 34.10
CA LYS C 291 -43.23 19.24 33.42
C LYS C 291 -42.19 20.19 34.13
N ALA C 292 -41.63 21.14 33.39
CA ALA C 292 -40.72 22.14 33.96
C ALA C 292 -41.45 23.04 34.97
N HIS C 293 -40.79 23.35 36.07
CA HIS C 293 -41.39 24.21 37.10
C HIS C 293 -41.51 25.66 36.64
N THR C 294 -40.45 26.16 36.01
CA THR C 294 -40.39 27.52 35.49
C THR C 294 -39.58 27.57 34.18
N SER C 295 -39.29 28.78 33.70
CA SER C 295 -38.37 28.95 32.60
C SER C 295 -36.94 29.00 33.14
N LEU C 296 -35.96 29.14 32.23
CA LEU C 296 -34.54 29.15 32.59
C LEU C 296 -33.87 30.49 32.26
N GLY C 297 -33.11 31.00 33.22
CA GLY C 297 -32.35 32.22 33.02
C GLY C 297 -30.87 31.95 33.11
N LEU C 298 -30.16 32.23 32.01
CA LEU C 298 -28.71 32.01 31.97
C LEU C 298 -27.94 33.29 32.18
N TYR C 299 -27.16 33.33 33.27
CA TYR C 299 -26.39 34.50 33.59
C TYR C 299 -24.96 34.38 33.06
N ARG C 300 -24.68 35.12 32.00
CA ARG C 300 -23.33 35.24 31.40
C ARG C 300 -22.79 33.98 30.67
N PRO C 301 -23.56 33.45 29.69
CA PRO C 301 -23.08 32.38 28.82
C PRO C 301 -21.91 32.85 27.93
N ASP C 302 -21.75 34.16 27.81
CA ASP C 302 -20.58 34.74 27.14
C ASP C 302 -19.26 34.34 27.83
N TRP C 303 -19.37 33.55 28.90
CA TRP C 303 -18.27 32.76 29.45
C TRP C 303 -17.46 32.12 28.33
N ALA C 304 -18.17 31.58 27.34
CA ALA C 304 -17.55 30.91 26.20
C ALA C 304 -16.51 31.79 25.51
N PHE C 305 -16.84 33.08 25.39
CA PHE C 305 -15.99 34.08 24.76
C PHE C 305 -14.94 34.67 25.72
N GLN C 306 -15.37 35.02 26.89
CA GLN C 306 -14.51 35.60 27.88
C GLN C 306 -13.41 34.73 28.47
N SER C 307 -13.67 33.45 28.57
CA SER C 307 -12.70 32.49 29.09
C SER C 307 -11.79 31.93 27.99
N SER C 308 -11.98 32.39 26.75
CA SER C 308 -11.20 31.87 25.61
C SER C 308 -10.31 32.94 24.99
N GLU C 309 -9.31 32.48 24.25
CA GLU C 309 -8.33 33.36 23.61
C GLU C 309 -8.52 33.44 22.11
N THR C 310 -9.15 32.41 21.53
CA THR C 310 -9.26 32.29 20.08
C THR C 310 -10.69 31.95 19.64
N MET C 311 -11.04 32.39 18.44
CA MET C 311 -12.36 32.21 17.85
C MET C 311 -12.77 30.74 17.83
N GLU C 312 -11.83 29.87 17.46
CA GLU C 312 -12.10 28.45 17.39
C GLU C 312 -12.49 27.86 18.74
N ALA C 313 -11.77 28.21 19.79
CA ALA C 313 -12.04 27.69 21.14
C ALA C 313 -13.34 28.27 21.70
N PHE C 314 -13.56 29.55 21.39
CA PHE C 314 -14.81 30.24 21.69
C PHE C 314 -16.00 29.48 21.10
N TYR C 315 -15.93 29.17 19.80
CA TYR C 315 -17.00 28.45 19.12
C TYR C 315 -17.19 27.00 19.59
N GLU C 316 -16.10 26.36 20.00
CA GLU C 316 -16.14 25.01 20.57
C GLU C 316 -16.87 25.00 21.92
N LYS C 317 -16.53 25.96 22.78
CA LYS C 317 -17.17 26.11 24.08
C LYS C 317 -18.65 26.42 23.98
N GLU C 318 -19.04 27.24 22.99
CA GLU C 318 -20.46 27.54 22.77
C GLU C 318 -21.19 26.27 22.37
N LEU C 319 -20.56 25.48 21.51
CA LEU C 319 -21.15 24.19 21.12
C LEU C 319 -21.34 23.30 22.34
N GLN C 320 -20.30 23.19 23.16
CA GLN C 320 -20.33 22.36 24.36
C GLN C 320 -21.36 22.85 25.38
N PHE C 321 -21.57 24.16 25.43
CA PHE C 321 -22.52 24.76 26.36
C PHE C 321 -23.98 24.58 25.92
N TRP C 322 -24.26 24.89 24.65
CA TRP C 322 -25.63 24.93 24.15
C TRP C 322 -26.15 23.59 23.63
N VAL C 323 -25.23 22.76 23.14
CA VAL C 323 -25.58 21.45 22.58
C VAL C 323 -25.20 20.29 23.51
N GLY C 324 -24.06 20.44 24.19
CA GLY C 324 -23.56 19.40 25.10
C GLY C 324 -22.32 18.71 24.58
N SER C 325 -21.77 17.81 25.40
CA SER C 325 -20.54 17.07 25.09
C SER C 325 -20.66 16.14 23.89
N THR C 326 -21.89 15.72 23.59
CA THR C 326 -22.18 14.88 22.45
C THR C 326 -21.81 15.53 21.12
N GLY C 327 -22.02 16.85 21.04
CA GLY C 327 -21.86 17.58 19.79
C GLY C 327 -22.97 17.26 18.81
N ASN C 328 -24.08 16.71 19.32
CA ASN C 328 -25.25 16.37 18.52
C ASN C 328 -26.49 16.69 19.34
N PRO C 329 -27.29 17.66 18.88
CA PRO C 329 -28.49 18.10 19.61
C PRO C 329 -29.60 17.05 19.69
N ALA C 330 -29.56 16.06 18.80
CA ALA C 330 -30.56 14.98 18.78
C ALA C 330 -30.24 13.88 19.78
N GLU C 331 -28.97 13.82 20.20
CA GLU C 331 -28.47 12.73 21.03
C GLU C 331 -27.80 13.26 22.29
N THR C 332 -28.58 13.75 23.24
CA THR C 332 -28.03 14.32 24.47
C THR C 332 -27.84 13.31 25.62
N ASP C 333 -26.99 13.63 26.59
CA ASP C 333 -26.71 12.83 27.79
C ASP C 333 -27.18 13.57 29.02
N GLY C 334 -28.38 13.25 29.41
CA GLY C 334 -29.04 13.81 30.55
C GLY C 334 -28.43 13.43 31.86
N GLN C 335 -27.57 12.46 31.89
CA GLN C 335 -26.87 12.05 33.11
C GLN C 335 -25.57 12.82 33.35
N SER C 336 -25.16 13.58 32.35
CA SER C 336 -23.99 14.37 32.36
C SER C 336 -24.26 15.54 33.24
N ASN C 337 -23.22 16.05 33.84
CA ASN C 337 -23.26 17.26 34.67
C ASN C 337 -23.76 18.45 33.86
N TRP C 338 -23.44 18.47 32.57
CA TRP C 338 -23.96 19.47 31.64
C TRP C 338 -24.56 18.82 30.40
N PRO C 339 -25.88 18.52 30.43
CA PRO C 339 -26.58 17.91 29.29
C PRO C 339 -26.67 18.83 28.06
N GLY C 340 -26.54 20.14 28.27
CA GLY C 340 -26.65 21.12 27.20
C GLY C 340 -28.08 21.63 27.07
N MET C 341 -28.24 22.82 26.49
CA MET C 341 -29.57 23.43 26.37
C MET C 341 -30.49 22.70 25.41
N ALA C 342 -29.90 22.03 24.41
CA ALA C 342 -30.64 21.21 23.44
C ALA C 342 -31.42 20.08 24.12
N HIS C 343 -30.94 19.68 25.31
CA HIS C 343 -31.56 18.60 26.09
C HIS C 343 -32.96 18.98 26.60
N TRP C 344 -33.20 20.27 26.79
CA TRP C 344 -34.49 20.73 27.31
C TRP C 344 -35.27 21.63 26.36
N PHE C 345 -34.57 22.27 25.43
CA PHE C 345 -35.19 23.29 24.57
C PHE C 345 -35.13 22.93 23.11
N PRO C 346 -36.29 23.01 22.42
CA PRO C 346 -36.28 22.84 20.97
C PRO C 346 -35.49 23.98 20.35
N ALA C 347 -34.78 23.70 19.26
CA ALA C 347 -34.18 24.75 18.47
C ALA C 347 -35.27 25.41 17.63
N LYS C 348 -35.22 26.74 17.55
CA LYS C 348 -36.12 27.49 16.68
C LYS C 348 -35.36 27.98 15.46
N SER C 349 -36.09 28.21 14.37
CA SER C 349 -35.51 28.68 13.14
C SER C 349 -36.36 29.80 12.54
N THR C 350 -35.68 30.76 11.92
CA THR C 350 -36.35 31.86 11.26
C THR C 350 -36.28 31.73 9.73
N ALA C 351 -35.88 30.54 9.26
CA ALA C 351 -35.91 30.20 7.84
C ALA C 351 -37.35 29.85 7.43
N THR C 352 -38.24 30.84 7.57
CA THR C 352 -39.67 30.63 7.41
C THR C 352 -40.23 31.49 6.28
N SER C 353 -39.34 32.06 5.48
CA SER C 353 -39.71 33.02 4.46
C SER C 353 -38.80 32.91 3.23
N VAL C 354 -39.42 32.85 2.05
CA VAL C 354 -38.70 32.88 0.77
C VAL C 354 -38.56 34.35 0.35
N PRO C 355 -37.33 34.79 0.00
CA PRO C 355 -36.10 34.00 -0.11
C PRO C 355 -35.41 33.70 1.21
N PHE C 356 -34.94 32.47 1.37
CA PHE C 356 -34.03 32.15 2.46
C PHE C 356 -32.60 32.04 1.91
N VAL C 357 -31.71 32.89 2.42
CA VAL C 357 -30.35 32.97 1.95
C VAL C 357 -29.37 32.94 3.12
N THR C 358 -28.37 32.09 3.03
CA THR C 358 -27.27 32.11 4.00
C THR C 358 -25.91 31.94 3.33
N HIS C 359 -24.89 32.55 3.91
CA HIS C 359 -23.52 32.46 3.42
C HIS C 359 -22.61 31.95 4.53
N PHE C 360 -23.24 31.45 5.60
CA PHE C 360 -22.55 30.93 6.78
C PHE C 360 -21.57 31.97 7.35
N ASN C 361 -22.02 33.23 7.34
CA ASN C 361 -21.28 34.35 7.92
C ASN C 361 -21.48 34.33 9.43
N THR C 362 -20.39 34.21 10.18
CA THR C 362 -20.46 34.13 11.64
C THR C 362 -20.52 35.50 12.33
N GLY C 363 -20.33 36.57 11.56
CA GLY C 363 -20.36 37.91 12.11
C GLY C 363 -18.98 38.53 12.27
N SER C 364 -17.94 37.76 11.96
CA SER C 364 -16.56 38.28 11.95
C SER C 364 -15.67 37.40 11.09
N GLY C 365 -14.47 37.88 10.79
CA GLY C 365 -13.52 37.13 9.97
C GLY C 365 -12.11 37.66 10.07
N ALA C 366 -11.16 36.88 9.58
CA ALA C 366 -9.76 37.31 9.45
C ALA C 366 -9.56 38.00 8.10
N GLN C 367 -10.60 37.95 7.28
CA GLN C 367 -10.53 38.34 5.88
C GLN C 367 -11.98 38.50 5.40
N PHE C 368 -12.17 39.23 4.31
CA PHE C 368 -13.50 39.36 3.70
C PHE C 368 -13.45 39.01 2.22
N SER C 369 -14.34 38.12 1.80
CA SER C 369 -14.43 37.65 0.41
C SER C 369 -15.69 38.12 -0.29
N ALA C 370 -15.58 38.39 -1.59
CA ALA C 370 -16.72 38.65 -2.46
C ALA C 370 -16.61 37.73 -3.68
N GLU C 371 -17.65 36.91 -3.89
CA GLU C 371 -17.64 35.84 -4.90
C GLU C 371 -16.41 34.92 -4.82
N GLY C 372 -15.96 34.64 -3.59
CA GLY C 372 -14.85 33.72 -3.37
C GLY C 372 -13.46 34.28 -3.57
N LYS C 373 -13.38 35.60 -3.74
CA LYS C 373 -12.10 36.30 -3.84
C LYS C 373 -11.97 37.28 -2.70
N THR C 374 -10.81 37.26 -2.03
CA THR C 374 -10.50 38.21 -0.98
C THR C 374 -10.52 39.66 -1.49
N VAL C 375 -11.39 40.47 -0.91
CA VAL C 375 -11.47 41.90 -1.23
C VAL C 375 -10.95 42.75 -0.06
N SER C 376 -10.66 42.10 1.06
CA SER C 376 -9.99 42.73 2.19
C SER C 376 -9.25 41.68 3.03
N GLU C 377 -7.99 41.97 3.35
CA GLU C 377 -7.19 41.07 4.18
C GLU C 377 -7.24 41.43 5.67
N GLN C 378 -8.07 42.41 6.02
CA GLN C 378 -8.16 42.91 7.38
C GLN C 378 -9.15 42.13 8.23
N GLU C 379 -8.82 41.99 9.52
CA GLU C 379 -9.79 41.49 10.50
C GLU C 379 -10.98 42.42 10.52
N TRP C 380 -12.16 41.86 10.77
CA TRP C 380 -13.39 42.65 10.84
C TRP C 380 -14.41 41.92 11.67
N ASN C 381 -15.26 42.68 12.36
CA ASN C 381 -16.52 42.15 12.86
C ASN C 381 -17.66 43.09 12.49
N ASN C 382 -18.80 42.51 12.17
CA ASN C 382 -20.03 43.26 11.96
C ASN C 382 -21.17 42.28 12.08
N ARG C 383 -21.71 42.17 13.29
CA ARG C 383 -22.70 41.14 13.58
C ARG C 383 -24.04 41.39 12.87
N SER C 384 -24.18 42.56 12.22
CA SER C 384 -25.31 42.83 11.34
C SER C 384 -25.24 41.95 10.08
N LEU C 385 -24.05 41.44 9.79
CA LEU C 385 -23.82 40.55 8.66
C LEU C 385 -23.90 39.05 9.00
N GLN C 386 -23.98 38.74 10.29
CA GLN C 386 -24.13 37.35 10.73
C GLN C 386 -25.40 36.77 10.10
N ASP C 387 -25.26 35.60 9.49
CA ASP C 387 -26.37 34.94 8.82
C ASP C 387 -27.19 34.12 9.80
N VAL C 388 -28.34 33.66 9.34
CA VAL C 388 -29.07 32.62 10.05
C VAL C 388 -28.25 31.35 9.86
N LEU C 389 -27.65 30.89 10.95
CA LEU C 389 -26.75 29.75 10.94
C LEU C 389 -27.51 28.46 11.26
N PRO C 390 -26.91 27.28 10.97
CA PRO C 390 -27.61 25.99 11.07
C PRO C 390 -28.34 25.75 12.40
N THR C 391 -29.58 25.27 12.29
CA THR C 391 -30.42 24.88 13.41
C THR C 391 -29.74 23.82 14.28
N TRP C 392 -29.05 22.89 13.62
CA TRP C 392 -28.46 21.74 14.28
C TRP C 392 -26.93 21.74 14.22
N ARG C 393 -26.31 21.66 15.40
CA ARG C 393 -24.85 21.63 15.51
C ARG C 393 -24.38 20.47 16.40
N TRP C 394 -24.14 19.30 15.81
CA TRP C 394 -24.32 19.02 14.38
C TRP C 394 -24.97 17.65 14.23
N ILE C 395 -25.74 17.48 13.16
CA ILE C 395 -26.36 16.19 12.85
C ILE C 395 -25.84 15.61 11.53
N GLN C 396 -25.06 14.54 11.65
CA GLN C 396 -24.54 13.80 10.50
C GLN C 396 -24.95 12.33 10.53
N HIS C 397 -24.95 11.70 9.35
CA HIS C 397 -25.12 10.26 9.22
C HIS C 397 -24.08 9.74 8.22
N GLY C 398 -23.34 8.71 8.61
CA GLY C 398 -22.36 8.08 7.73
C GLY C 398 -21.02 8.80 7.68
N GLY C 399 -20.00 8.08 7.22
CA GLY C 399 -18.63 8.59 7.15
C GLY C 399 -17.98 8.78 8.50
N ASP C 400 -16.77 9.35 8.48
CA ASP C 400 -16.09 9.81 9.68
C ASP C 400 -15.69 11.27 9.48
N LEU C 401 -16.70 12.14 9.54
CA LEU C 401 -16.52 13.55 9.19
C LEU C 401 -16.80 14.47 10.38
N GLU C 402 -16.27 15.70 10.30
CA GLU C 402 -16.54 16.73 11.28
C GLU C 402 -17.11 17.96 10.57
N ALA C 403 -18.06 18.61 11.22
CA ALA C 403 -18.61 19.87 10.74
C ALA C 403 -18.25 21.00 11.69
N THR C 404 -17.73 22.08 11.12
CA THR C 404 -17.35 23.26 11.89
C THR C 404 -17.37 24.48 10.99
N PHE C 405 -17.33 25.67 11.58
CA PHE C 405 -17.13 26.87 10.79
C PHE C 405 -15.66 27.04 10.51
N SER C 406 -15.34 27.50 9.29
CA SER C 406 -13.98 27.80 8.90
C SER C 406 -13.85 29.29 8.61
N TRP C 407 -12.76 29.89 9.08
CA TRP C 407 -12.44 31.27 8.75
C TRP C 407 -11.27 31.37 7.77
N GLU C 408 -10.96 30.24 7.14
CA GLU C 408 -9.91 30.15 6.13
C GLU C 408 -10.46 30.33 4.72
N GLU C 409 -11.68 29.86 4.50
CA GLU C 409 -12.36 29.95 3.20
C GLU C 409 -13.70 30.66 3.35
N ALA C 410 -14.06 31.46 2.35
CA ALA C 410 -15.35 32.15 2.34
C ALA C 410 -15.73 32.49 0.90
N PHE C 411 -17.03 32.43 0.62
CA PHE C 411 -17.56 32.89 -0.66
C PHE C 411 -18.03 34.34 -0.54
N GLU C 412 -18.84 34.61 0.49
CA GLU C 412 -19.26 35.98 0.82
C GLU C 412 -19.08 36.22 2.32
N GLY C 413 -18.20 37.14 2.67
CA GLY C 413 -17.92 37.45 4.07
C GLY C 413 -16.64 36.81 4.55
N GLY C 414 -16.64 36.34 5.79
CA GLY C 414 -15.41 35.86 6.42
C GLY C 414 -15.36 34.39 6.77
N SER C 415 -16.43 33.66 6.48
CA SER C 415 -16.51 32.26 6.91
C SER C 415 -17.31 31.34 5.97
N SER C 416 -17.11 30.05 6.16
CA SER C 416 -17.85 29.02 5.47
C SER C 416 -18.10 27.83 6.39
N LEU C 417 -18.97 26.94 5.95
CA LEU C 417 -19.19 25.69 6.64
C LEU C 417 -18.22 24.63 6.13
N GLN C 418 -17.39 24.12 7.04
CA GLN C 418 -16.43 23.08 6.71
C GLN C 418 -16.97 21.71 7.09
N TRP C 419 -16.95 20.78 6.13
CA TRP C 419 -17.38 19.40 6.33
C TRP C 419 -16.28 18.50 5.79
N HIS C 420 -15.56 17.84 6.71
CA HIS C 420 -14.28 17.24 6.35
C HIS C 420 -13.93 16.02 7.19
N GLY C 421 -13.08 15.17 6.62
CA GLY C 421 -12.59 13.97 7.31
C GLY C 421 -12.44 12.80 6.35
N SER C 422 -12.87 11.64 6.81
CA SER C 422 -12.76 10.41 6.01
C SER C 422 -14.11 9.96 5.49
N LEU C 423 -14.15 9.67 4.19
CA LEU C 423 -15.33 9.08 3.56
C LEU C 423 -14.84 8.03 2.57
N ALA C 424 -15.00 6.76 2.92
CA ALA C 424 -14.56 5.64 2.09
C ALA C 424 -15.28 5.61 0.75
N GLU C 425 -14.60 5.08 -0.26
CA GLU C 425 -15.14 5.01 -1.62
C GLU C 425 -16.49 4.31 -1.64
N GLY C 426 -17.47 4.96 -2.27
CA GLY C 426 -18.83 4.42 -2.36
C GLY C 426 -19.73 4.69 -1.18
N GLU C 427 -19.16 5.13 -0.05
CA GLU C 427 -19.94 5.43 1.15
C GLU C 427 -20.68 6.75 1.01
N HIS C 428 -21.87 6.81 1.61
CA HIS C 428 -22.70 8.02 1.62
C HIS C 428 -22.70 8.69 3.00
N ALA C 429 -22.70 10.02 3.00
CA ALA C 429 -22.83 10.78 4.24
C ALA C 429 -23.81 11.94 4.05
N GLN C 430 -24.53 12.27 5.11
CA GLN C 430 -25.48 13.37 5.08
C GLN C 430 -25.29 14.27 6.29
N ILE C 431 -25.53 15.56 6.10
CA ILE C 431 -25.52 16.53 7.20
C ILE C 431 -26.80 17.36 7.11
N GLU C 432 -27.63 17.24 8.14
CA GLU C 432 -28.87 18.00 8.22
C GLU C 432 -28.59 19.31 8.92
N LEU C 433 -28.96 20.41 8.28
CA LEU C 433 -28.55 21.74 8.72
C LEU C 433 -29.68 22.59 9.27
N TYR C 434 -30.78 22.69 8.52
CA TYR C 434 -31.83 23.65 8.81
C TYR C 434 -33.21 23.07 8.96
N GLN C 435 -33.89 23.47 10.03
CA GLN C 435 -35.34 23.35 10.12
C GLN C 435 -35.90 24.59 9.44
N THR C 436 -36.85 24.38 8.53
CA THR C 436 -37.38 25.48 7.72
C THR C 436 -38.90 25.40 7.57
N GLU C 437 -39.48 26.48 7.04
CA GLU C 437 -40.87 26.49 6.59
C GLU C 437 -40.95 27.38 5.35
N LEU C 438 -40.61 26.81 4.20
CA LEU C 438 -40.43 27.58 2.97
C LEU C 438 -41.37 27.11 1.86
N PRO C 439 -42.42 27.92 1.58
CA PRO C 439 -43.40 27.58 0.54
C PRO C 439 -42.79 27.69 -0.86
N ILE C 440 -42.88 26.61 -1.62
CA ILE C 440 -42.32 26.57 -2.97
C ILE C 440 -43.37 27.03 -3.97
N SER C 441 -42.99 27.99 -4.80
CA SER C 441 -43.81 28.43 -5.92
C SER C 441 -42.97 28.38 -7.19
N GLU C 442 -43.62 28.55 -8.34
CA GLU C 442 -42.90 28.60 -9.60
C GLU C 442 -41.90 29.75 -9.62
N GLY C 443 -40.74 29.49 -10.21
CA GLY C 443 -39.64 30.46 -10.18
C GLY C 443 -38.69 30.25 -9.02
N THR C 444 -39.04 29.37 -8.08
CA THR C 444 -38.18 29.08 -6.92
C THR C 444 -37.12 28.03 -7.28
N SER C 445 -35.88 28.30 -6.87
CA SER C 445 -34.76 27.39 -7.06
C SER C 445 -33.95 27.20 -5.79
N LEU C 446 -33.36 26.00 -5.65
CA LEU C 446 -32.32 25.77 -4.66
C LEU C 446 -30.96 26.07 -5.28
N THR C 447 -30.16 26.89 -4.61
CA THR C 447 -28.79 27.13 -5.02
C THR C 447 -27.84 26.89 -3.85
N TRP C 448 -26.64 26.43 -4.17
CA TRP C 448 -25.59 26.25 -3.17
C TRP C 448 -24.22 26.35 -3.82
N THR C 449 -23.22 26.77 -3.04
CA THR C 449 -21.90 27.07 -3.55
C THR C 449 -20.85 26.51 -2.62
N PHE C 450 -19.92 25.75 -3.19
CA PHE C 450 -18.93 25.02 -2.40
C PHE C 450 -17.60 24.86 -3.13
N LYS C 451 -16.58 24.47 -2.36
CA LYS C 451 -15.31 24.00 -2.88
C LYS C 451 -15.11 22.59 -2.35
N SER C 452 -14.55 21.71 -3.18
CA SER C 452 -14.24 20.36 -2.77
C SER C 452 -12.78 20.04 -3.03
N GLU C 453 -12.04 19.75 -1.96
CA GLU C 453 -10.59 19.52 -2.04
C GLU C 453 -10.19 18.18 -2.65
N HIS C 454 -11.11 17.23 -2.67
CA HIS C 454 -10.86 15.90 -3.22
C HIS C 454 -11.82 15.55 -4.35
N ASP C 455 -12.40 16.58 -4.97
CA ASP C 455 -13.24 16.48 -6.16
C ASP C 455 -14.60 15.77 -5.99
N ASN C 456 -14.99 15.41 -4.76
CA ASN C 456 -16.33 14.89 -4.52
C ASN C 456 -17.37 15.97 -4.84
N ASP C 457 -18.49 15.59 -5.43
CA ASP C 457 -19.59 16.53 -5.63
C ASP C 457 -20.36 16.66 -4.33
N LEU C 458 -21.03 17.81 -4.14
CA LEU C 458 -21.89 18.02 -2.98
C LEU C 458 -23.35 18.14 -3.43
N ASN C 459 -24.15 17.16 -3.03
CA ASN C 459 -25.58 17.17 -3.31
C ASN C 459 -26.35 17.97 -2.26
N VAL C 460 -27.49 18.50 -2.67
CA VAL C 460 -28.37 19.19 -1.74
C VAL C 460 -29.43 18.23 -1.23
N GLY C 461 -29.88 18.49 -0.01
CA GLY C 461 -31.00 17.77 0.57
C GLY C 461 -32.10 18.73 0.94
N PHE C 462 -33.33 18.34 0.65
CA PHE C 462 -34.49 19.08 1.12
C PHE C 462 -35.58 18.14 1.58
N ARG C 463 -36.30 18.55 2.62
CA ARG C 463 -37.39 17.79 3.19
C ARG C 463 -38.69 18.53 2.88
N LEU C 464 -39.72 17.77 2.50
CA LEU C 464 -41.03 18.33 2.23
C LEU C 464 -41.98 18.02 3.39
N ASP C 465 -42.88 18.93 3.67
CA ASP C 465 -43.83 18.71 4.74
C ASP C 465 -44.61 17.46 4.34
N GLY C 466 -44.52 16.46 5.20
CA GLY C 466 -44.76 15.06 4.97
C GLY C 466 -43.43 14.39 4.74
N GLU C 467 -42.70 14.30 5.85
CA GLU C 467 -41.33 13.85 5.94
C GLU C 467 -41.14 12.50 6.65
N ASP C 469 -37.48 12.53 6.53
CA ASP C 469 -36.93 12.07 5.23
C ASP C 469 -36.63 13.13 4.15
N PHE C 470 -35.32 13.32 3.96
CA PHE C 470 -34.81 14.29 3.01
C PHE C 470 -34.62 13.66 1.63
N ARG C 471 -34.89 14.43 0.58
N ARG C 471 -34.83 14.47 0.59
CA ARG C 471 -34.53 14.03 -0.78
CA ARG C 471 -34.54 14.06 -0.77
C ARG C 471 -33.20 14.63 -1.19
C ARG C 471 -33.18 14.64 -1.16
N TYR C 472 -32.27 13.77 -1.59
CA TYR C 472 -30.93 14.20 -1.99
C TYR C 472 -30.74 14.10 -3.49
N VAL C 473 -30.47 15.24 -4.12
CA VAL C 473 -30.35 15.31 -5.57
C VAL C 473 -29.14 16.15 -5.99
N GLU C 474 -28.67 15.91 -7.20
CA GLU C 474 -27.61 16.71 -7.78
C GLU C 474 -28.23 17.96 -8.39
N GLY C 475 -27.43 19.02 -8.52
CA GLY C 475 -27.90 20.23 -9.18
C GLY C 475 -28.22 19.97 -10.65
N GLU C 476 -28.82 20.96 -11.28
CA GLU C 476 -29.15 20.89 -12.69
C GLU C 476 -28.14 21.68 -13.52
N GLN C 477 -27.88 22.91 -13.12
CA GLN C 477 -26.99 23.77 -13.81
C GLN C 477 -25.84 24.13 -12.90
N ARG C 478 -24.63 23.98 -13.41
CA ARG C 478 -23.39 24.18 -12.68
C ARG C 478 -22.64 25.41 -13.21
N GLU C 479 -22.17 26.26 -12.30
CA GLU C 479 -21.36 27.42 -12.68
C GLU C 479 -20.07 27.48 -11.85
N SER C 480 -18.98 27.85 -12.50
CA SER C 480 -17.69 27.99 -11.83
C SER C 480 -17.41 29.46 -11.55
N ILE C 481 -17.17 29.77 -10.28
CA ILE C 481 -16.96 31.15 -9.85
C ILE C 481 -15.75 31.23 -8.92
N ASN C 482 -14.64 31.72 -9.47
CA ASN C 482 -13.38 31.89 -8.72
C ASN C 482 -12.96 30.66 -7.91
N GLY C 483 -13.09 29.48 -8.52
CA GLY C 483 -12.70 28.22 -7.88
C GLY C 483 -13.82 27.54 -7.13
N TRP C 484 -14.95 28.22 -6.99
CA TRP C 484 -16.12 27.67 -6.30
C TRP C 484 -17.12 27.12 -7.31
N THR C 485 -17.82 26.07 -6.91
CA THR C 485 -18.86 25.47 -7.73
C THR C 485 -20.24 25.85 -7.21
N GLN C 486 -21.05 26.43 -8.09
CA GLN C 486 -22.42 26.82 -7.74
C GLN C 486 -23.41 25.97 -8.52
N TRP C 487 -24.22 25.21 -7.79
CA TRP C 487 -25.30 24.44 -8.40
C TRP C 487 -26.63 25.21 -8.32
N THR C 488 -27.46 25.01 -9.33
CA THR C 488 -28.84 25.49 -9.32
C THR C 488 -29.77 24.30 -9.53
N LEU C 489 -30.83 24.25 -8.71
CA LEU C 489 -31.86 23.23 -8.84
C LEU C 489 -33.23 23.89 -8.79
N PRO C 490 -33.86 24.10 -9.97
CA PRO C 490 -35.23 24.61 -10.05
C PRO C 490 -36.22 23.71 -9.31
N LEU C 491 -37.08 24.32 -8.49
CA LEU C 491 -38.04 23.60 -7.67
C LEU C 491 -39.48 23.68 -8.19
N ASP C 492 -39.66 24.08 -9.44
CA ASP C 492 -41.00 24.26 -10.02
C ASP C 492 -41.90 23.03 -9.94
N ALA C 493 -41.29 21.84 -10.03
CA ALA C 493 -42.03 20.57 -9.90
C ALA C 493 -42.68 20.41 -8.53
N PHE C 494 -42.15 21.12 -7.54
CA PHE C 494 -42.64 21.05 -6.16
C PHE C 494 -43.47 22.28 -5.76
N ALA C 495 -43.86 23.09 -6.74
CA ALA C 495 -44.76 24.23 -6.50
C ALA C 495 -45.99 23.79 -5.70
N GLY C 496 -46.31 24.55 -4.65
CA GLY C 496 -47.42 24.22 -3.76
C GLY C 496 -47.00 23.40 -2.55
N GLN C 497 -45.75 22.95 -2.55
CA GLN C 497 -45.18 22.20 -1.43
C GLN C 497 -44.45 23.15 -0.50
N THR C 498 -44.10 22.67 0.69
CA THR C 498 -43.34 23.45 1.66
C THR C 498 -42.09 22.68 2.09
N ILE C 499 -40.93 23.32 1.96
CA ILE C 499 -39.67 22.74 2.46
C ILE C 499 -39.59 22.94 3.97
N THR C 500 -39.34 21.85 4.70
CA THR C 500 -39.25 21.88 6.16
C THR C 500 -37.84 21.60 6.68
N GLY C 501 -36.94 21.23 5.77
CA GLY C 501 -35.56 20.95 6.14
C GLY C 501 -34.60 21.12 5.00
N LEU C 502 -33.37 21.49 5.33
CA LEU C 502 -32.28 21.61 4.36
C LEU C 502 -31.04 20.88 4.84
N ALA C 503 -30.38 20.19 3.91
CA ALA C 503 -29.27 19.30 4.21
C ALA C 503 -28.33 19.20 3.03
N PHE C 504 -27.18 18.56 3.25
CA PHE C 504 -26.24 18.23 2.18
C PHE C 504 -25.90 16.75 2.23
N ALA C 505 -25.37 16.22 1.13
CA ALA C 505 -24.92 14.83 1.07
C ALA C 505 -23.73 14.70 0.12
N ALA C 506 -22.90 13.70 0.39
CA ALA C 506 -21.74 13.41 -0.44
C ALA C 506 -21.46 11.92 -0.55
N GLU C 507 -20.65 11.57 -1.55
CA GLU C 507 -20.22 10.20 -1.79
C GLU C 507 -18.71 10.14 -1.80
N GLY C 508 -18.16 9.14 -1.09
CA GLY C 508 -16.72 8.94 -1.06
C GLY C 508 -16.21 8.45 -2.39
N ASN C 509 -15.01 8.89 -2.75
CA ASN C 509 -14.34 8.44 -3.96
C ASN C 509 -13.05 7.69 -3.64
N GLU C 510 -12.30 7.34 -4.67
CA GLU C 510 -11.01 6.63 -4.56
C GLU C 510 -10.10 7.18 -3.44
N THR C 511 -10.11 8.51 -3.30
CA THR C 511 -9.32 9.22 -2.29
C THR C 511 -9.59 8.73 -0.87
N GLY C 512 -10.85 8.40 -0.58
CA GLY C 512 -11.26 7.99 0.76
C GLY C 512 -11.35 9.14 1.76
N LEU C 513 -11.22 10.37 1.24
CA LEU C 513 -11.21 11.58 2.05
C LEU C 513 -12.25 12.56 1.51
N ALA C 514 -12.72 13.45 2.37
CA ALA C 514 -13.63 14.52 1.97
C ALA C 514 -13.30 15.80 2.72
N GLU C 515 -13.31 16.93 1.99
CA GLU C 515 -13.12 18.24 2.59
C GLU C 515 -13.91 19.27 1.79
N PHE C 516 -15.11 19.56 2.29
CA PHE C 516 -15.99 20.56 1.66
C PHE C 516 -15.98 21.87 2.41
N TYR C 517 -16.00 22.97 1.64
CA TYR C 517 -16.31 24.30 2.17
C TYR C 517 -17.53 24.81 1.44
N THR C 518 -18.61 25.02 2.17
CA THR C 518 -19.83 25.56 1.58
C THR C 518 -20.04 27.00 2.04
N GLY C 519 -20.20 27.90 1.06
CA GLY C 519 -20.18 29.33 1.30
C GLY C 519 -21.46 30.07 0.97
N GLN C 520 -22.43 29.35 0.42
CA GLN C 520 -23.77 29.89 0.18
C GLN C 520 -24.77 28.74 0.07
N LEU C 521 -26.00 29.02 0.50
CA LEU C 521 -27.15 28.13 0.35
C LEU C 521 -28.38 29.03 0.29
N ALA C 522 -29.25 28.78 -0.67
CA ALA C 522 -30.43 29.62 -0.85
C ALA C 522 -31.64 28.93 -1.47
N VAL C 523 -32.82 29.34 -1.01
CA VAL C 523 -34.10 29.00 -1.64
C VAL C 523 -34.76 30.31 -2.09
N GLY C 524 -34.89 30.50 -3.40
CA GLY C 524 -35.47 31.73 -3.94
C GLY C 524 -35.29 31.94 -5.43
N SER C 527 -33.74 37.44 -9.14
CA SER C 527 -34.48 38.61 -8.81
C SER C 527 -33.78 39.88 -9.28
N GLU C 528 -34.46 41.00 -9.29
CA GLU C 528 -33.84 42.13 -9.96
C GLU C 528 -32.54 42.38 -9.24
N LYS C 529 -31.76 43.19 -9.84
CA LYS C 529 -30.61 43.76 -9.29
C LYS C 529 -31.21 45.02 -8.72
N PRO C 530 -30.86 45.38 -7.52
CA PRO C 530 -31.27 46.63 -6.89
C PRO C 530 -30.70 47.87 -7.59
N ALA C 531 -31.33 49.02 -7.36
CA ALA C 531 -30.87 50.28 -7.92
C ALA C 531 -29.63 50.76 -7.17
N ALA C 532 -28.69 51.37 -7.88
CA ALA C 532 -27.53 51.99 -7.25
C ALA C 532 -28.02 52.97 -6.17
N PRO C 533 -27.41 52.93 -4.98
CA PRO C 533 -27.89 53.76 -3.88
C PRO C 533 -27.57 55.23 -4.11
N ASN C 534 -28.45 56.11 -3.67
CA ASN C 534 -28.20 57.55 -3.77
C ASN C 534 -27.38 58.00 -2.55
N VAL C 535 -26.08 58.06 -2.73
CA VAL C 535 -25.18 58.36 -1.67
C VAL C 535 -24.77 59.79 -1.60
N ASN C 536 -24.86 60.33 -0.41
CA ASN C 536 -24.41 61.67 -0.11
C ASN C 536 -23.31 61.71 0.96
N VAL C 537 -22.31 62.53 0.76
CA VAL C 537 -21.24 62.66 1.71
C VAL C 537 -21.60 63.80 2.68
N ARG C 538 -21.83 63.43 3.92
CA ARG C 538 -22.17 64.32 4.99
C ARG C 538 -21.01 64.32 5.98
N GLN C 539 -20.95 65.31 6.86
CA GLN C 539 -19.95 65.49 7.91
C GLN C 539 -20.23 64.67 9.13
N TYR C 540 -19.21 64.18 9.82
CA TYR C 540 -19.40 63.59 11.14
C TYR C 540 -18.75 64.56 12.13
N ASP C 541 -19.61 65.13 12.92
CA ASP C 541 -19.30 66.27 13.73
C ASP C 541 -18.28 66.05 14.77
N PRO C 542 -18.37 64.92 15.45
CA PRO C 542 -17.39 64.56 16.45
C PRO C 542 -15.99 64.33 15.87
N ASP C 543 -15.87 63.87 14.63
CA ASP C 543 -14.54 63.69 14.06
C ASP C 543 -14.33 64.48 12.81
N PRO C 544 -13.49 65.51 12.88
CA PRO C 544 -13.27 66.33 11.72
C PRO C 544 -12.47 65.59 10.71
N SER C 545 -11.58 64.69 11.06
CA SER C 545 -10.86 63.95 10.03
C SER C 545 -11.72 62.81 9.45
N GLY C 546 -12.89 62.67 10.01
CA GLY C 546 -13.83 61.62 9.63
C GLY C 546 -14.86 62.05 8.60
N ILE C 547 -15.50 61.06 8.00
CA ILE C 547 -16.46 61.28 6.93
C ILE C 547 -17.70 60.41 7.18
N GLN C 548 -18.80 60.72 6.51
CA GLN C 548 -20.07 60.02 6.74
C GLN C 548 -20.90 59.88 5.45
N LEU C 549 -20.95 58.66 4.93
CA LEU C 549 -21.71 58.34 3.72
C LEU C 549 -23.14 58.00 4.12
N VAL C 550 -24.11 58.69 3.51
CA VAL C 550 -25.53 58.48 3.85
C VAL C 550 -26.35 58.15 2.60
N TRP C 551 -27.30 57.22 2.76
CA TRP C 551 -28.18 56.79 1.66
C TRP C 551 -29.59 56.52 2.17
N GLU C 552 -30.53 56.32 1.25
CA GLU C 552 -31.91 55.97 1.59
C GLU C 552 -32.09 54.45 1.64
N SER C 555 -34.93 49.26 0.19
CA SER C 555 -35.97 48.20 0.17
C SER C 555 -35.57 46.93 -0.52
N ASN C 556 -35.63 45.85 0.22
CA ASN C 556 -35.14 44.62 -0.32
C ASN C 556 -33.61 44.60 -0.38
N VAL C 557 -32.96 45.38 0.46
CA VAL C 557 -31.51 45.40 0.44
C VAL C 557 -30.98 44.81 1.75
N HIS C 558 -30.12 43.82 1.65
CA HIS C 558 -29.50 43.21 2.83
C HIS C 558 -28.40 44.04 3.52
N HIS C 559 -27.41 44.45 2.76
CA HIS C 559 -26.38 45.37 3.28
C HIS C 559 -25.75 46.18 2.16
N TYR C 560 -24.84 47.08 2.56
CA TYR C 560 -24.13 47.94 1.63
C TYR C 560 -22.62 47.72 1.79
N ARG C 561 -21.92 47.77 0.66
CA ARG C 561 -20.47 47.61 0.62
C ARG C 561 -19.80 48.85 0.04
N VAL C 562 -18.75 49.33 0.72
CA VAL C 562 -17.97 50.47 0.26
C VAL C 562 -16.58 50.01 -0.16
N TYR C 563 -16.30 50.15 -1.46
CA TYR C 563 -14.99 49.80 -2.01
C TYR C 563 -14.15 51.03 -2.28
N LYS C 564 -12.85 50.90 -2.02
CA LYS C 564 -11.87 51.91 -2.36
C LYS C 564 -11.06 51.44 -3.56
N GLU C 565 -10.80 52.35 -4.50
CA GLU C 565 -9.91 52.07 -5.63
C GLU C 565 -8.47 52.17 -5.17
N THR C 566 -7.67 51.15 -5.49
CA THR C 566 -6.24 51.14 -5.13
C THR C 566 -5.37 50.70 -6.31
N LYS C 567 -4.05 50.86 -6.16
CA LYS C 567 -3.08 50.38 -7.14
C LYS C 567 -2.93 48.86 -7.08
N HIS C 568 -3.77 48.21 -6.25
CA HIS C 568 -3.89 46.75 -6.19
C HIS C 568 -5.24 46.06 -6.62
N GLY C 569 -6.18 46.83 -7.20
CA GLY C 569 -7.45 46.37 -7.79
C GLY C 569 -8.78 47.02 -7.31
N LYS C 570 -9.39 46.58 -6.20
CA LYS C 570 -10.53 47.18 -5.49
C LYS C 570 -10.43 46.64 -4.04
N GLU C 571 -10.62 47.46 -3.04
CA GLU C 571 -10.56 47.04 -1.66
C GLU C 571 -11.80 47.44 -0.85
N LEU C 572 -12.37 46.50 -0.12
CA LEU C 572 -13.54 46.75 0.73
C LEU C 572 -13.08 47.44 2.01
N ILE C 573 -13.64 48.58 2.27
CA ILE C 573 -13.25 49.37 3.44
C ILE C 573 -14.39 49.52 4.45
N GLY C 574 -15.58 49.04 4.09
CA GLY C 574 -16.73 49.13 4.99
C GLY C 574 -17.96 48.38 4.55
N THR C 575 -18.75 47.97 5.53
CA THR C 575 -20.05 47.36 5.30
C THR C 575 -21.07 48.01 6.24
N SER C 576 -22.33 48.07 5.80
CA SER C 576 -23.41 48.63 6.61
C SER C 576 -24.76 48.03 6.26
N ALA C 577 -25.52 47.68 7.30
CA ALA C 577 -26.89 47.22 7.16
C ALA C 577 -27.88 48.31 7.56
N GLY C 578 -27.38 49.54 7.72
CA GLY C 578 -28.21 50.69 8.07
C GLY C 578 -28.37 51.66 6.92
N ASP C 579 -28.51 52.95 7.23
CA ASP C 579 -28.67 53.98 6.20
C ASP C 579 -27.39 54.79 5.97
N ARG C 580 -26.33 54.45 6.71
CA ARG C 580 -25.09 55.20 6.65
C ARG C 580 -23.88 54.41 7.15
N ILE C 581 -22.70 54.98 6.94
CA ILE C 581 -21.44 54.48 7.48
C ILE C 581 -20.47 55.64 7.73
N TYR C 582 -19.72 55.54 8.83
CA TYR C 582 -18.64 56.48 9.12
C TYR C 582 -17.33 55.90 8.63
N ILE C 583 -16.50 56.72 7.99
CA ILE C 583 -15.16 56.35 7.55
C ILE C 583 -14.15 57.44 7.96
N GLU C 584 -12.99 57.02 8.47
CA GLU C 584 -11.93 57.96 8.90
C GLU C 584 -10.83 58.12 7.85
N GLY C 585 -10.37 59.35 7.65
CA GLY C 585 -9.26 59.66 6.72
C GLY C 585 -9.62 59.55 5.23
N ASP C 594 -5.64 60.45 -4.27
CA ASP C 594 -6.93 60.00 -4.76
C ASP C 594 -7.74 59.26 -3.69
N VAL C 595 -9.06 59.28 -3.84
CA VAL C 595 -9.97 58.55 -2.97
C VAL C 595 -11.28 58.37 -3.72
N ARG C 596 -11.31 57.36 -4.59
CA ARG C 596 -12.46 57.06 -5.43
C ARG C 596 -13.25 55.89 -4.83
N LEU C 597 -14.40 56.19 -4.26
CA LEU C 597 -15.23 55.20 -3.58
C LEU C 597 -16.35 54.64 -4.46
N HIS C 598 -16.61 53.34 -4.30
CA HIS C 598 -17.73 52.66 -4.95
C HIS C 598 -18.68 52.04 -3.92
N ILE C 599 -19.93 52.47 -3.94
CA ILE C 599 -20.94 52.00 -2.99
C ILE C 599 -22.00 51.16 -3.72
N GLU C 600 -22.12 49.90 -3.32
CA GLU C 600 -23.15 49.04 -3.88
C GLU C 600 -24.14 48.54 -2.84
N ALA C 601 -25.39 48.41 -3.28
CA ALA C 601 -26.42 47.75 -2.49
C ALA C 601 -26.48 46.28 -2.90
N LEU C 602 -26.51 45.39 -1.91
CA LEU C 602 -26.73 43.97 -2.19
C LEU C 602 -28.13 43.58 -1.77
N SER C 603 -28.85 42.92 -2.67
CA SER C 603 -30.20 42.47 -2.38
C SER C 603 -30.19 41.32 -1.38
N GLU C 604 -31.38 40.89 -0.95
CA GLU C 604 -31.48 39.73 -0.06
C GLU C 604 -30.90 38.48 -0.73
N THR C 605 -30.99 38.44 -2.06
CA THR C 605 -30.45 37.36 -2.88
C THR C 605 -28.94 37.54 -3.13
N PHE C 606 -28.38 38.64 -2.63
CA PHE C 606 -26.96 38.98 -2.79
C PHE C 606 -26.56 39.33 -4.23
N VAL C 607 -27.53 39.81 -5.01
CA VAL C 607 -27.24 40.44 -6.29
C VAL C 607 -26.82 41.89 -6.00
N PRO C 608 -25.62 42.28 -6.47
CA PRO C 608 -25.16 43.64 -6.24
C PRO C 608 -25.75 44.61 -7.26
N SER C 609 -26.07 45.82 -6.79
CA SER C 609 -26.45 46.91 -7.67
C SER C 609 -25.24 47.37 -8.48
N ASP C 610 -25.48 48.24 -9.46
CA ASP C 610 -24.38 49.00 -10.06
C ASP C 610 -23.82 49.88 -8.95
N ALA C 611 -22.53 50.13 -8.99
CA ALA C 611 -21.88 50.93 -7.97
C ALA C 611 -22.14 52.43 -8.15
N ARG C 612 -22.58 53.08 -7.09
CA ARG C 612 -22.57 54.53 -7.03
C ARG C 612 -21.13 54.96 -6.83
N MET C 613 -20.61 55.75 -7.77
CA MET C 613 -19.26 56.29 -7.66
C MET C 613 -19.29 57.56 -6.82
N ILE C 614 -18.31 57.70 -5.92
CA ILE C 614 -18.20 58.86 -5.05
C ILE C 614 -16.75 59.30 -4.97
N ASP C 615 -16.51 60.60 -5.15
CA ASP C 615 -15.17 61.18 -5.04
C ASP C 615 -15.02 61.96 -3.74
N TYR D 3 5.86 -55.65 -19.34
CA TYR D 3 4.67 -55.57 -20.24
C TYR D 3 4.64 -56.68 -21.28
N ASN D 4 3.53 -57.43 -21.31
CA ASN D 4 3.38 -58.58 -22.19
C ASN D 4 2.16 -58.51 -23.11
N GLY D 5 1.58 -57.32 -23.24
CA GLY D 5 0.37 -57.15 -24.02
C GLY D 5 0.64 -57.02 -25.50
N PRO D 6 -0.41 -56.69 -26.29
CA PRO D 6 -0.30 -56.53 -27.73
C PRO D 6 0.69 -55.43 -28.11
N LEU D 7 1.42 -55.64 -29.20
CA LEU D 7 2.42 -54.70 -29.67
C LEU D 7 2.11 -54.29 -31.10
N SER D 8 2.47 -53.04 -31.43
CA SER D 8 2.35 -52.54 -32.79
C SER D 8 3.27 -53.36 -33.70
N SER D 9 2.78 -53.66 -34.90
CA SER D 9 3.46 -54.58 -35.83
C SER D 9 4.69 -53.99 -36.52
N HIS D 10 5.52 -54.84 -36.92
CA HIS D 10 6.71 -54.54 -37.71
C HIS D 10 7.25 -55.84 -38.28
N TRP D 11 7.68 -55.76 -39.66
CA TRP D 11 8.05 -56.98 -40.39
C TRP D 11 9.34 -56.87 -41.19
N PHE D 12 10.03 -58.00 -41.30
CA PHE D 12 10.97 -58.22 -42.38
C PHE D 12 10.15 -58.84 -43.53
N PRO D 13 10.61 -58.67 -44.79
CA PRO D 13 9.83 -59.07 -45.97
C PRO D 13 9.26 -60.50 -45.91
N GLU D 14 10.03 -61.44 -45.37
CA GLU D 14 9.58 -62.83 -45.30
C GLU D 14 8.58 -63.11 -44.18
N GLU D 15 8.56 -62.23 -43.17
CA GLU D 15 7.55 -62.29 -42.12
C GLU D 15 6.22 -61.74 -42.64
N LEU D 16 6.30 -60.63 -43.37
CA LEU D 16 5.12 -60.01 -43.98
C LEU D 16 4.40 -60.93 -44.96
N ALA D 17 5.17 -61.60 -45.83
CA ALA D 17 4.61 -62.49 -46.86
C ALA D 17 3.66 -63.55 -46.28
N GLN D 18 3.98 -64.07 -45.10
CA GLN D 18 3.13 -65.06 -44.43
C GLN D 18 2.26 -64.47 -43.30
N TRP D 19 2.08 -63.16 -43.29
CA TRP D 19 1.22 -62.48 -42.31
C TRP D 19 -0.24 -62.54 -42.66
N GLU D 20 -1.03 -62.92 -41.68
CA GLU D 20 -2.44 -62.96 -41.83
C GLU D 20 -3.05 -62.42 -40.54
N PRO D 21 -3.97 -61.52 -40.69
CA PRO D 21 -4.65 -60.89 -39.55
C PRO D 21 -5.25 -61.91 -38.60
N ASP D 22 -5.91 -62.92 -39.16
CA ASP D 22 -6.62 -63.95 -38.39
C ASP D 22 -5.72 -64.87 -37.57
N SER D 23 -4.44 -64.94 -37.96
CA SER D 23 -3.46 -65.75 -37.23
C SER D 23 -2.58 -64.91 -36.28
N ASP D 24 -2.78 -63.59 -36.31
CA ASP D 24 -2.00 -62.65 -35.51
C ASP D 24 -2.84 -62.15 -34.33
N PRO D 25 -2.46 -62.54 -33.10
CA PRO D 25 -3.18 -62.21 -31.86
C PRO D 25 -3.18 -60.71 -31.53
N ASP D 26 -2.25 -59.97 -32.12
CA ASP D 26 -2.10 -58.53 -31.89
C ASP D 26 -2.79 -57.69 -32.96
N ALA D 27 -3.05 -58.29 -34.12
CA ALA D 27 -3.64 -57.57 -35.26
C ALA D 27 -4.92 -56.78 -34.94
N PRO D 28 -5.85 -57.37 -34.15
CA PRO D 28 -7.08 -56.62 -33.89
C PRO D 28 -6.87 -55.38 -33.01
N PHE D 29 -5.85 -55.42 -32.15
CA PHE D 29 -5.49 -54.29 -31.30
C PHE D 29 -4.82 -53.17 -32.09
N ASN D 30 -4.28 -53.51 -33.26
CA ASN D 30 -3.56 -52.57 -34.11
C ASN D 30 -4.43 -51.94 -35.19
N ARG D 31 -5.70 -52.34 -35.24
CA ARG D 31 -6.67 -51.73 -36.16
C ARG D 31 -7.12 -50.38 -35.63
N SER D 32 -7.14 -49.38 -36.52
CA SER D 32 -7.71 -48.09 -36.21
C SER D 32 -9.22 -48.12 -36.45
N HIS D 33 -9.96 -47.50 -35.53
CA HIS D 33 -11.41 -47.43 -35.66
C HIS D 33 -11.88 -45.98 -35.75
N VAL D 34 -10.94 -45.10 -36.14
CA VAL D 34 -11.22 -43.68 -36.36
C VAL D 34 -10.92 -43.37 -37.82
N PRO D 35 -11.97 -43.27 -38.65
CA PRO D 35 -11.75 -43.03 -40.07
C PRO D 35 -11.15 -41.65 -40.30
N LEU D 36 -10.51 -41.47 -41.45
CA LEU D 36 -9.95 -40.19 -41.84
C LEU D 36 -11.07 -39.16 -42.01
N GLU D 37 -10.96 -38.05 -41.28
CA GLU D 37 -11.91 -36.95 -41.39
C GLU D 37 -11.73 -36.19 -42.70
N PRO D 38 -12.77 -36.16 -43.54
CA PRO D 38 -12.70 -35.45 -44.82
C PRO D 38 -13.05 -33.97 -44.67
N GLY D 39 -12.63 -33.16 -45.63
CA GLY D 39 -13.02 -31.76 -45.71
C GLY D 39 -12.59 -30.89 -44.53
N ARG D 40 -11.27 -30.74 -44.39
CA ARG D 40 -10.71 -29.77 -43.47
C ARG D 40 -10.97 -28.37 -44.01
N VAL D 41 -11.07 -27.39 -43.12
CA VAL D 41 -11.24 -26.00 -43.53
C VAL D 41 -10.01 -25.19 -43.11
N ALA D 42 -9.55 -24.31 -43.99
CA ALA D 42 -8.34 -23.53 -43.73
C ALA D 42 -8.63 -22.16 -43.13
N ASN D 43 -7.66 -21.63 -42.38
CA ASN D 43 -7.76 -20.28 -41.82
C ASN D 43 -7.16 -19.24 -42.78
N ARG D 44 -7.16 -17.97 -42.36
CA ARG D 44 -6.61 -16.89 -43.18
C ARG D 44 -5.97 -15.82 -42.30
N VAL D 45 -5.40 -16.23 -41.17
CA VAL D 45 -4.83 -15.28 -40.21
C VAL D 45 -3.46 -14.76 -40.62
N ASN D 46 -2.74 -15.54 -41.40
CA ASN D 46 -1.43 -15.15 -41.88
C ASN D 46 -1.50 -14.73 -43.34
N ALA D 47 -1.18 -13.47 -43.58
CA ALA D 47 -1.25 -12.89 -44.92
C ALA D 47 -0.22 -13.47 -45.88
N ASN D 48 0.91 -13.90 -45.35
CA ASN D 48 1.97 -14.49 -46.18
C ASN D 48 1.66 -15.90 -46.67
N ALA D 49 0.86 -16.64 -45.91
CA ALA D 49 0.58 -18.05 -46.19
C ALA D 49 -0.05 -18.27 -47.57
N ASP D 50 0.43 -19.27 -48.29
CA ASP D 50 -0.09 -19.59 -49.61
C ASP D 50 -0.82 -20.92 -49.62
N LYS D 51 -1.76 -21.08 -50.56
CA LYS D 51 -2.58 -22.29 -50.64
C LYS D 51 -2.16 -23.24 -51.76
N ASP D 52 -0.87 -23.22 -52.09
CA ASP D 52 -0.31 -24.09 -53.13
C ASP D 52 0.56 -25.21 -52.57
N ALA D 53 1.55 -24.84 -51.77
CA ALA D 53 2.49 -25.81 -51.18
C ALA D 53 1.81 -26.69 -50.14
N HIS D 54 2.21 -27.96 -50.09
CA HIS D 54 1.80 -28.84 -49.00
C HIS D 54 2.98 -29.15 -48.08
N LEU D 55 2.69 -29.69 -46.90
CA LEU D 55 3.71 -30.06 -45.92
C LEU D 55 3.59 -31.52 -45.54
N VAL D 56 4.66 -32.28 -45.74
CA VAL D 56 4.77 -33.64 -45.23
C VAL D 56 5.66 -33.65 -43.99
N SER D 57 5.21 -34.39 -42.98
CA SER D 57 6.01 -34.59 -41.77
C SER D 57 6.49 -36.03 -41.63
N LEU D 58 7.81 -36.19 -41.50
CA LEU D 58 8.42 -37.47 -41.22
C LEU D 58 8.81 -37.49 -39.75
N SER D 59 7.92 -38.04 -38.92
CA SER D 59 8.08 -37.95 -37.47
C SER D 59 8.17 -39.31 -36.80
N ALA D 60 9.13 -39.45 -35.91
CA ALA D 60 9.23 -40.63 -35.08
C ALA D 60 8.25 -40.49 -33.92
N LEU D 61 6.97 -40.70 -34.21
CA LEU D 61 5.90 -40.59 -33.21
C LEU D 61 6.07 -41.61 -32.08
N ASN D 62 6.69 -42.74 -32.40
CA ASN D 62 7.25 -43.63 -31.39
C ASN D 62 8.75 -43.71 -31.58
N ARG D 63 9.49 -43.53 -30.50
CA ARG D 63 10.95 -43.50 -30.54
C ARG D 63 11.56 -44.80 -31.11
N HIS D 64 10.96 -45.94 -30.76
CA HIS D 64 11.45 -47.23 -31.21
C HIS D 64 10.43 -47.94 -32.08
N THR D 65 10.92 -48.79 -32.98
CA THR D 65 10.05 -49.58 -33.87
C THR D 65 9.34 -50.68 -33.08
N SER D 66 10.12 -51.38 -32.24
CA SER D 66 9.62 -52.49 -31.46
C SER D 66 9.24 -52.06 -30.05
N GLY D 67 8.47 -52.92 -29.37
CA GLY D 67 8.08 -52.70 -27.98
C GLY D 67 6.98 -51.66 -27.79
N VAL D 68 6.37 -51.22 -28.87
CA VAL D 68 5.30 -50.21 -28.80
C VAL D 68 3.95 -50.88 -28.49
N PRO D 69 3.39 -50.62 -27.30
CA PRO D 69 2.05 -51.11 -26.96
C PRO D 69 1.03 -50.65 -27.99
N SER D 70 0.07 -51.52 -28.28
CA SER D 70 -0.89 -51.26 -29.35
C SER D 70 -1.77 -50.04 -29.10
N GLN D 71 -2.14 -49.81 -27.85
CA GLN D 71 -3.21 -48.87 -27.53
C GLN D 71 -2.91 -47.91 -26.38
N GLY D 72 -1.65 -47.49 -26.26
CA GLY D 72 -1.27 -46.61 -25.17
C GLY D 72 -0.48 -47.31 -24.08
N ALA D 73 -0.03 -46.54 -23.11
CA ALA D 73 0.85 -47.01 -22.04
C ALA D 73 0.79 -46.06 -20.85
N PRO D 74 1.12 -46.57 -19.64
CA PRO D 74 1.15 -45.73 -18.44
C PRO D 74 2.39 -44.83 -18.36
N VAL D 75 2.55 -43.99 -19.38
CA VAL D 75 3.71 -43.10 -19.49
C VAL D 75 3.25 -41.72 -19.94
N PHE D 76 3.44 -40.72 -19.07
CA PHE D 76 3.08 -39.33 -19.35
C PHE D 76 3.88 -38.74 -20.51
N TYR D 77 5.20 -38.82 -20.40
CA TYR D 77 6.07 -38.27 -21.44
C TYR D 77 6.14 -39.17 -22.68
N GLU D 78 5.20 -38.93 -23.60
CA GLU D 78 5.12 -39.64 -24.86
C GLU D 78 4.93 -38.60 -25.96
N ASN D 79 5.27 -38.96 -27.20
CA ASN D 79 5.22 -37.99 -28.30
C ASN D 79 3.79 -37.66 -28.72
N THR D 80 3.22 -36.70 -28.01
CA THR D 80 1.85 -36.27 -28.22
C THR D 80 1.77 -35.07 -29.18
N PHE D 81 2.36 -35.23 -30.36
CA PHE D 81 2.38 -34.22 -31.42
C PHE D 81 1.01 -33.57 -31.60
N SER D 82 0.96 -32.23 -31.58
CA SER D 82 -0.31 -31.51 -31.68
C SER D 82 -0.42 -30.50 -32.83
N TYR D 83 0.50 -30.54 -33.79
CA TYR D 83 0.45 -29.55 -34.88
C TYR D 83 -0.05 -30.12 -36.21
N TRP D 84 -0.94 -31.10 -36.10
CA TRP D 84 -1.64 -31.72 -37.24
C TRP D 84 -2.22 -30.67 -38.18
N HIS D 85 -2.57 -29.52 -37.63
CA HIS D 85 -3.20 -28.45 -38.40
C HIS D 85 -2.30 -27.79 -39.47
N TYR D 86 -0.98 -27.89 -39.31
CA TYR D 86 -0.04 -27.41 -40.34
C TYR D 86 0.52 -28.51 -41.24
N THR D 87 0.04 -29.74 -41.04
CA THR D 87 0.50 -30.92 -41.76
C THR D 87 -0.55 -31.38 -42.76
N ASP D 88 -0.11 -31.76 -43.96
CA ASP D 88 -1.00 -32.33 -44.99
C ASP D 88 -0.87 -33.83 -45.07
N LEU D 89 0.30 -34.34 -44.69
CA LEU D 89 0.61 -35.75 -44.78
C LEU D 89 1.57 -36.12 -43.66
N MET D 90 1.29 -37.22 -42.96
CA MET D 90 2.17 -37.69 -41.90
C MET D 90 2.80 -39.02 -42.30
N VAL D 91 4.12 -39.09 -42.16
CA VAL D 91 4.85 -40.32 -42.38
C VAL D 91 5.38 -40.84 -41.05
N TYR D 92 4.90 -42.02 -40.67
CA TYR D 92 5.36 -42.72 -39.47
C TYR D 92 6.82 -43.12 -39.65
N TRP D 93 7.71 -42.41 -38.98
CA TRP D 93 9.14 -42.70 -39.12
C TRP D 93 9.57 -43.85 -38.24
N ALA D 94 9.94 -44.96 -38.88
CA ALA D 94 10.32 -46.18 -38.17
C ALA D 94 10.99 -47.18 -39.11
N GLY D 95 11.54 -48.24 -38.54
CA GLY D 95 12.23 -49.25 -39.33
C GLY D 95 13.70 -49.28 -39.02
N SER D 96 14.25 -50.50 -38.99
CA SER D 96 15.67 -50.72 -38.78
C SER D 96 16.03 -52.14 -39.19
N ALA D 97 17.33 -52.37 -39.39
CA ALA D 97 17.84 -53.69 -39.75
C ALA D 97 17.68 -54.72 -38.63
N GLY D 98 17.69 -54.25 -37.39
CA GLY D 98 17.56 -55.13 -36.23
C GLY D 98 16.14 -55.42 -35.77
N GLU D 99 15.18 -54.60 -36.19
CA GLU D 99 13.79 -54.70 -35.72
C GLU D 99 12.76 -55.08 -36.79
N GLY D 100 12.97 -54.60 -38.02
CA GLY D 100 11.99 -54.79 -39.08
C GLY D 100 11.95 -53.57 -39.97
N ILE D 101 11.75 -53.79 -41.27
CA ILE D 101 11.88 -52.73 -42.27
C ILE D 101 10.54 -52.26 -42.85
N ILE D 102 9.50 -53.05 -42.59
CA ILE D 102 8.14 -52.67 -42.94
C ILE D 102 7.39 -52.38 -41.65
N VAL D 103 6.95 -51.14 -41.48
CA VAL D 103 6.30 -50.78 -40.22
C VAL D 103 5.11 -49.83 -40.41
N PRO D 104 3.91 -50.32 -40.04
CA PRO D 104 2.71 -49.51 -40.07
C PRO D 104 2.68 -48.54 -38.88
N PRO D 105 1.88 -47.45 -38.98
CA PRO D 105 1.73 -46.63 -37.79
C PRO D 105 0.95 -47.39 -36.72
N SER D 106 1.23 -47.11 -35.45
CA SER D 106 0.43 -47.67 -34.36
C SER D 106 -0.97 -47.03 -34.35
N ALA D 107 -1.96 -47.78 -33.86
CA ALA D 107 -3.38 -47.39 -33.95
C ALA D 107 -3.69 -46.06 -33.27
N ASP D 108 -3.04 -45.81 -32.13
CA ASP D 108 -3.25 -44.59 -31.36
C ASP D 108 -2.91 -43.34 -32.15
N VAL D 109 -1.82 -43.45 -32.91
CA VAL D 109 -1.31 -42.39 -33.77
C VAL D 109 -2.13 -42.23 -35.07
N ILE D 110 -2.61 -43.34 -35.62
CA ILE D 110 -3.53 -43.31 -36.77
C ILE D 110 -4.79 -42.54 -36.39
N ASP D 111 -5.35 -42.88 -35.22
CA ASP D 111 -6.54 -42.23 -34.69
C ASP D 111 -6.35 -40.72 -34.58
N ALA D 112 -5.29 -40.30 -33.88
CA ALA D 112 -4.99 -38.87 -33.73
C ALA D 112 -4.84 -38.19 -35.09
N SER D 113 -4.06 -38.79 -35.99
CA SER D 113 -3.91 -38.27 -37.34
C SER D 113 -5.27 -38.14 -38.02
N HIS D 114 -6.07 -39.20 -37.97
CA HIS D 114 -7.38 -39.24 -38.63
C HIS D 114 -8.40 -38.25 -38.08
N ARG D 115 -8.41 -38.03 -36.78
CA ARG D 115 -9.28 -37.01 -36.16
C ARG D 115 -9.06 -35.63 -36.76
N ASN D 116 -7.83 -35.36 -37.18
CA ASN D 116 -7.45 -34.07 -37.72
C ASN D 116 -7.44 -34.04 -39.25
N GLY D 117 -7.91 -35.11 -39.87
CA GLY D 117 -8.02 -35.19 -41.32
C GLY D 117 -6.70 -35.33 -42.07
N VAL D 118 -5.67 -35.79 -41.35
CA VAL D 118 -4.34 -35.94 -41.90
C VAL D 118 -4.13 -37.41 -42.26
N PRO D 119 -3.89 -37.71 -43.55
CA PRO D 119 -3.54 -39.08 -43.96
C PRO D 119 -2.19 -39.48 -43.35
N ILE D 120 -2.08 -40.73 -42.93
CA ILE D 120 -0.85 -41.19 -42.30
C ILE D 120 -0.32 -42.42 -43.04
N LEU D 121 0.97 -42.42 -43.33
CA LEU D 121 1.60 -43.47 -44.11
C LEU D 121 2.51 -44.33 -43.26
N GLY D 122 2.54 -45.62 -43.60
CA GLY D 122 3.50 -46.56 -43.01
C GLY D 122 4.86 -46.39 -43.67
N ASN D 123 5.84 -47.13 -43.18
CA ASN D 123 7.22 -46.97 -43.63
C ASN D 123 7.78 -48.26 -44.19
N VAL D 124 8.35 -48.20 -45.38
CA VAL D 124 9.15 -49.29 -45.94
C VAL D 124 10.59 -48.79 -46.08
N PHE D 125 11.47 -49.37 -45.28
CA PHE D 125 12.83 -48.84 -45.11
C PHE D 125 13.87 -49.89 -45.46
N PHE D 126 14.55 -49.67 -46.57
CA PHE D 126 15.67 -50.51 -46.95
C PHE D 126 16.94 -49.83 -46.47
N PRO D 127 17.46 -50.24 -45.29
CA PRO D 127 18.54 -49.52 -44.62
C PRO D 127 19.85 -49.51 -45.40
N PRO D 128 20.69 -48.50 -45.15
CA PRO D 128 22.06 -48.52 -45.68
C PRO D 128 22.79 -49.72 -45.12
N THR D 129 23.76 -50.23 -45.87
CA THR D 129 24.50 -51.44 -45.47
C THR D 129 25.37 -51.23 -44.24
N VAL D 130 25.76 -49.99 -43.97
CA VAL D 130 26.55 -49.68 -42.78
C VAL D 130 25.73 -49.85 -41.50
N TYR D 131 24.41 -49.80 -41.64
CA TYR D 131 23.51 -50.04 -40.50
C TYR D 131 22.77 -51.37 -40.59
N GLY D 132 23.36 -52.33 -41.32
CA GLY D 132 22.84 -53.69 -41.39
C GLY D 132 21.86 -53.97 -42.52
N GLY D 133 21.71 -53.03 -43.45
CA GLY D 133 20.86 -53.20 -44.62
C GLY D 133 21.31 -54.36 -45.51
N GLN D 134 20.36 -54.98 -46.19
CA GLN D 134 20.61 -56.17 -47.00
C GLN D 134 19.90 -56.12 -48.34
N LEU D 135 20.65 -56.35 -49.42
CA LEU D 135 20.08 -56.41 -50.76
C LEU D 135 18.98 -57.46 -50.90
N GLU D 136 19.13 -58.56 -50.17
CA GLU D 136 18.17 -59.66 -50.15
C GLU D 136 16.76 -59.20 -49.84
N TRP D 137 16.61 -58.39 -48.78
CA TRP D 137 15.33 -57.80 -48.40
C TRP D 137 14.68 -57.02 -49.54
N LEU D 138 15.50 -56.29 -50.30
CA LEU D 138 14.98 -55.53 -51.41
C LEU D 138 14.52 -56.46 -52.52
N GLU D 139 15.34 -57.48 -52.80
CA GLU D 139 15.01 -58.50 -53.79
C GLU D 139 13.76 -59.29 -53.43
N GLN D 140 13.59 -59.59 -52.14
CA GLN D 140 12.39 -60.27 -51.65
C GLN D 140 11.13 -59.45 -51.89
N MET D 141 11.19 -58.16 -51.57
CA MET D 141 10.06 -57.24 -51.76
C MET D 141 9.70 -57.05 -53.24
N LEU D 142 10.69 -57.21 -54.10
CA LEU D 142 10.51 -57.01 -55.54
C LEU D 142 10.21 -58.29 -56.33
N GLU D 143 9.97 -59.40 -55.62
CA GLU D 143 9.59 -60.66 -56.26
C GLU D 143 8.31 -60.52 -57.09
N GLN D 144 8.36 -61.05 -58.31
CA GLN D 144 7.27 -60.90 -59.26
C GLN D 144 6.88 -62.26 -59.84
N GLU D 145 5.66 -62.36 -60.35
CA GLU D 145 5.14 -63.60 -60.91
C GLU D 145 4.59 -63.41 -62.32
N PRO D 151 3.63 -59.98 -54.92
CA PRO D 151 2.89 -60.51 -53.77
C PRO D 151 3.00 -59.62 -52.53
N LEU D 152 4.18 -59.03 -52.31
CA LEU D 152 4.43 -58.22 -51.12
C LEU D 152 3.89 -56.81 -51.25
N ALA D 153 3.68 -56.36 -52.49
CA ALA D 153 2.93 -55.14 -52.75
C ALA D 153 1.46 -55.36 -52.38
N ASP D 154 0.91 -56.52 -52.75
CA ASP D 154 -0.42 -56.96 -52.32
C ASP D 154 -0.53 -56.95 -50.79
N LYS D 155 0.54 -57.39 -50.13
CA LYS D 155 0.59 -57.46 -48.67
C LYS D 155 0.66 -56.08 -48.01
N LEU D 156 1.41 -55.17 -48.63
CA LEU D 156 1.43 -53.77 -48.20
C LEU D 156 0.04 -53.16 -48.26
N LEU D 157 -0.67 -53.40 -49.36
CA LEU D 157 -2.02 -52.87 -49.55
C LEU D 157 -3.03 -53.49 -48.59
N GLU D 158 -2.79 -54.76 -48.24
CA GLU D 158 -3.61 -55.48 -47.26
C GLU D 158 -3.47 -54.89 -45.86
N VAL D 159 -2.22 -54.70 -45.42
CA VAL D 159 -1.93 -54.12 -44.11
C VAL D 159 -2.61 -52.76 -43.93
N ALA D 160 -2.44 -51.88 -44.92
CA ALA D 160 -3.03 -50.54 -44.92
C ALA D 160 -4.56 -50.57 -44.84
N ASP D 161 -5.18 -51.50 -45.56
CA ASP D 161 -6.64 -51.66 -45.54
C ASP D 161 -7.15 -52.19 -44.19
N TYR D 162 -6.49 -53.24 -43.67
CA TYR D 162 -6.90 -53.87 -42.41
C TYR D 162 -6.67 -52.97 -41.19
N TYR D 163 -5.48 -52.41 -41.06
CA TYR D 163 -5.18 -51.53 -39.95
C TYR D 163 -5.82 -50.15 -40.11
N GLY D 164 -6.12 -49.79 -41.36
CA GLY D 164 -6.80 -48.54 -41.66
C GLY D 164 -5.93 -47.31 -41.68
N PHE D 165 -4.87 -47.36 -42.49
CA PHE D 165 -4.07 -46.16 -42.81
C PHE D 165 -3.97 -45.93 -44.32
N ASP D 166 -3.28 -44.88 -44.72
CA ASP D 166 -3.53 -44.23 -46.00
C ASP D 166 -2.45 -44.37 -47.08
N GLY D 167 -1.60 -45.38 -46.95
CA GLY D 167 -0.55 -45.60 -47.93
C GLY D 167 0.80 -45.84 -47.30
N TRP D 168 1.85 -45.67 -48.11
CA TRP D 168 3.21 -46.03 -47.70
C TRP D 168 4.29 -45.07 -48.18
N PHE D 169 5.28 -44.89 -47.33
CA PHE D 169 6.50 -44.16 -47.63
C PHE D 169 7.56 -45.20 -47.98
N ILE D 170 8.09 -45.14 -49.19
CA ILE D 170 9.13 -46.09 -49.63
C ILE D 170 10.51 -45.41 -49.63
N ASN D 171 11.42 -45.99 -48.85
CA ASN D 171 12.75 -45.43 -48.66
C ASN D 171 13.85 -46.47 -48.95
N GLN D 172 14.34 -46.44 -50.17
CA GLN D 172 15.36 -47.36 -50.64
C GLN D 172 16.76 -46.76 -50.43
N GLU D 173 17.47 -47.28 -49.44
CA GLU D 173 18.81 -46.77 -49.10
C GLU D 173 19.92 -47.84 -49.16
N THR D 174 19.57 -49.06 -49.55
CA THR D 174 20.53 -50.18 -49.62
C THR D 174 21.37 -50.14 -50.90
N GLU D 175 22.70 -50.09 -50.73
CA GLU D 175 23.63 -49.97 -51.86
C GLU D 175 23.81 -51.31 -52.59
N ASP D 178 21.46 -52.98 -59.11
CA ASP D 178 21.73 -52.65 -60.50
C ASP D 178 20.52 -52.03 -61.21
N GLU D 179 20.63 -51.85 -62.52
CA GLU D 179 19.55 -51.30 -63.34
C GLU D 179 18.33 -52.22 -63.38
N GLY D 180 18.58 -53.53 -63.29
CA GLY D 180 17.50 -54.53 -63.24
C GLY D 180 16.64 -54.39 -62.00
N THR D 181 17.31 -54.17 -60.86
CA THR D 181 16.63 -53.91 -59.59
C THR D 181 15.87 -52.60 -59.66
N ALA D 182 16.52 -51.58 -60.20
CA ALA D 182 15.93 -50.26 -60.40
C ALA D 182 14.62 -50.33 -61.20
N GLU D 183 14.65 -51.06 -62.31
CA GLU D 183 13.47 -51.24 -63.16
C GLU D 183 12.37 -52.02 -62.46
N ALA D 184 12.76 -53.02 -61.67
CA ALA D 184 11.82 -53.82 -60.89
C ALA D 184 11.12 -52.97 -59.83
N MET D 185 11.85 -52.02 -59.24
CA MET D 185 11.29 -51.08 -58.27
C MET D 185 10.25 -50.18 -58.93
N GLN D 186 10.58 -49.67 -60.11
CA GLN D 186 9.65 -48.84 -60.89
C GLN D 186 8.36 -49.59 -61.22
N ALA D 187 8.49 -50.88 -61.51
CA ALA D 187 7.34 -51.75 -61.76
C ALA D 187 6.51 -52.00 -60.48
N PHE D 188 7.20 -52.28 -59.38
CA PHE D 188 6.59 -52.42 -58.05
C PHE D 188 5.76 -51.19 -57.68
N LEU D 189 6.31 -50.01 -57.96
CA LEU D 189 5.65 -48.75 -57.66
C LEU D 189 4.47 -48.48 -58.61
N VAL D 190 4.62 -48.86 -59.87
CA VAL D 190 3.53 -48.76 -60.85
C VAL D 190 2.40 -49.73 -60.48
N TYR D 191 2.78 -50.93 -60.03
CA TYR D 191 1.81 -51.93 -59.58
C TYR D 191 0.93 -51.38 -58.45
N LEU D 192 1.59 -50.84 -57.42
CA LEU D 192 0.92 -50.15 -56.32
C LEU D 192 -0.09 -49.11 -56.79
N GLN D 193 0.34 -48.25 -57.71
CA GLN D 193 -0.55 -47.25 -58.31
C GLN D 193 -1.78 -47.84 -58.99
N GLU D 194 -1.65 -48.87 -59.61
CA GLU D 194 -2.73 -49.60 -60.28
C GLU D 194 -3.64 -50.35 -59.30
N GLN D 195 -3.11 -50.84 -58.24
CA GLN D 195 -3.83 -51.69 -57.29
C GLN D 195 -4.36 -50.98 -56.04
N LYS D 196 -3.87 -49.81 -55.74
CA LYS D 196 -4.21 -49.07 -54.52
C LYS D 196 -5.66 -48.54 -54.55
N PRO D 197 -6.26 -48.34 -53.36
CA PRO D 197 -7.56 -47.66 -53.26
C PRO D 197 -7.43 -46.14 -53.44
N GLU D 198 -8.55 -45.44 -53.31
CA GLU D 198 -8.57 -43.97 -53.32
C GLU D 198 -8.04 -43.40 -51.98
N MET D 200 -5.35 -43.60 -51.80
CA MET D 200 -4.15 -44.00 -51.10
C MET D 200 -2.92 -43.27 -51.66
N HIS D 201 -1.93 -43.04 -50.80
CA HIS D 201 -0.75 -42.26 -51.17
C HIS D 201 0.52 -43.10 -51.06
N ILE D 202 1.34 -43.04 -52.11
CA ILE D 202 2.65 -43.69 -52.12
C ILE D 202 3.74 -42.66 -52.33
N MET D 203 4.54 -42.45 -51.28
CA MET D 203 5.64 -41.48 -51.33
C MET D 203 6.98 -42.20 -51.45
N TRP D 204 7.85 -41.67 -52.31
CA TRP D 204 9.13 -42.28 -52.59
C TRP D 204 10.23 -41.31 -52.16
N TYR D 205 11.29 -41.84 -51.56
CA TYR D 205 12.40 -41.00 -51.16
C TYR D 205 13.41 -40.84 -52.30
N ASP D 206 13.86 -39.60 -52.51
CA ASP D 206 14.88 -39.28 -53.51
C ASP D 206 16.24 -39.91 -53.16
N SER D 207 16.43 -41.15 -53.61
CA SER D 207 17.66 -41.88 -53.29
C SER D 207 18.27 -42.76 -54.37
N MET D 208 17.60 -43.87 -54.69
CA MET D 208 18.05 -44.77 -55.76
C MET D 208 17.65 -44.17 -57.10
N ILE D 209 18.63 -44.08 -58.00
CA ILE D 209 18.40 -43.50 -59.33
C ILE D 209 18.13 -44.57 -60.40
N ASP D 210 18.04 -44.15 -61.64
CA ASP D 210 17.72 -45.03 -62.79
C ASP D 210 18.65 -46.23 -62.95
N THR D 211 19.93 -46.04 -62.62
CA THR D 211 20.92 -47.11 -62.71
C THR D 211 20.87 -48.06 -61.52
N GLY D 212 20.09 -47.70 -60.50
CA GLY D 212 20.05 -48.45 -59.25
C GLY D 212 21.06 -47.90 -58.27
N ILE D 214 22.62 -45.58 -55.25
CA ILE D 214 22.08 -44.55 -54.39
C ILE D 214 22.77 -43.23 -54.61
N ALA D 215 22.07 -42.30 -55.19
CA ALA D 215 22.66 -41.03 -55.52
C ALA D 215 21.65 -39.97 -55.38
N TRP D 216 21.51 -39.46 -54.18
CA TRP D 216 20.47 -38.52 -53.86
C TRP D 216 20.63 -37.31 -54.72
N GLN D 217 19.56 -36.83 -55.34
CA GLN D 217 19.63 -35.74 -56.31
C GLN D 217 19.32 -34.39 -55.69
N ASN D 218 18.58 -34.41 -54.59
CA ASN D 218 18.14 -33.19 -53.86
C ASN D 218 17.20 -32.31 -54.70
N HIS D 219 16.83 -32.84 -55.86
CA HIS D 219 15.93 -32.19 -56.80
C HIS D 219 15.26 -33.31 -57.57
N LEU D 220 14.21 -32.97 -58.31
CA LEU D 220 13.67 -33.87 -59.32
C LEU D 220 14.49 -33.66 -60.59
N THR D 221 15.18 -34.68 -61.01
CA THR D 221 16.05 -34.61 -62.16
C THR D 221 15.83 -35.76 -63.12
N ASP D 222 16.66 -35.82 -64.14
CA ASP D 222 16.60 -36.87 -65.10
C ASP D 222 16.86 -38.26 -64.50
N ARG D 223 17.77 -38.30 -63.53
CA ARG D 223 18.17 -39.49 -62.83
C ARG D 223 17.07 -40.15 -61.98
N ASN D 224 16.12 -39.36 -61.52
CA ASN D 224 15.08 -39.87 -60.61
C ASN D 224 13.63 -39.66 -61.06
N LYS D 225 13.45 -38.96 -62.18
CA LYS D 225 12.11 -38.63 -62.67
C LYS D 225 11.22 -39.85 -62.95
N MET D 226 11.84 -40.97 -63.31
CA MET D 226 11.10 -42.20 -63.62
C MET D 226 10.46 -42.86 -62.40
N TYR D 227 10.78 -42.33 -61.22
CA TYR D 227 10.24 -42.83 -59.96
C TYR D 227 8.99 -42.08 -59.49
N LEU D 228 8.62 -41.05 -60.23
CA LEU D 228 7.47 -40.26 -59.90
C LEU D 228 6.27 -40.52 -60.79
N THR D 233 2.71 -43.00 -68.42
CA THR D 233 2.29 -43.71 -67.21
C THR D 233 2.90 -43.06 -65.97
N ARG D 234 2.40 -43.40 -64.79
CA ARG D 234 2.98 -42.88 -63.54
C ARG D 234 3.09 -43.84 -62.36
N VAL D 235 4.06 -43.54 -61.50
CA VAL D 235 4.69 -44.54 -60.65
C VAL D 235 4.58 -44.23 -59.15
N ALA D 236 4.47 -42.96 -58.78
CA ALA D 236 4.29 -42.56 -57.39
C ALA D 236 3.48 -41.28 -57.25
N ASP D 237 2.89 -41.09 -56.08
CA ASP D 237 2.07 -39.91 -55.80
C ASP D 237 2.91 -38.68 -55.47
N SER D 238 4.10 -38.92 -54.95
CA SER D 238 4.99 -37.83 -54.55
C SER D 238 6.44 -38.31 -54.39
N MET D 239 7.35 -37.33 -54.33
CA MET D 239 8.74 -37.60 -54.01
C MET D 239 9.19 -36.70 -52.86
N PHE D 240 9.86 -37.32 -51.88
CA PHE D 240 10.53 -36.58 -50.83
C PHE D 240 11.96 -36.31 -51.30
N LEU D 241 12.28 -35.03 -51.49
CA LEU D 241 13.59 -34.61 -51.99
C LEU D 241 14.64 -34.55 -50.88
N ASN D 242 15.81 -35.11 -51.16
CA ASN D 242 16.93 -35.07 -50.21
C ASN D 242 17.41 -33.63 -49.90
N PHE D 243 18.15 -33.49 -48.81
CA PHE D 243 18.34 -32.20 -48.12
C PHE D 243 19.26 -31.18 -48.79
N TRP D 244 20.22 -31.63 -49.58
CA TRP D 244 21.32 -30.76 -50.01
C TRP D 244 21.03 -29.94 -51.28
N TRP D 245 20.07 -29.02 -51.14
CA TRP D 245 19.68 -28.11 -52.21
C TRP D 245 19.79 -26.67 -51.73
N ARG D 246 19.86 -25.73 -52.66
CA ARG D 246 19.83 -24.30 -52.34
C ARG D 246 18.64 -23.62 -53.02
N ASP D 247 18.13 -24.24 -54.08
CA ASP D 247 17.03 -23.69 -54.88
C ASP D 247 16.25 -24.83 -55.54
N GLN D 248 14.94 -24.64 -55.68
CA GLN D 248 14.07 -25.69 -56.23
C GLN D 248 13.38 -25.37 -57.56
N ARG D 249 13.65 -24.20 -58.14
CA ARG D 249 13.01 -23.76 -59.39
C ARG D 249 13.12 -24.80 -60.51
N GLN D 250 14.30 -25.41 -60.63
CA GLN D 250 14.56 -26.45 -61.64
C GLN D 250 13.59 -27.62 -61.51
N SER D 251 13.36 -28.05 -60.27
CA SER D 251 12.45 -29.15 -59.97
C SER D 251 11.02 -28.78 -60.36
N ASN D 252 10.63 -27.54 -60.05
CA ASN D 252 9.33 -26.99 -60.41
C ASN D 252 9.12 -27.00 -61.93
N GLU D 253 10.12 -26.53 -62.66
CA GLU D 253 10.06 -26.49 -64.13
C GLU D 253 10.01 -27.88 -64.77
N LEU D 254 10.84 -28.78 -64.28
CA LEU D 254 10.86 -30.17 -64.77
C LEU D 254 9.56 -30.91 -64.45
N ALA D 255 9.01 -30.67 -63.27
CA ALA D 255 7.73 -31.28 -62.87
C ALA D 255 6.61 -30.90 -63.83
N GLN D 256 6.56 -29.62 -64.17
CA GLN D 256 5.58 -29.08 -65.13
C GLN D 256 5.73 -29.69 -66.52
N ALA D 257 6.98 -29.94 -66.92
CA ALA D 257 7.30 -30.59 -68.19
C ALA D 257 6.79 -32.03 -68.23
N LEU D 258 6.76 -32.69 -67.07
CA LEU D 258 6.27 -34.06 -66.95
C LEU D 258 4.75 -34.12 -66.79
N GLY D 259 4.11 -32.97 -66.70
CA GLY D 259 2.66 -32.90 -66.49
C GLY D 259 2.26 -33.29 -65.08
N ARG D 260 3.12 -32.96 -64.11
CA ARG D 260 2.86 -33.21 -62.70
C ARG D 260 2.92 -31.91 -61.93
N SER D 261 2.14 -31.82 -60.85
CA SER D 261 2.22 -30.68 -59.96
C SER D 261 3.61 -30.62 -59.31
N PRO D 262 4.21 -29.43 -59.25
CA PRO D 262 5.46 -29.24 -58.51
C PRO D 262 5.27 -29.46 -57.01
N TYR D 263 4.02 -29.50 -56.58
CA TYR D 263 3.68 -29.63 -55.16
C TYR D 263 3.49 -31.09 -54.72
N ASP D 264 3.76 -32.02 -55.63
CA ASP D 264 3.94 -33.42 -55.28
C ASP D 264 5.42 -33.68 -55.00
N LEU D 265 6.23 -32.62 -55.08
CA LEU D 265 7.63 -32.72 -54.70
C LEU D 265 7.77 -32.07 -53.34
N TYR D 266 8.37 -32.79 -52.40
CA TYR D 266 8.52 -32.30 -51.05
C TYR D 266 9.99 -32.11 -50.72
N ALA D 267 10.42 -30.84 -50.76
CA ALA D 267 11.82 -30.50 -50.55
C ALA D 267 12.21 -30.70 -49.09
N GLY D 268 13.05 -31.70 -48.86
CA GLY D 268 13.45 -32.10 -47.52
C GLY D 268 14.27 -31.08 -46.75
N VAL D 269 13.92 -30.92 -45.47
CA VAL D 269 14.71 -30.15 -44.52
C VAL D 269 14.97 -31.03 -43.30
N ASP D 270 16.25 -31.23 -42.97
CA ASP D 270 16.64 -32.08 -41.86
C ASP D 270 16.75 -31.28 -40.57
N VAL D 271 15.75 -31.44 -39.70
CA VAL D 271 15.65 -30.67 -38.46
C VAL D 271 15.95 -31.52 -37.23
N GLU D 272 16.39 -32.76 -37.46
CA GLU D 272 16.53 -33.73 -36.37
C GLU D 272 17.35 -33.23 -35.19
N ALA D 273 18.56 -32.74 -35.47
CA ALA D 273 19.52 -32.37 -34.43
C ALA D 273 19.26 -31.00 -33.80
N ARG D 274 18.87 -30.02 -34.61
CA ARG D 274 18.83 -28.61 -34.16
C ARG D 274 17.46 -27.94 -34.16
N GLY D 275 16.45 -28.56 -34.77
CA GLY D 275 15.10 -28.01 -34.83
C GLY D 275 15.06 -26.60 -35.37
N THR D 276 14.62 -25.66 -34.53
CA THR D 276 14.50 -24.24 -34.91
C THR D 276 15.85 -23.57 -35.20
N SER D 277 16.94 -24.19 -34.76
CA SER D 277 18.29 -23.70 -35.04
C SER D 277 18.87 -24.26 -36.35
N THR D 278 18.06 -24.99 -37.11
CA THR D 278 18.48 -25.52 -38.40
C THR D 278 18.55 -24.41 -39.46
N PRO D 279 19.74 -24.24 -40.08
CA PRO D 279 19.89 -23.27 -41.18
C PRO D 279 19.19 -23.78 -42.44
N VAL D 280 18.35 -22.93 -43.03
CA VAL D 280 17.59 -23.28 -44.22
C VAL D 280 17.60 -22.10 -45.21
N GLN D 281 17.71 -22.41 -46.49
CA GLN D 281 17.58 -21.40 -47.53
C GLN D 281 16.12 -21.31 -47.98
N TRP D 282 15.30 -20.69 -47.13
CA TRP D 282 13.85 -20.61 -47.35
C TRP D 282 13.48 -19.99 -48.70
N GLU D 283 14.21 -18.94 -49.09
CA GLU D 283 14.00 -18.24 -50.37
C GLU D 283 14.19 -19.15 -51.57
N GLY D 284 15.00 -20.19 -51.42
CA GLY D 284 15.19 -21.21 -52.46
C GLY D 284 13.99 -22.14 -52.61
N LEU D 285 13.05 -22.06 -51.67
CA LEU D 285 11.83 -22.86 -51.72
C LEU D 285 10.60 -21.95 -51.80
N PHE D 286 10.64 -20.84 -51.07
CA PHE D 286 9.58 -19.84 -51.08
C PHE D 286 10.13 -18.48 -51.52
N PRO D 287 10.29 -18.27 -52.85
CA PRO D 287 10.79 -16.98 -53.31
C PRO D 287 9.83 -15.86 -52.92
N GLU D 288 10.38 -14.77 -52.38
CA GLU D 288 9.57 -13.65 -51.87
C GLU D 288 8.70 -13.04 -52.95
N GLY D 289 7.41 -12.89 -52.64
CA GLY D 289 6.41 -12.42 -53.60
C GLY D 289 6.33 -13.30 -54.82
N GLU D 290 6.34 -14.59 -54.59
CA GLU D 290 6.33 -15.53 -55.65
C GLU D 290 5.67 -16.81 -55.18
N LYS D 291 5.18 -17.61 -56.11
CA LYS D 291 4.60 -18.89 -55.86
C LYS D 291 5.66 -19.96 -55.61
N ALA D 292 5.21 -21.20 -55.41
CA ALA D 292 5.98 -22.46 -55.36
C ALA D 292 7.14 -22.47 -54.42
N HIS D 293 8.35 -22.87 -54.83
CA HIS D 293 8.65 -23.77 -55.98
C HIS D 293 8.06 -25.17 -55.89
N THR D 294 7.99 -25.68 -54.68
CA THR D 294 7.55 -27.03 -54.42
C THR D 294 6.84 -27.13 -53.07
N SER D 295 6.60 -28.33 -52.61
CA SER D 295 6.10 -28.50 -51.25
C SER D 295 7.28 -28.64 -50.29
N LEU D 296 6.98 -28.72 -49.00
CA LEU D 296 8.01 -28.84 -47.96
C LEU D 296 7.95 -30.18 -47.25
N GLY D 297 9.12 -30.80 -47.09
CA GLY D 297 9.23 -32.06 -46.37
C GLY D 297 10.06 -31.89 -45.13
N LEU D 298 9.45 -32.15 -43.97
CA LEU D 298 10.13 -32.03 -42.70
C LEU D 298 10.64 -33.37 -42.20
N TYR D 299 11.95 -33.46 -42.03
CA TYR D 299 12.57 -34.67 -41.53
C TYR D 299 12.85 -34.59 -40.04
N ARG D 300 12.02 -35.30 -39.26
CA ARG D 300 12.20 -35.45 -37.81
C ARG D 300 11.90 -34.21 -36.96
N PRO D 301 10.70 -33.61 -37.14
CA PRO D 301 10.23 -32.53 -36.25
C PRO D 301 10.04 -33.01 -34.80
N ASP D 302 9.99 -34.32 -34.61
CA ASP D 302 9.94 -34.92 -33.27
C ASP D 302 11.22 -34.60 -32.47
N TRP D 303 12.12 -33.83 -33.10
CA TRP D 303 13.20 -33.11 -32.40
C TRP D 303 12.68 -32.49 -31.11
N ALA D 304 11.50 -31.87 -31.18
CA ALA D 304 10.90 -31.16 -30.07
C ALA D 304 10.78 -32.09 -28.87
N PHE D 305 10.44 -33.35 -29.14
CA PHE D 305 10.24 -34.38 -28.13
C PHE D 305 11.53 -35.08 -27.69
N GLN D 306 12.35 -35.49 -28.65
CA GLN D 306 13.59 -36.22 -28.36
C GLN D 306 14.70 -35.36 -27.77
N SER D 307 14.67 -34.06 -28.05
CA SER D 307 15.65 -33.14 -27.47
C SER D 307 15.22 -32.59 -26.10
N SER D 308 14.03 -32.95 -25.63
CA SER D 308 13.51 -32.44 -24.36
C SER D 308 13.36 -33.55 -23.31
N GLU D 309 13.19 -33.13 -22.05
CA GLU D 309 13.11 -34.04 -20.91
C GLU D 309 11.72 -34.04 -20.28
N THR D 310 10.98 -32.97 -20.51
CA THR D 310 9.69 -32.74 -19.85
C THR D 310 8.63 -32.34 -20.88
N MET D 311 7.39 -32.68 -20.57
CA MET D 311 6.23 -32.37 -21.40
C MET D 311 6.12 -30.88 -21.71
N GLU D 312 6.35 -30.06 -20.69
CA GLU D 312 6.26 -28.59 -20.84
C GLU D 312 7.25 -28.04 -21.86
N ALA D 313 8.51 -28.46 -21.77
CA ALA D 313 9.55 -28.04 -22.71
C ALA D 313 9.31 -28.59 -24.11
N PHE D 314 8.84 -29.84 -24.18
CA PHE D 314 8.43 -30.47 -25.43
C PHE D 314 7.38 -29.63 -26.14
N TYR D 315 6.32 -29.27 -25.43
CA TYR D 315 5.24 -28.47 -25.99
C TYR D 315 5.67 -27.04 -26.34
N GLU D 316 6.58 -26.47 -25.56
CA GLU D 316 7.14 -25.15 -25.87
C GLU D 316 7.93 -25.15 -27.19
N LYS D 317 8.75 -26.18 -27.39
CA LYS D 317 9.52 -26.33 -28.63
C LYS D 317 8.63 -26.55 -29.86
N GLU D 318 7.60 -27.39 -29.72
CA GLU D 318 6.65 -27.58 -30.83
C GLU D 318 6.02 -26.25 -31.22
N LEU D 319 5.62 -25.44 -30.23
CA LEU D 319 5.10 -24.12 -30.53
C LEU D 319 6.12 -23.27 -31.28
N GLN D 320 7.35 -23.21 -30.78
CA GLN D 320 8.43 -22.45 -31.41
C GLN D 320 8.70 -22.92 -32.83
N PHE D 321 8.60 -24.24 -33.03
CA PHE D 321 8.90 -24.84 -34.32
C PHE D 321 7.81 -24.57 -35.36
N TRP D 322 6.55 -24.79 -34.98
CA TRP D 322 5.43 -24.74 -35.93
C TRP D 322 4.82 -23.36 -36.09
N VAL D 323 4.89 -22.55 -35.04
CA VAL D 323 4.32 -21.20 -35.06
C VAL D 323 5.40 -20.12 -35.23
N GLY D 324 6.52 -20.27 -34.51
CA GLY D 324 7.63 -19.31 -34.59
C GLY D 324 7.89 -18.65 -33.25
N SER D 325 8.93 -17.80 -33.19
CA SER D 325 9.32 -17.09 -31.96
C SER D 325 8.28 -16.07 -31.49
N THR D 326 7.44 -15.62 -32.41
CA THR D 326 6.34 -14.70 -32.10
C THR D 326 5.35 -15.34 -31.11
N GLY D 327 5.11 -16.63 -31.26
CA GLY D 327 4.11 -17.33 -30.46
C GLY D 327 2.70 -16.96 -30.88
N ASN D 328 2.58 -16.44 -32.09
CA ASN D 328 1.31 -15.99 -32.65
C ASN D 328 1.27 -16.25 -34.16
N PRO D 329 0.42 -17.20 -34.59
CA PRO D 329 0.34 -17.65 -35.98
C PRO D 329 -0.06 -16.56 -36.99
N ALA D 330 -0.65 -15.45 -36.48
CA ALA D 330 -1.06 -14.33 -37.32
C ALA D 330 0.03 -13.27 -37.49
N GLU D 331 1.00 -13.27 -36.58
CA GLU D 331 2.04 -12.24 -36.55
C GLU D 331 3.43 -12.83 -36.72
N THR D 332 3.63 -13.65 -37.74
CA THR D 332 4.92 -14.31 -37.98
C THR D 332 5.98 -13.37 -38.56
N ASP D 333 7.24 -13.69 -38.27
CA ASP D 333 8.37 -12.90 -38.74
C ASP D 333 9.15 -13.65 -39.83
N GLY D 334 8.93 -13.26 -41.08
CA GLY D 334 9.57 -13.90 -42.22
C GLY D 334 11.05 -13.60 -42.45
N GLN D 335 11.63 -12.74 -41.61
CA GLN D 335 13.05 -12.41 -41.70
C GLN D 335 13.86 -13.06 -40.60
N SER D 336 13.15 -13.70 -39.67
CA SER D 336 13.76 -14.51 -38.62
C SER D 336 14.48 -15.71 -39.21
N ASN D 337 15.42 -16.28 -38.44
CA ASN D 337 16.11 -17.50 -38.83
C ASN D 337 15.14 -18.69 -38.90
N TRP D 338 14.08 -18.63 -38.08
CA TRP D 338 13.01 -19.61 -38.11
C TRP D 338 11.64 -18.92 -38.07
N PRO D 339 11.06 -18.61 -39.25
CA PRO D 339 9.77 -17.92 -39.32
C PRO D 339 8.62 -18.75 -38.76
N GLY D 340 8.80 -20.08 -38.75
CA GLY D 340 7.77 -20.99 -38.27
C GLY D 340 6.91 -21.44 -39.44
N MET D 341 6.34 -22.63 -39.33
CA MET D 341 5.52 -23.19 -40.41
C MET D 341 4.26 -22.37 -40.69
N ALA D 342 3.75 -21.68 -39.65
CA ALA D 342 2.58 -20.81 -39.80
C ALA D 342 2.82 -19.66 -40.77
N HIS D 343 4.10 -19.35 -41.02
CA HIS D 343 4.48 -18.30 -41.96
C HIS D 343 4.16 -18.64 -43.42
N TRP D 344 4.17 -19.92 -43.76
CA TRP D 344 3.93 -20.36 -45.15
C TRP D 344 2.66 -21.17 -45.35
N PHE D 345 2.16 -21.76 -44.27
CA PHE D 345 1.05 -22.71 -44.35
C PHE D 345 -0.16 -22.28 -43.54
N PRO D 346 -1.32 -22.15 -44.20
CA PRO D 346 -2.58 -21.94 -43.49
C PRO D 346 -2.83 -23.09 -42.53
N ALA D 347 -3.39 -22.78 -41.37
CA ALA D 347 -3.81 -23.81 -40.42
C ALA D 347 -5.12 -24.40 -40.92
N LYS D 348 -5.25 -25.73 -40.83
CA LYS D 348 -6.49 -26.41 -41.21
C LYS D 348 -7.21 -26.91 -39.97
N SER D 349 -8.52 -27.10 -40.11
CA SER D 349 -9.36 -27.49 -39.00
C SER D 349 -10.36 -28.55 -39.44
N THR D 350 -10.54 -29.54 -38.59
CA THR D 350 -11.52 -30.59 -38.84
C THR D 350 -12.80 -30.36 -38.03
N ALA D 351 -12.90 -29.17 -37.43
CA ALA D 351 -14.10 -28.74 -36.70
C ALA D 351 -15.17 -28.30 -37.71
N THR D 352 -15.62 -29.25 -38.51
CA THR D 352 -16.46 -28.94 -39.68
C THR D 352 -17.76 -29.72 -39.66
N SER D 353 -18.12 -30.22 -38.47
CA SER D 353 -19.26 -31.11 -38.30
C SER D 353 -19.85 -30.98 -36.90
N VAL D 354 -21.17 -30.86 -36.83
CA VAL D 354 -21.90 -30.85 -35.55
C VAL D 354 -22.29 -32.29 -35.22
N PRO D 355 -21.98 -32.75 -33.98
CA PRO D 355 -21.39 -32.01 -32.86
C PRO D 355 -19.87 -31.85 -32.93
N PHE D 356 -19.39 -30.65 -32.65
CA PHE D 356 -17.97 -30.44 -32.38
C PHE D 356 -17.74 -30.43 -30.86
N VAL D 357 -16.84 -31.29 -30.41
CA VAL D 357 -16.59 -31.48 -28.99
C VAL D 357 -15.09 -31.57 -28.75
N THR D 358 -14.61 -30.80 -27.78
CA THR D 358 -13.22 -30.92 -27.32
C THR D 358 -13.12 -30.80 -25.81
N HIS D 359 -12.13 -31.48 -25.25
CA HIS D 359 -11.84 -31.45 -23.81
C HIS D 359 -10.39 -31.07 -23.57
N PHE D 360 -9.74 -30.57 -24.62
CA PHE D 360 -8.35 -30.11 -24.57
C PHE D 360 -7.41 -31.21 -24.07
N ASN D 361 -7.76 -32.45 -24.42
CA ASN D 361 -6.97 -33.64 -24.13
C ASN D 361 -5.78 -33.67 -25.09
N THR D 362 -4.58 -33.61 -24.53
CA THR D 362 -3.35 -33.59 -25.33
C THR D 362 -2.89 -34.98 -25.75
N GLY D 363 -3.48 -36.01 -25.16
CA GLY D 363 -3.15 -37.39 -25.50
C GLY D 363 -2.38 -38.11 -24.42
N SER D 364 -2.01 -37.38 -23.37
CA SER D 364 -1.35 -37.96 -22.21
C SER D 364 -1.59 -37.10 -20.97
N GLY D 365 -1.26 -37.64 -19.80
CA GLY D 365 -1.49 -36.94 -18.56
C GLY D 365 -0.70 -37.54 -17.42
N ALA D 366 -0.63 -36.81 -16.31
CA ALA D 366 -0.04 -37.30 -15.07
C ALA D 366 -1.13 -37.92 -14.21
N GLN D 367 -2.36 -37.81 -14.69
CA GLN D 367 -3.55 -38.12 -13.93
C GLN D 367 -4.68 -38.16 -14.95
N PHE D 368 -5.80 -38.78 -14.59
CA PHE D 368 -6.98 -38.81 -15.44
C PHE D 368 -8.21 -38.41 -14.63
N SER D 369 -8.97 -37.46 -15.16
CA SER D 369 -10.18 -36.94 -14.53
C SER D 369 -11.44 -37.31 -15.29
N ALA D 370 -12.53 -37.48 -14.54
CA ALA D 370 -13.86 -37.64 -15.12
C ALA D 370 -14.79 -36.69 -14.38
N GLU D 371 -15.40 -35.76 -15.12
CA GLU D 371 -16.21 -34.69 -14.55
C GLU D 371 -15.46 -33.85 -13.50
N GLY D 372 -14.19 -33.60 -13.74
CA GLY D 372 -13.39 -32.76 -12.85
C GLY D 372 -12.91 -33.40 -11.57
N LYS D 373 -13.09 -34.73 -11.45
CA LYS D 373 -12.55 -35.49 -10.34
C LYS D 373 -11.56 -36.52 -10.83
N THR D 374 -10.42 -36.61 -10.14
CA THR D 374 -9.41 -37.62 -10.44
C THR D 374 -9.98 -39.01 -10.22
N VAL D 375 -9.96 -39.82 -11.28
CA VAL D 375 -10.37 -41.22 -11.21
C VAL D 375 -9.17 -42.18 -11.36
N SER D 376 -8.01 -41.62 -11.65
CA SER D 376 -6.74 -42.35 -11.67
C SER D 376 -5.58 -41.37 -11.46
N GLU D 377 -4.68 -41.73 -10.56
CA GLU D 377 -3.51 -40.92 -10.28
C GLU D 377 -2.28 -41.36 -11.08
N GLN D 378 -2.45 -42.35 -11.95
CA GLN D 378 -1.33 -42.88 -12.74
C GLN D 378 -1.07 -42.06 -14.01
N GLU D 379 0.20 -41.96 -14.38
CA GLU D 379 0.59 -41.45 -15.71
C GLU D 379 -0.05 -42.32 -16.77
N TRP D 380 -0.38 -41.72 -17.90
CA TRP D 380 -0.99 -42.45 -19.01
C TRP D 380 -0.73 -41.69 -20.30
N ASN D 381 -0.64 -42.44 -21.39
CA ASN D 381 -0.83 -41.87 -22.72
C ASN D 381 -1.77 -42.76 -23.52
N ASN D 382 -2.58 -42.10 -24.35
CA ASN D 382 -3.41 -42.77 -25.31
C ASN D 382 -3.82 -41.71 -26.32
N ARG D 383 -3.04 -41.61 -27.38
CA ARG D 383 -3.26 -40.57 -28.38
C ARG D 383 -4.57 -40.73 -29.16
N SER D 384 -5.24 -41.86 -28.97
CA SER D 384 -6.61 -42.05 -29.50
C SER D 384 -7.59 -41.11 -28.80
N LEU D 385 -7.22 -40.67 -27.60
CA LEU D 385 -8.03 -39.73 -26.82
C LEU D 385 -7.67 -38.26 -27.03
N GLN D 386 -6.59 -37.98 -27.78
CA GLN D 386 -6.23 -36.60 -28.10
C GLN D 386 -7.37 -35.92 -28.86
N ASP D 387 -7.80 -34.76 -28.36
CA ASP D 387 -8.86 -33.99 -29.01
C ASP D 387 -8.32 -33.16 -30.16
N VAL D 388 -9.25 -32.57 -30.92
CA VAL D 388 -8.92 -31.55 -31.90
C VAL D 388 -8.58 -30.31 -31.09
N LEU D 389 -7.31 -29.93 -31.15
CA LEU D 389 -6.79 -28.85 -30.33
C LEU D 389 -6.83 -27.54 -31.11
N PRO D 390 -6.69 -26.38 -30.41
CA PRO D 390 -6.88 -25.06 -31.04
C PRO D 390 -6.11 -24.86 -32.36
N THR D 391 -6.80 -24.27 -33.34
CA THR D 391 -6.22 -23.92 -34.63
C THR D 391 -5.06 -22.95 -34.44
N TRP D 392 -5.22 -22.03 -33.50
CA TRP D 392 -4.27 -20.95 -33.28
C TRP D 392 -3.57 -21.05 -31.92
N ARG D 393 -2.25 -21.12 -31.95
CA ARG D 393 -1.43 -21.14 -30.74
C ARG D 393 -0.36 -20.05 -30.80
N TRP D 394 -0.63 -18.85 -30.30
CA TRP D 394 -1.91 -18.46 -29.69
C TRP D 394 -2.26 -17.06 -30.18
N ILE D 395 -3.55 -16.76 -30.29
CA ILE D 395 -4.04 -15.44 -30.66
C ILE D 395 -4.86 -14.83 -29.53
N GLN D 396 -4.26 -13.86 -28.83
CA GLN D 396 -4.93 -13.11 -27.78
C GLN D 396 -5.07 -11.62 -28.13
N HIS D 397 -6.03 -10.95 -27.50
CA HIS D 397 -6.16 -9.50 -27.54
C HIS D 397 -6.43 -8.97 -26.13
N GLY D 398 -5.76 -7.90 -25.75
CA GLY D 398 -5.92 -7.29 -24.42
C GLY D 398 -5.29 -8.08 -23.28
N GLY D 399 -5.08 -7.40 -22.15
CA GLY D 399 -4.52 -8.01 -20.94
C GLY D 399 -3.04 -8.36 -21.04
N ASP D 400 -2.51 -8.96 -19.97
CA ASP D 400 -1.17 -9.55 -19.99
C ASP D 400 -1.27 -11.03 -19.61
N LEU D 401 -1.77 -11.83 -20.54
CA LEU D 401 -2.07 -13.23 -20.25
C LEU D 401 -1.28 -14.19 -21.13
N GLU D 402 -1.05 -15.40 -20.61
CA GLU D 402 -0.44 -16.48 -21.35
C GLU D 402 -1.42 -17.62 -21.50
N ALA D 403 -1.44 -18.24 -22.68
CA ALA D 403 -2.22 -19.45 -22.92
C ALA D 403 -1.31 -20.65 -23.16
N THR D 404 -1.57 -21.72 -22.42
CA THR D 404 -0.78 -22.95 -22.52
C THR D 404 -1.67 -24.12 -22.12
N PHE D 405 -1.22 -25.35 -22.39
CA PHE D 405 -1.90 -26.52 -21.85
C PHE D 405 -1.43 -26.77 -20.44
N SER D 406 -2.35 -27.22 -19.59
CA SER D 406 -2.03 -27.55 -18.22
C SER D 406 -2.29 -29.02 -17.96
N TRP D 407 -1.36 -29.68 -17.27
CA TRP D 407 -1.56 -31.06 -16.85
C TRP D 407 -1.80 -31.16 -15.35
N GLU D 408 -2.10 -30.02 -14.74
CA GLU D 408 -2.44 -29.94 -13.31
C GLU D 408 -3.95 -30.03 -13.08
N GLU D 409 -4.73 -29.54 -14.04
CA GLU D 409 -6.20 -29.52 -13.95
C GLU D 409 -6.79 -30.14 -15.21
N ALA D 410 -7.90 -30.86 -15.05
CA ALA D 410 -8.60 -31.48 -16.18
C ALA D 410 -10.04 -31.74 -15.80
N PHE D 411 -10.95 -31.59 -16.77
CA PHE D 411 -12.35 -31.97 -16.58
C PHE D 411 -12.60 -33.40 -17.09
N GLU D 412 -12.10 -33.70 -18.29
CA GLU D 412 -12.15 -35.04 -18.86
C GLU D 412 -10.80 -35.38 -19.47
N GLY D 413 -10.08 -36.31 -18.85
CA GLY D 413 -8.76 -36.70 -19.31
C GLY D 413 -7.65 -36.18 -18.43
N GLY D 414 -6.55 -35.77 -19.04
CA GLY D 414 -5.38 -35.37 -18.26
C GLY D 414 -4.95 -33.95 -18.42
N SER D 415 -5.70 -33.15 -19.17
CA SER D 415 -5.26 -31.78 -19.46
C SER D 415 -6.39 -30.77 -19.64
N SER D 416 -6.04 -29.49 -19.50
CA SER D 416 -6.96 -28.41 -19.80
C SER D 416 -6.22 -27.29 -20.51
N LEU D 417 -6.97 -26.30 -20.97
CA LEU D 417 -6.38 -25.09 -21.51
C LEU D 417 -6.28 -24.07 -20.38
N GLN D 418 -5.08 -23.58 -20.16
CA GLN D 418 -4.82 -22.60 -19.12
C GLN D 418 -4.67 -21.21 -19.74
N TRP D 419 -5.40 -20.25 -19.19
CA TRP D 419 -5.35 -18.87 -19.64
C TRP D 419 -5.21 -18.00 -18.41
N HIS D 420 -4.01 -17.48 -18.21
CA HIS D 420 -3.63 -16.92 -16.92
C HIS D 420 -2.64 -15.77 -17.01
N GLY D 421 -2.66 -14.91 -16.01
CA GLY D 421 -1.76 -13.76 -15.94
C GLY D 421 -2.43 -12.56 -15.31
N SER D 422 -2.13 -11.39 -15.86
CA SER D 422 -2.67 -10.14 -15.34
C SER D 422 -3.80 -9.61 -16.21
N LEU D 423 -4.87 -9.15 -15.56
CA LEU D 423 -5.98 -8.46 -16.23
C LEU D 423 -6.51 -7.39 -15.29
N ALA D 424 -6.22 -6.13 -15.62
CA ALA D 424 -6.58 -4.98 -14.79
C ALA D 424 -8.08 -4.87 -14.55
N HIS D 428 -10.71 -6.00 -20.61
CA HIS D 428 -11.24 -6.97 -21.57
C HIS D 428 -10.13 -7.72 -22.32
N ALA D 429 -10.23 -9.04 -22.34
CA ALA D 429 -9.29 -9.89 -23.08
C ALA D 429 -10.02 -10.97 -23.84
N GLN D 430 -9.53 -11.28 -25.03
CA GLN D 430 -10.12 -12.33 -25.85
C GLN D 430 -9.05 -13.30 -26.32
N ILE D 431 -9.46 -14.53 -26.57
CA ILE D 431 -8.58 -15.55 -27.13
C ILE D 431 -9.33 -16.35 -28.20
N GLU D 432 -8.85 -16.26 -29.43
CA GLU D 432 -9.48 -16.93 -30.54
C GLU D 432 -8.82 -18.28 -30.71
N LEU D 433 -9.64 -19.33 -30.67
CA LEU D 433 -9.12 -20.69 -30.56
C LEU D 433 -9.28 -21.54 -31.82
N TYR D 434 -10.47 -21.51 -32.41
CA TYR D 434 -10.81 -22.44 -33.49
C TYR D 434 -11.34 -21.78 -34.76
N GLN D 435 -10.78 -22.20 -35.89
CA GLN D 435 -11.42 -22.02 -37.20
C GLN D 435 -12.40 -23.18 -37.34
N THR D 436 -13.63 -22.88 -37.72
CA THR D 436 -14.66 -23.92 -37.80
C THR D 436 -15.54 -23.77 -39.04
N GLU D 437 -16.35 -24.79 -39.30
CA GLU D 437 -17.45 -24.70 -40.25
C GLU D 437 -18.64 -25.51 -39.72
N LEU D 438 -19.41 -24.89 -38.84
CA LEU D 438 -20.46 -25.59 -38.11
C LEU D 438 -21.84 -25.02 -38.39
N PRO D 439 -22.66 -25.75 -39.18
CA PRO D 439 -24.02 -25.32 -39.48
C PRO D 439 -24.91 -25.34 -38.24
N ILE D 440 -25.56 -24.23 -37.95
CA ILE D 440 -26.43 -24.14 -36.79
C ILE D 440 -27.85 -24.54 -37.18
N SER D 441 -28.45 -25.37 -36.32
CA SER D 441 -29.83 -25.77 -36.46
C SER D 441 -30.53 -25.59 -35.12
N GLU D 442 -31.86 -25.61 -35.13
CA GLU D 442 -32.64 -25.58 -33.89
C GLU D 442 -32.26 -26.79 -33.04
N GLY D 443 -32.06 -26.55 -31.75
CA GLY D 443 -31.58 -27.60 -30.85
C GLY D 443 -30.08 -27.55 -30.60
N THR D 444 -29.36 -26.74 -31.38
CA THR D 444 -27.92 -26.58 -31.23
C THR D 444 -27.60 -25.59 -30.09
N SER D 445 -26.67 -25.98 -29.23
CA SER D 445 -26.22 -25.12 -28.14
C SER D 445 -24.71 -25.10 -28.05
N LEU D 446 -24.19 -23.98 -27.57
CA LEU D 446 -22.79 -23.86 -27.20
C LEU D 446 -22.64 -24.17 -25.72
N THR D 447 -21.69 -25.05 -25.39
CA THR D 447 -21.39 -25.37 -24.00
C THR D 447 -19.89 -25.26 -23.74
N TRP D 448 -19.52 -24.81 -22.55
CA TRP D 448 -18.12 -24.75 -22.13
C TRP D 448 -17.97 -24.88 -20.62
N THR D 449 -16.85 -25.44 -20.19
CA THR D 449 -16.63 -25.76 -18.78
C THR D 449 -15.26 -25.30 -18.32
N PHE D 450 -15.24 -24.53 -17.24
CA PHE D 450 -14.01 -23.92 -16.77
C PHE D 450 -13.97 -23.83 -15.25
N LYS D 451 -12.76 -23.58 -14.75
CA LYS D 451 -12.50 -23.15 -13.39
C LYS D 451 -11.91 -21.75 -13.44
N SER D 452 -12.24 -20.91 -12.45
CA SER D 452 -11.67 -19.58 -12.36
C SER D 452 -11.17 -19.33 -10.94
N GLU D 453 -9.88 -19.05 -10.81
CA GLU D 453 -9.27 -18.90 -9.49
C GLU D 453 -9.54 -17.54 -8.82
N HIS D 454 -9.92 -16.56 -9.62
CA HIS D 454 -10.16 -15.20 -9.12
C HIS D 454 -11.59 -14.72 -9.37
N ASP D 455 -12.30 -15.70 -9.51
CA ASP D 455 -13.75 -15.48 -9.65
C ASP D 455 -14.23 -14.81 -10.95
N ASN D 456 -13.50 -14.45 -11.84
CA ASN D 456 -13.89 -13.91 -13.14
C ASN D 456 -14.74 -14.93 -13.89
N ASP D 457 -15.80 -14.47 -14.56
CA ASP D 457 -16.56 -15.34 -15.44
C ASP D 457 -15.82 -15.49 -16.76
N LEU D 458 -16.13 -16.55 -17.50
CA LEU D 458 -15.55 -16.76 -18.82
C LEU D 458 -16.67 -16.77 -19.86
N ASN D 459 -16.64 -15.76 -20.73
CA ASN D 459 -17.60 -15.66 -21.82
C ASN D 459 -17.16 -16.48 -23.02
N VAL D 460 -18.13 -16.92 -23.83
CA VAL D 460 -17.81 -17.62 -25.07
C VAL D 460 -17.87 -16.63 -26.23
N GLY D 461 -17.06 -16.90 -27.25
CA GLY D 461 -17.10 -16.14 -28.49
C GLY D 461 -17.36 -17.06 -29.66
N PHE D 462 -18.20 -16.61 -30.57
CA PHE D 462 -18.43 -17.33 -31.81
C PHE D 462 -18.52 -16.37 -32.99
N ARG D 463 -17.99 -16.80 -34.12
CA ARG D 463 -17.97 -15.99 -35.32
C ARG D 463 -18.87 -16.62 -36.35
N LEU D 464 -19.65 -15.78 -37.04
CA LEU D 464 -20.58 -16.26 -38.05
C LEU D 464 -20.05 -15.95 -39.44
N ASP D 465 -20.33 -16.80 -40.37
CA ASP D 465 -19.91 -16.66 -41.72
C ASP D 465 -20.52 -15.44 -42.33
N GLY D 466 -19.71 -14.70 -43.02
CA GLY D 466 -20.08 -13.45 -43.62
C GLY D 466 -19.81 -12.31 -42.69
N GLU D 467 -19.26 -12.57 -41.51
CA GLU D 467 -18.90 -11.54 -40.54
C GLU D 467 -17.43 -11.74 -40.15
N GLU D 468 -16.67 -10.66 -39.93
CA GLU D 468 -15.24 -10.84 -39.63
C GLU D 468 -14.92 -10.66 -38.15
N ASP D 469 -15.93 -10.31 -37.36
CA ASP D 469 -15.77 -10.11 -35.92
C ASP D 469 -16.48 -11.21 -35.11
N PHE D 470 -15.88 -11.58 -33.99
CA PHE D 470 -16.47 -12.56 -33.08
C PHE D 470 -17.55 -11.95 -32.21
N ARG D 471 -18.59 -12.72 -31.95
CA ARG D 471 -19.66 -12.32 -31.03
C ARG D 471 -19.40 -12.91 -29.65
N TYR D 472 -19.14 -12.05 -28.68
CA TYR D 472 -18.85 -12.48 -27.32
C TYR D 472 -20.08 -12.29 -26.43
N VAL D 473 -20.50 -13.38 -25.78
CA VAL D 473 -21.72 -13.36 -24.96
C VAL D 473 -21.55 -14.17 -23.67
N GLU D 474 -22.31 -13.82 -22.65
CA GLU D 474 -22.39 -14.64 -21.45
C GLU D 474 -23.33 -15.82 -21.72
N GLY D 475 -23.09 -16.93 -21.03
CA GLY D 475 -23.95 -18.10 -21.14
C GLY D 475 -25.31 -17.87 -20.50
N GLU D 476 -26.27 -18.72 -20.83
CA GLU D 476 -27.64 -18.58 -20.33
C GLU D 476 -27.86 -19.42 -19.06
N GLN D 477 -27.50 -20.70 -19.15
CA GLN D 477 -27.72 -21.62 -18.04
C GLN D 477 -26.39 -22.09 -17.44
N ARG D 478 -26.26 -21.94 -16.13
CA ARG D 478 -25.04 -22.29 -15.40
C ARG D 478 -25.25 -23.54 -14.54
N GLU D 479 -24.30 -24.47 -14.59
CA GLU D 479 -24.29 -25.65 -13.72
C GLU D 479 -22.92 -25.81 -13.04
N SER D 480 -22.94 -26.26 -11.79
CA SER D 480 -21.71 -26.52 -11.06
C SER D 480 -21.44 -28.01 -10.97
N ILE D 481 -20.31 -28.39 -11.53
CA ILE D 481 -19.87 -29.76 -11.59
C ILE D 481 -18.47 -29.92 -10.97
N ASN D 482 -18.46 -30.45 -9.77
CA ASN D 482 -17.26 -30.71 -8.99
C ASN D 482 -16.27 -29.56 -8.92
N GLY D 483 -16.75 -28.35 -8.77
CA GLY D 483 -15.91 -27.18 -8.73
C GLY D 483 -15.70 -26.51 -10.08
N TRP D 484 -16.21 -27.12 -11.11
CA TRP D 484 -16.15 -26.54 -12.44
C TRP D 484 -17.49 -25.89 -12.76
N THR D 485 -17.44 -24.83 -13.56
CA THR D 485 -18.64 -24.15 -14.00
C THR D 485 -18.92 -24.51 -15.45
N GLN D 486 -20.13 -24.97 -15.73
CA GLN D 486 -20.53 -25.29 -17.09
C GLN D 486 -21.67 -24.36 -17.55
N TRP D 487 -21.37 -23.56 -18.56
CA TRP D 487 -22.37 -22.71 -19.18
C TRP D 487 -22.99 -23.37 -20.40
N THR D 488 -24.28 -23.10 -20.63
CA THR D 488 -24.96 -23.49 -21.85
C THR D 488 -25.54 -22.26 -22.54
N LEU D 489 -25.36 -22.19 -23.85
CA LEU D 489 -25.90 -21.11 -24.65
C LEU D 489 -26.65 -21.65 -25.88
N PRO D 490 -27.99 -21.68 -25.81
CA PRO D 490 -28.83 -22.05 -26.95
C PRO D 490 -28.55 -21.15 -28.16
N LEU D 491 -28.44 -21.76 -29.34
CA LEU D 491 -28.11 -21.04 -30.56
C LEU D 491 -29.24 -21.05 -31.59
N ASP D 492 -30.47 -21.33 -31.15
CA ASP D 492 -31.64 -21.43 -32.03
C ASP D 492 -31.89 -20.16 -32.86
N ALA D 493 -31.49 -19.01 -32.33
CA ALA D 493 -31.67 -17.72 -33.01
C ALA D 493 -30.84 -17.62 -34.29
N PHE D 494 -29.75 -18.39 -34.36
CA PHE D 494 -28.85 -18.36 -35.51
C PHE D 494 -29.01 -19.60 -36.38
N ALA D 495 -30.13 -20.31 -36.23
CA ALA D 495 -30.42 -21.48 -37.06
C ALA D 495 -30.42 -21.06 -38.54
N GLY D 496 -29.70 -21.81 -39.36
CA GLY D 496 -29.54 -21.45 -40.77
C GLY D 496 -28.23 -20.73 -41.04
N GLN D 497 -27.52 -20.39 -39.96
CA GLN D 497 -26.21 -19.76 -40.04
C GLN D 497 -25.11 -20.80 -39.84
N THR D 498 -23.87 -20.40 -40.11
CA THR D 498 -22.71 -21.26 -39.95
C THR D 498 -21.67 -20.57 -39.05
N ILE D 499 -21.28 -21.25 -37.98
CA ILE D 499 -20.20 -20.78 -37.10
C ILE D 499 -18.86 -21.04 -37.79
N THR D 500 -18.03 -19.99 -37.85
CA THR D 500 -16.73 -20.08 -38.53
C THR D 500 -15.56 -19.87 -37.57
N GLY D 501 -15.85 -19.53 -36.33
CA GLY D 501 -14.82 -19.35 -35.32
C GLY D 501 -15.34 -19.54 -33.91
N LEU D 502 -14.46 -20.02 -33.04
CA LEU D 502 -14.76 -20.17 -31.62
C LEU D 502 -13.66 -19.52 -30.79
N ALA D 503 -14.08 -18.89 -29.68
CA ALA D 503 -13.20 -18.06 -28.85
C ALA D 503 -13.74 -17.96 -27.43
N PHE D 504 -12.90 -17.46 -26.52
CA PHE D 504 -13.34 -17.05 -25.18
C PHE D 504 -13.02 -15.57 -24.91
N ALA D 505 -13.68 -15.01 -23.90
CA ALA D 505 -13.39 -13.64 -23.44
C ALA D 505 -13.58 -13.51 -21.94
N ALA D 506 -12.90 -12.53 -21.35
CA ALA D 506 -12.96 -12.27 -19.93
C ALA D 506 -12.79 -10.78 -19.62
N GLU D 507 -13.09 -10.26 -18.42
CA GLU D 507 -13.02 -8.91 -17.88
C GLU D 507 -12.38 -8.96 -16.49
N GLY D 508 -11.39 -8.16 -16.36
CA GLY D 508 -10.65 -8.07 -15.09
C GLY D 508 -11.51 -7.60 -13.95
N ASN D 509 -11.22 -8.10 -12.76
CA ASN D 509 -11.88 -7.64 -11.54
C ASN D 509 -10.90 -7.00 -10.55
N GLU D 510 -11.39 -6.57 -9.40
CA GLU D 510 -10.59 -5.87 -8.38
C GLU D 510 -9.28 -6.58 -8.06
N THR D 511 -9.29 -7.91 -8.14
CA THR D 511 -8.11 -8.77 -8.00
C THR D 511 -6.95 -8.35 -8.92
N GLY D 512 -7.28 -7.97 -10.15
CA GLY D 512 -6.26 -7.57 -11.14
C GLY D 512 -5.59 -8.76 -11.80
N LEU D 513 -6.03 -9.96 -11.43
CA LEU D 513 -5.45 -11.22 -11.91
C LEU D 513 -6.52 -12.10 -12.55
N ALA D 514 -6.08 -12.94 -13.50
CA ALA D 514 -6.96 -13.94 -14.10
C ALA D 514 -6.21 -15.27 -14.21
N GLU D 515 -6.90 -16.35 -13.87
CA GLU D 515 -6.37 -17.70 -14.02
C GLU D 515 -7.52 -18.66 -14.36
N PHE D 516 -7.67 -18.96 -15.65
CA PHE D 516 -8.72 -19.87 -16.12
C PHE D 516 -8.15 -21.23 -16.50
N TYR D 517 -8.93 -22.27 -16.19
CA TYR D 517 -8.72 -23.60 -16.74
C TYR D 517 -10.01 -24.00 -17.44
N THR D 518 -9.92 -24.27 -18.73
CA THR D 518 -11.09 -24.67 -19.49
C THR D 518 -10.94 -26.11 -19.95
N GLY D 519 -11.91 -26.94 -19.58
CA GLY D 519 -11.81 -28.38 -19.76
C GLY D 519 -12.79 -28.99 -20.75
N GLN D 520 -13.64 -28.15 -21.28
CA GLN D 520 -14.46 -28.51 -22.40
C GLN D 520 -15.12 -27.41 -23.14
N LEU D 521 -15.37 -27.69 -24.39
CA LEU D 521 -16.01 -26.74 -25.28
C LEU D 521 -16.75 -27.57 -26.31
N ALA D 522 -17.99 -27.19 -26.61
CA ALA D 522 -18.80 -27.97 -27.56
C ALA D 522 -19.89 -27.17 -28.27
N VAL D 523 -20.15 -27.55 -29.52
CA VAL D 523 -21.29 -27.03 -30.29
C VAL D 523 -22.14 -28.22 -30.72
N GLY D 524 -23.40 -28.24 -30.27
CA GLY D 524 -24.33 -29.29 -30.67
C GLY D 524 -25.40 -29.59 -29.65
N ALA D 525 -25.69 -30.88 -29.49
CA ALA D 525 -26.62 -31.42 -28.49
C ALA D 525 -26.22 -32.88 -28.25
N ASP D 526 -27.15 -33.71 -27.78
CA ASP D 526 -26.98 -35.16 -27.85
C ASP D 526 -28.03 -35.78 -28.78
N LYS D 529 -28.04 -41.08 -24.96
CA LYS D 529 -27.09 -41.89 -24.23
C LYS D 529 -26.94 -43.28 -24.84
N PRO D 530 -25.70 -43.68 -25.07
CA PRO D 530 -25.43 -44.94 -25.72
C PRO D 530 -25.82 -46.13 -24.85
N ALA D 531 -26.05 -47.29 -25.46
CA ALA D 531 -26.40 -48.51 -24.75
C ALA D 531 -25.18 -49.08 -24.03
N ALA D 532 -25.40 -49.74 -22.90
CA ALA D 532 -24.36 -50.49 -22.22
C ALA D 532 -23.74 -51.48 -23.20
N PRO D 533 -22.40 -51.57 -23.25
CA PRO D 533 -21.73 -52.41 -24.24
C PRO D 533 -21.86 -53.90 -23.91
N ASN D 534 -21.98 -54.73 -24.94
CA ASN D 534 -21.94 -56.17 -24.73
C ASN D 534 -20.49 -56.61 -24.67
N VAL D 535 -19.97 -56.71 -23.45
CA VAL D 535 -18.55 -56.98 -23.21
C VAL D 535 -18.30 -58.45 -22.87
N ASN D 536 -17.34 -59.06 -23.57
CA ASN D 536 -16.96 -60.46 -23.33
C ASN D 536 -15.56 -60.60 -22.74
N VAL D 537 -15.48 -61.02 -21.48
CA VAL D 537 -14.22 -61.36 -20.84
C VAL D 537 -13.57 -62.52 -21.61
N ARG D 538 -12.43 -62.24 -22.21
CA ARG D 538 -11.75 -63.14 -23.12
C ARG D 538 -10.24 -63.22 -22.97
N GLN D 539 -9.67 -64.27 -23.50
CA GLN D 539 -8.25 -64.54 -23.24
C GLN D 539 -7.31 -63.98 -24.30
N TYR D 540 -6.20 -63.41 -23.81
CA TYR D 540 -5.05 -63.06 -24.63
C TYR D 540 -3.92 -63.96 -24.16
N GLY D 546 -3.71 -60.88 -18.09
CA GLY D 546 -3.55 -61.63 -19.30
C GLY D 546 -4.92 -61.77 -19.92
N ILE D 547 -5.68 -60.69 -19.93
CA ILE D 547 -7.05 -60.69 -20.40
C ILE D 547 -7.40 -59.73 -21.52
N GLN D 548 -8.47 -59.98 -22.20
CA GLN D 548 -8.91 -59.18 -23.31
C GLN D 548 -10.40 -58.98 -23.24
N LEU D 549 -10.84 -57.74 -23.24
CA LEU D 549 -12.26 -57.39 -23.23
C LEU D 549 -12.65 -56.98 -24.65
N VAL D 550 -13.76 -57.53 -25.15
CA VAL D 550 -14.22 -57.25 -26.51
C VAL D 550 -15.72 -56.90 -26.46
N TRP D 551 -16.16 -55.87 -27.19
CA TRP D 551 -17.52 -55.36 -27.01
C TRP D 551 -18.36 -55.09 -28.26
N GLU D 552 -17.71 -54.79 -29.38
CA GLU D 552 -18.39 -54.31 -30.60
C GLU D 552 -19.17 -53.02 -30.33
N ASN D 556 -21.11 -43.82 -32.96
CA ASN D 556 -21.86 -43.14 -31.91
C ASN D 556 -21.04 -43.00 -30.62
N VAL D 557 -20.06 -43.88 -30.44
CA VAL D 557 -19.26 -43.91 -29.22
C VAL D 557 -17.86 -43.36 -29.50
N HIS D 558 -17.43 -42.42 -28.66
CA HIS D 558 -16.11 -41.82 -28.77
C HIS D 558 -15.02 -42.78 -28.28
N HIS D 559 -15.19 -43.26 -27.04
CA HIS D 559 -14.25 -44.19 -26.42
C HIS D 559 -14.91 -44.95 -25.26
N TYR D 560 -14.22 -45.99 -24.78
CA TYR D 560 -14.68 -46.81 -23.67
C TYR D 560 -13.77 -46.64 -22.46
N ARG D 561 -14.37 -46.67 -21.27
CA ARG D 561 -13.63 -46.58 -20.01
C ARG D 561 -13.86 -47.83 -19.15
N VAL D 562 -12.77 -48.35 -18.60
CA VAL D 562 -12.84 -49.53 -17.74
C VAL D 562 -12.47 -49.14 -16.31
N TYR D 563 -13.48 -49.09 -15.46
CA TYR D 563 -13.29 -48.82 -14.04
C TYR D 563 -13.15 -50.08 -13.22
N LYS D 564 -12.46 -49.97 -12.10
CA LYS D 564 -12.27 -51.07 -11.17
C LYS D 564 -12.79 -50.64 -9.80
N GLU D 565 -13.60 -51.48 -9.18
CA GLU D 565 -14.07 -51.23 -7.83
C GLU D 565 -12.95 -51.46 -6.82
N THR D 566 -12.70 -50.47 -5.98
CA THR D 566 -11.72 -50.57 -4.90
C THR D 566 -12.33 -50.08 -3.58
N LYS D 570 -14.24 -45.90 -7.23
CA LYS D 570 -13.96 -46.50 -8.52
C LYS D 570 -12.61 -45.99 -9.05
N GLU D 571 -11.90 -46.83 -9.77
CA GLU D 571 -10.65 -46.45 -10.34
C GLU D 571 -10.58 -46.76 -11.82
N LEU D 572 -10.20 -45.79 -12.63
CA LEU D 572 -10.02 -45.99 -14.06
C LEU D 572 -8.73 -46.79 -14.30
N ILE D 573 -8.87 -47.92 -14.98
CA ILE D 573 -7.71 -48.78 -15.27
C ILE D 573 -7.48 -48.95 -16.77
N GLY D 574 -8.36 -48.40 -17.60
CA GLY D 574 -8.20 -48.52 -19.03
C GLY D 574 -9.13 -47.67 -19.87
N THR D 575 -8.65 -47.28 -21.05
CA THR D 575 -9.45 -46.55 -22.04
C THR D 575 -9.21 -47.18 -23.41
N SER D 576 -10.22 -47.13 -24.27
CA SER D 576 -10.09 -47.69 -25.62
C SER D 576 -10.98 -46.99 -26.64
N ALA D 577 -10.42 -46.71 -27.81
CA ALA D 577 -11.20 -46.19 -28.94
C ALA D 577 -11.49 -47.26 -30.01
N GLY D 578 -11.13 -48.51 -29.70
CA GLY D 578 -11.37 -49.63 -30.60
C GLY D 578 -12.50 -50.52 -30.13
N ASP D 579 -12.40 -51.82 -30.44
CA ASP D 579 -13.43 -52.78 -30.06
C ASP D 579 -13.00 -53.66 -28.90
N ARG D 580 -11.84 -53.36 -28.33
CA ARG D 580 -11.26 -54.19 -27.27
C ARG D 580 -10.20 -53.48 -26.45
N ILE D 581 -9.86 -54.09 -25.32
CA ILE D 581 -8.71 -53.68 -24.51
C ILE D 581 -8.08 -54.90 -23.85
N TYR D 582 -6.75 -54.88 -23.77
CA TYR D 582 -6.01 -55.86 -22.98
C TYR D 582 -5.77 -55.29 -21.59
N ILE D 583 -6.08 -56.01 -20.57
CA ILE D 583 -5.75 -55.69 -19.19
C ILE D 583 -5.00 -56.86 -18.54
N ARG D 596 -14.32 -56.95 -9.93
CA ARG D 596 -15.56 -56.29 -10.31
C ARG D 596 -15.32 -55.09 -11.20
N LEU D 597 -15.52 -55.27 -12.49
CA LEU D 597 -15.22 -54.24 -13.50
C LEU D 597 -16.47 -53.56 -14.04
N HIS D 598 -16.35 -52.26 -14.31
CA HIS D 598 -17.42 -51.50 -14.95
C HIS D 598 -16.94 -50.86 -16.25
N ILE D 599 -17.60 -51.23 -17.35
CA ILE D 599 -17.24 -50.74 -18.68
C ILE D 599 -18.35 -49.84 -19.21
N GLU D 600 -17.99 -48.61 -19.57
CA GLU D 600 -18.96 -47.68 -20.12
C GLU D 600 -18.55 -47.16 -21.48
N ALA D 601 -19.55 -46.91 -22.32
CA ALA D 601 -19.35 -46.25 -23.60
C ALA D 601 -19.68 -44.78 -23.43
N LEU D 602 -18.78 -43.91 -23.89
CA LEU D 602 -19.05 -42.48 -23.91
C LEU D 602 -19.33 -42.05 -25.34
N SER D 603 -20.42 -41.31 -25.53
CA SER D 603 -20.81 -40.82 -26.84
C SER D 603 -19.85 -39.72 -27.31
N GLU D 604 -20.08 -39.20 -28.51
CA GLU D 604 -19.30 -38.08 -29.04
C GLU D 604 -19.46 -36.83 -28.17
N THR D 605 -20.64 -36.71 -27.56
CA THR D 605 -20.96 -35.61 -26.65
C THR D 605 -20.45 -35.89 -25.24
N PHE D 606 -19.88 -37.08 -25.04
CA PHE D 606 -19.33 -37.50 -23.75
C PHE D 606 -20.41 -37.80 -22.71
N VAL D 607 -21.58 -38.23 -23.19
CA VAL D 607 -22.61 -38.81 -22.32
C VAL D 607 -22.26 -40.29 -22.08
N PRO D 608 -22.13 -40.70 -20.81
CA PRO D 608 -21.78 -42.08 -20.53
C PRO D 608 -22.99 -42.99 -20.55
N SER D 609 -22.77 -44.23 -21.00
CA SER D 609 -23.79 -45.26 -20.93
C SER D 609 -23.88 -45.77 -19.50
N ASP D 610 -24.87 -46.57 -19.20
CA ASP D 610 -24.89 -47.33 -17.99
C ASP D 610 -23.74 -48.32 -18.05
N ALA D 611 -23.07 -48.52 -16.95
CA ALA D 611 -21.86 -49.35 -16.90
C ALA D 611 -22.18 -50.84 -16.94
N ARG D 612 -21.60 -51.55 -17.90
CA ARG D 612 -21.68 -53.00 -17.93
C ARG D 612 -20.81 -53.56 -16.83
N MET D 613 -21.44 -54.22 -15.86
CA MET D 613 -20.73 -54.89 -14.78
C MET D 613 -20.19 -56.23 -15.27
N ILE D 614 -18.97 -56.55 -14.86
CA ILE D 614 -18.32 -57.82 -15.22
C ILE D 614 -17.38 -58.29 -14.10
N ASP D 615 -17.28 -59.60 -13.93
CA ASP D 615 -16.54 -60.17 -12.80
C ASP D 615 -15.25 -60.92 -13.15
CA CA E . 14.87 -38.71 -19.39
P PO4 F . 12.82 -57.31 0.74
O1 PO4 F . 14.23 -56.90 0.38
O2 PO4 F . 12.82 -57.77 2.19
O3 PO4 F . 11.89 -56.12 0.62
O4 PO4 F . 12.34 -58.41 -0.17
C1 GOL G . -9.20 31.56 15.18
C1 GOL G . -5.98 30.60 15.18
O1 GOL G . -9.22 30.41 16.00
O1 GOL G . -6.34 29.83 16.31
C2 GOL G . -8.30 32.65 15.77
C2 GOL G . -6.04 32.09 15.48
O2 GOL G . -9.00 33.41 16.72
O2 GOL G . -7.24 32.64 14.97
C3 GOL G . -7.05 32.03 16.40
C3 GOL G . -4.85 32.78 14.81
O3 GOL G . -5.90 32.42 15.69
O3 GOL G . -4.90 34.17 14.97
CA CA H . -5.89 37.89 24.58
MG MG I . 12.15 55.10 13.13
CA CA J . -6.04 38.40 7.24
C1 GOL K . 7.75 -33.83 -14.13
C1 GOL K . 6.48 -34.14 -17.56
O1 GOL K . 7.14 -34.25 -12.92
O1 GOL K . 7.43 -34.76 -18.38
C2 GOL K . 7.07 -32.60 -14.68
C2 GOL K . 7.00 -32.82 -17.02
O2 GOL K . 6.48 -32.92 -15.92
O2 GOL K . 7.27 -32.95 -15.64
C3 GOL K . 8.11 -31.49 -14.87
C3 GOL K . 5.96 -31.73 -17.24
O3 GOL K . 7.46 -30.25 -14.70
O3 GOL K . 6.60 -30.58 -17.77
CA CA L . -0.14 -38.41 -10.72
#